data_6XJS
#
_entry.id   6XJS
#
_cell.length_a   106.044
_cell.length_b   106.044
_cell.length_c   305.622
_cell.angle_alpha   90.000
_cell.angle_beta   90.000
_cell.angle_gamma   90.000
#
_symmetry.space_group_name_H-M   'P 43 21 2'
#
loop_
_entity.id
_entity.type
_entity.pdbx_description
1 polymer 'GTP-binding nuclear protein Ran'
2 polymer 'Ran-specific GTPase-activating protein 1'
3 polymer Exportin-1
4 non-polymer 'PHOSPHOAMINOPHOSPHONIC ACID-GUANYLATE ESTER'
5 non-polymer 'MAGNESIUM ION'
6 non-polymer GLYCEROL
7 non-polymer 'selinexor, bound form'
8 water water
#
loop_
_entity_poly.entity_id
_entity_poly.type
_entity_poly.pdbx_seq_one_letter_code
_entity_poly.pdbx_strand_id
1 'polypeptide(L)'
;MAAQGEPQVQFKLVLVGDGGTGKTTFVKRHLTGEFEKKYVATLGVEVHPLVFHTNRGPIKFNVWDTAGQEKFGGLRDGYY
IQAQCAIIMFDVTSRVTYKNVPNWHRDLVRVCENIPIVLCGNKVDIKDRKVKAKSIVFHRKKNLQYYDISAKSNYNFEKP
FLWLARKLIGDPNLEFVAMPALAPPEVVMDPALAAQYEHDLEVAQTTALPDEDDDL
;
A
2 'polypeptide(L)'
;DIHFEPVVHLEKVDVKTMEEDEEVLYKVRAKLFRFDADAKEWKERGTGDCKFLKNKKTNKVRILMRRDKTLKICANHIIA
PEYTLKPNVGSDRSWVYACTADIAEGEAEAFTFAIRFGSKENADKFKEEFEKAQEINKKA
;
B
3 'polypeptide(L)'
;GGSMEGILDFSNDLDIALLDQVVSTFYQGSGVQQKQAQEILTKFQDNPDAWQKADQILQFSTNPQSKFIALSILDKLITR
KWKLLPNDHRIGIRNFVVGMIISMCQDDEVFKTQKNLINKSDLTLVQILKQEWPQNWPEFIPELIGSSSSSVNVCENNMI
VLKLLSEEVFDFSAEQMTQAKALHLKNSMSKEFEQIFKLCFQVLEQGSSSSLIVATLESLLRYLHWIPYRYIYETNILEL
LSTKFMTSPDTRAITLKCLTEVSNLKIPQDNDLIKRQTVLFFQNTLQQIATSVMPVTADLKATYANANGNDQSFLQDLAM
FLTTYLARNRALLESDESLRELLLNAHQYLIQLSKIEERELFKTTLDYWHNLVADLFYEPLKKHIYEEICSQLRLVIIEN
MVRPEEVLVVENDEGEIVREFVKESDTIQLYKSEREVLVYLTHLNVIDTEEIMISKLARQIDGSEWSWHNINTLSWAIGS
ISGTMSEDTEKRFVVTVIKDLLGLCEQKRGKDNKAVVASDIMYVVGQYPRFLKAHWNFLRTVILKLFKFMHETHEGVQDM
ACDTFIKIVQKCKYHFVIQQPRESEPFIQTIIRDIQKTTADLQPQQVHTFYKACGIIISEERSVAERNRLLSDLMQLPNM
AWDTIVEQSTANPTLLLDSETVKIIANIIKTNVAVCTSMGADFYPQLGHIYYNMLQLYRAVSSMISAQVAAEGLIATKTP
KVRGLRTIKKEILKLVETYISKARNLDDVVKVLVEPLLNAVLEDYMNNVPDARDAEVLNCMTTVVEKVGHMIPQGVILIL
QSVFECTLDMINKDFTEYPEHRVEFYKLLKVINEKSFAAFLELPPAAFKLFVDAICWAFKHNNRDVEVNGLQIALDLVKN
IERMGNVPFANEFHKNYFFIFVSETFFVLTDSDHKSGFSKQALLLMKLISLVYDNKISVPLYQEAEVPQGTSNQVYLSQY
LANMLSNAFPHLTSEQIASFLSALTKQCKDLVVFKGTLRDFLVQIKEVGGDPTDYLFAEDKENA
;
C
#
loop_
_chem_comp.id
_chem_comp.type
_chem_comp.name
_chem_comp.formula
GNP non-polymer 'PHOSPHOAMINOPHOSPHONIC ACID-GUANYLATE ESTER' 'C10 H17 N6 O13 P3'
GOL non-polymer GLYCEROL 'C3 H8 O3'
MG non-polymer 'MAGNESIUM ION' 'Mg 2'
V6A non-polymer 'selinexor, bound form' 'C17 H13 F6 N7 O'
#
# COMPACT_ATOMS: atom_id res chain seq x y z
N VAL A 9 2.35 -20.28 -25.78
CA VAL A 9 2.95 -19.03 -25.34
C VAL A 9 2.60 -18.78 -23.88
N GLN A 10 3.23 -19.53 -22.97
CA GLN A 10 2.96 -19.42 -21.55
C GLN A 10 4.24 -19.13 -20.78
N PHE A 11 4.08 -18.39 -19.69
CA PHE A 11 5.21 -17.94 -18.87
C PHE A 11 4.91 -18.21 -17.41
N LYS A 12 5.92 -18.69 -16.69
CA LYS A 12 5.79 -18.93 -15.25
C LYS A 12 6.01 -17.63 -14.50
N LEU A 13 5.03 -17.25 -13.68
CA LEU A 13 5.08 -16.04 -12.88
C LEU A 13 5.01 -16.44 -11.42
N VAL A 14 5.99 -16.01 -10.63
CA VAL A 14 6.00 -16.24 -9.19
C VAL A 14 5.61 -14.95 -8.48
N LEU A 15 4.76 -15.08 -7.47
CA LEU A 15 4.22 -13.96 -6.72
C LEU A 15 4.61 -14.15 -5.27
N VAL A 16 5.35 -13.18 -4.73
CA VAL A 16 5.92 -13.29 -3.39
C VAL A 16 5.64 -12.00 -2.61
N GLY A 17 5.75 -12.10 -1.30
CA GLY A 17 5.52 -10.98 -0.42
C GLY A 17 4.98 -11.43 0.91
N ASP A 18 5.10 -10.55 1.91
CA ASP A 18 4.68 -10.88 3.27
C ASP A 18 3.25 -11.42 3.29
N GLY A 19 2.96 -12.23 4.30
CA GLY A 19 1.61 -12.73 4.46
C GLY A 19 0.63 -11.58 4.68
N GLY A 20 -0.54 -11.71 4.06
CA GLY A 20 -1.59 -10.73 4.24
C GLY A 20 -1.51 -9.52 3.33
N THR A 21 -0.55 -9.48 2.41
CA THR A 21 -0.39 -8.32 1.54
C THR A 21 -1.41 -8.28 0.41
N GLY A 22 -2.12 -9.37 0.15
CA GLY A 22 -3.14 -9.41 -0.87
C GLY A 22 -2.80 -10.19 -2.14
N LYS A 23 -1.78 -11.04 -2.09
CA LYS A 23 -1.34 -11.78 -3.28
C LYS A 23 -2.46 -12.66 -3.82
N THR A 24 -3.05 -13.50 -2.97
CA THR A 24 -4.07 -14.43 -3.42
C THR A 24 -5.35 -13.69 -3.84
N THR A 25 -5.71 -12.64 -3.09
CA THR A 25 -6.86 -11.82 -3.47
C THR A 25 -6.65 -11.18 -4.84
N PHE A 26 -5.44 -10.70 -5.10
CA PHE A 26 -5.12 -10.08 -6.38
C PHE A 26 -5.27 -11.08 -7.52
N VAL A 27 -4.74 -12.29 -7.35
CA VAL A 27 -4.85 -13.31 -8.38
C VAL A 27 -6.30 -13.70 -8.59
N LYS A 28 -7.04 -13.95 -7.51
CA LYS A 28 -8.42 -14.39 -7.63
C LYS A 28 -9.25 -13.34 -8.35
N ARG A 29 -8.99 -12.06 -8.06
CA ARG A 29 -9.67 -10.99 -8.79
C ARG A 29 -9.45 -11.13 -10.29
N HIS A 30 -8.23 -11.44 -10.71
CA HIS A 30 -7.95 -11.62 -12.13
C HIS A 30 -8.52 -12.93 -12.66
N LEU A 31 -8.56 -13.97 -11.82
CA LEU A 31 -9.06 -15.26 -12.27
C LEU A 31 -10.56 -15.23 -12.51
N THR A 32 -11.33 -14.78 -11.50
CA THR A 32 -12.77 -14.91 -11.51
C THR A 32 -13.51 -13.60 -11.45
N GLY A 33 -12.84 -12.50 -11.13
CA GLY A 33 -13.49 -11.21 -10.93
C GLY A 33 -13.97 -10.95 -9.52
N GLU A 34 -13.86 -11.93 -8.61
CA GLU A 34 -14.36 -11.78 -7.26
C GLU A 34 -13.34 -11.04 -6.38
N PHE A 35 -13.83 -10.49 -5.27
CA PHE A 35 -12.97 -9.95 -4.23
C PHE A 35 -13.22 -10.74 -2.95
N GLU A 36 -12.21 -11.50 -2.52
CA GLU A 36 -12.31 -12.33 -1.33
C GLU A 36 -11.95 -11.48 -0.11
N LYS A 37 -12.93 -11.30 0.79
CA LYS A 37 -12.69 -10.51 2.00
C LYS A 37 -11.96 -11.31 3.07
N LYS A 38 -12.16 -12.62 3.12
CA LYS A 38 -11.54 -13.42 4.16
C LYS A 38 -10.06 -13.61 3.89
N TYR A 39 -9.28 -13.71 4.97
CA TYR A 39 -7.85 -14.02 4.87
C TYR A 39 -7.69 -15.50 5.23
N VAL A 40 -7.47 -16.32 4.21
CA VAL A 40 -7.09 -17.71 4.37
C VAL A 40 -5.67 -17.83 3.87
N ALA A 41 -4.73 -18.07 4.77
CA ALA A 41 -3.32 -18.08 4.41
C ALA A 41 -3.03 -19.19 3.41
N THR A 42 -2.26 -18.84 2.37
CA THR A 42 -1.84 -19.83 1.39
C THR A 42 -0.85 -20.79 2.02
N LEU A 43 -1.01 -22.08 1.71
CA LEU A 43 -0.17 -23.13 2.24
C LEU A 43 0.80 -23.56 1.15
N GLY A 44 2.03 -23.06 1.22
CA GLY A 44 3.04 -23.36 0.23
C GLY A 44 2.88 -22.55 -1.04
N VAL A 45 2.15 -23.08 -2.01
CA VAL A 45 1.91 -22.40 -3.27
C VAL A 45 0.59 -22.89 -3.86
N GLU A 46 -0.10 -22.00 -4.57
CA GLU A 46 -1.24 -22.35 -5.40
C GLU A 46 -0.95 -21.92 -6.82
N VAL A 47 -1.11 -22.85 -7.77
CA VAL A 47 -0.82 -22.61 -9.18
C VAL A 47 -2.13 -22.45 -9.92
N HIS A 48 -2.26 -21.35 -10.67
N HIS A 48 -2.25 -21.38 -10.70
CA HIS A 48 -3.45 -21.07 -11.46
CA HIS A 48 -3.48 -21.15 -11.46
C HIS A 48 -2.99 -20.59 -12.84
C HIS A 48 -3.17 -20.49 -12.80
N PRO A 49 -3.57 -21.11 -13.92
CA PRO A 49 -3.32 -20.48 -15.23
C PRO A 49 -4.18 -19.24 -15.40
N LEU A 50 -3.60 -18.26 -16.11
CA LEU A 50 -4.23 -16.97 -16.29
C LEU A 50 -3.89 -16.48 -17.68
N VAL A 51 -4.90 -16.26 -18.50
CA VAL A 51 -4.71 -15.89 -19.91
C VAL A 51 -5.22 -14.49 -20.13
N PHE A 52 -4.46 -13.71 -20.89
CA PHE A 52 -4.88 -12.40 -21.37
C PHE A 52 -4.88 -12.40 -22.89
N HIS A 53 -5.82 -11.68 -23.48
CA HIS A 53 -5.89 -11.54 -24.92
C HIS A 53 -5.29 -10.18 -25.31
N THR A 54 -4.29 -10.22 -26.18
CA THR A 54 -3.54 -9.04 -26.58
C THR A 54 -3.62 -8.85 -28.08
N ASN A 55 -3.17 -7.68 -28.54
CA ASN A 55 -3.07 -7.45 -29.98
C ASN A 55 -1.95 -8.23 -30.62
N ARG A 56 -1.16 -8.97 -29.83
CA ARG A 56 -0.13 -9.87 -30.35
C ARG A 56 -0.49 -11.33 -30.10
N GLY A 57 -1.75 -11.61 -29.78
CA GLY A 57 -2.19 -12.95 -29.52
C GLY A 57 -2.45 -13.18 -28.03
N PRO A 58 -2.84 -14.39 -27.68
CA PRO A 58 -3.03 -14.71 -26.26
C PRO A 58 -1.70 -14.96 -25.55
N ILE A 59 -1.60 -14.44 -24.33
CA ILE A 59 -0.47 -14.72 -23.46
C ILE A 59 -1.01 -15.41 -22.21
N LYS A 60 -0.37 -16.50 -21.82
CA LYS A 60 -0.80 -17.29 -20.67
C LYS A 60 0.24 -17.20 -19.58
N PHE A 61 -0.20 -16.81 -18.38
CA PHE A 61 0.66 -16.81 -17.20
C PHE A 61 0.31 -18.02 -16.35
N ASN A 62 1.31 -18.82 -16.00
CA ASN A 62 1.18 -19.84 -14.97
C ASN A 62 1.58 -19.20 -13.65
N VAL A 63 0.58 -18.76 -12.88
CA VAL A 63 0.83 -17.93 -11.71
C VAL A 63 1.06 -18.84 -10.52
N TRP A 64 2.28 -18.77 -9.98
CA TRP A 64 2.66 -19.50 -8.77
C TRP A 64 2.52 -18.54 -7.59
N ASP A 65 1.39 -18.63 -6.89
CA ASP A 65 1.05 -17.74 -5.78
C ASP A 65 1.57 -18.37 -4.50
N THR A 66 2.69 -17.87 -4.00
CA THR A 66 3.38 -18.51 -2.88
C THR A 66 2.91 -17.95 -1.54
N ALA A 67 3.21 -18.70 -0.49
CA ALA A 67 2.83 -18.32 0.86
C ALA A 67 3.82 -17.30 1.41
N GLY A 68 3.30 -16.28 2.09
CA GLY A 68 4.12 -15.25 2.69
C GLY A 68 4.42 -15.51 4.15
N GLN A 69 3.58 -16.28 4.82
N GLN A 69 3.55 -16.27 4.82
CA GLN A 69 3.79 -16.59 6.23
CA GLN A 69 3.78 -16.61 6.21
C GLN A 69 4.88 -17.66 6.34
C GLN A 69 4.90 -17.64 6.31
N GLU A 70 5.88 -17.38 7.18
CA GLU A 70 7.02 -18.28 7.31
C GLU A 70 6.59 -19.68 7.70
N LYS A 71 5.62 -19.80 8.60
CA LYS A 71 5.17 -21.13 9.04
C LYS A 71 4.45 -21.90 7.95
N PHE A 72 4.08 -21.25 6.85
CA PHE A 72 3.42 -21.92 5.72
C PHE A 72 4.25 -21.82 4.45
N GLY A 73 5.55 -21.53 4.56
CA GLY A 73 6.37 -21.23 3.40
C GLY A 73 6.62 -22.40 2.48
N GLY A 74 6.41 -23.62 2.94
CA GLY A 74 6.60 -24.78 2.09
C GLY A 74 8.01 -24.85 1.54
N LEU A 75 8.11 -25.06 0.21
CA LEU A 75 9.41 -25.20 -0.43
C LEU A 75 10.18 -23.89 -0.53
N ARG A 76 9.56 -22.76 -0.21
CA ARG A 76 10.22 -21.46 -0.16
C ARG A 76 10.81 -21.16 -1.54
N ASP A 77 12.12 -20.96 -1.68
CA ASP A 77 12.69 -20.57 -2.96
C ASP A 77 12.63 -21.68 -4.00
N GLY A 78 12.35 -22.92 -3.59
CA GLY A 78 12.11 -23.97 -4.56
C GLY A 78 11.01 -23.63 -5.55
N TYR A 79 10.08 -22.74 -5.16
CA TYR A 79 9.01 -22.35 -6.07
C TYR A 79 9.51 -21.46 -7.19
N TYR A 80 10.66 -20.80 -7.02
CA TYR A 80 11.12 -19.82 -7.98
C TYR A 80 11.84 -20.43 -9.17
N ILE A 81 12.18 -21.72 -9.09
CA ILE A 81 12.97 -22.35 -10.15
C ILE A 81 12.26 -22.18 -11.49
N GLN A 82 12.99 -21.67 -12.47
CA GLN A 82 12.53 -21.55 -13.85
C GLN A 82 11.39 -20.54 -14.01
N ALA A 83 11.16 -19.67 -13.02
CA ALA A 83 10.25 -18.57 -13.24
C ALA A 83 10.77 -17.67 -14.34
N GLN A 84 9.85 -17.08 -15.10
CA GLN A 84 10.20 -16.16 -16.17
C GLN A 84 9.82 -14.72 -15.86
N CYS A 85 9.13 -14.48 -14.75
CA CYS A 85 8.76 -13.14 -14.32
C CYS A 85 8.26 -13.27 -12.90
N ALA A 86 8.05 -12.12 -12.24
CA ALA A 86 7.62 -12.16 -10.86
C ALA A 86 6.95 -10.86 -10.47
N ILE A 87 6.11 -10.95 -9.44
CA ILE A 87 5.53 -9.80 -8.76
C ILE A 87 5.94 -9.89 -7.29
N ILE A 88 6.51 -8.81 -6.76
CA ILE A 88 6.75 -8.67 -5.33
C ILE A 88 5.67 -7.75 -4.77
N MET A 89 4.96 -8.22 -3.76
CA MET A 89 3.82 -7.51 -3.21
C MET A 89 4.12 -7.02 -1.81
N PHE A 90 3.67 -5.81 -1.49
CA PHE A 90 3.63 -5.35 -0.11
C PHE A 90 2.35 -4.55 0.09
N ASP A 91 2.13 -4.12 1.33
CA ASP A 91 0.89 -3.49 1.76
C ASP A 91 1.22 -2.09 2.26
N VAL A 92 0.69 -1.07 1.57
CA VAL A 92 1.04 0.30 1.92
C VAL A 92 0.51 0.72 3.28
N THR A 93 -0.31 -0.12 3.91
CA THR A 93 -0.77 0.15 5.27
C THR A 93 0.05 -0.59 6.32
N SER A 94 1.12 -1.27 5.92
CA SER A 94 1.96 -2.03 6.85
C SER A 94 3.42 -1.80 6.48
N ARG A 95 4.08 -0.91 7.22
CA ARG A 95 5.47 -0.58 6.91
C ARG A 95 6.38 -1.80 6.95
N VAL A 96 6.11 -2.75 7.83
CA VAL A 96 6.97 -3.93 7.93
C VAL A 96 6.99 -4.69 6.62
N THR A 97 5.89 -4.68 5.87
CA THR A 97 5.87 -5.44 4.62
C THR A 97 6.75 -4.79 3.55
N TYR A 98 6.88 -3.46 3.57
CA TYR A 98 7.82 -2.82 2.66
C TYR A 98 9.26 -3.04 3.13
N LYS A 99 9.50 -3.02 4.44
CA LYS A 99 10.84 -3.27 4.94
C LYS A 99 11.34 -4.66 4.58
N ASN A 100 10.43 -5.61 4.35
CA ASN A 100 10.82 -6.98 3.96
C ASN A 100 10.95 -7.16 2.46
N VAL A 101 10.59 -6.14 1.66
CA VAL A 101 10.72 -6.26 0.21
C VAL A 101 12.14 -6.62 -0.19
N PRO A 102 13.19 -6.02 0.38
CA PRO A 102 14.56 -6.43 -0.01
C PRO A 102 14.88 -7.86 0.31
N ASN A 103 14.21 -8.45 1.31
CA ASN A 103 14.46 -9.86 1.64
C ASN A 103 13.83 -10.78 0.60
N TRP A 104 12.57 -10.51 0.24
CA TRP A 104 11.93 -11.29 -0.82
C TRP A 104 12.70 -11.15 -2.13
N HIS A 105 13.10 -9.93 -2.48
CA HIS A 105 13.85 -9.71 -3.71
C HIS A 105 15.16 -10.47 -3.70
N ARG A 106 15.89 -10.43 -2.59
CA ARG A 106 17.13 -11.18 -2.46
C ARG A 106 16.92 -12.66 -2.79
N ASP A 107 15.97 -13.30 -2.10
CA ASP A 107 15.76 -14.72 -2.30
C ASP A 107 15.31 -15.02 -3.73
N LEU A 108 14.57 -14.10 -4.34
CA LEU A 108 14.04 -14.33 -5.68
C LEU A 108 15.14 -14.25 -6.73
N VAL A 109 15.96 -13.20 -6.70
CA VAL A 109 16.96 -13.02 -7.75
C VAL A 109 18.14 -13.95 -7.60
N ARG A 110 18.33 -14.55 -6.43
CA ARG A 110 19.36 -15.58 -6.30
C ARG A 110 18.99 -16.81 -7.11
N VAL A 111 17.71 -17.08 -7.30
CA VAL A 111 17.28 -18.18 -8.16
C VAL A 111 17.04 -17.69 -9.59
N CYS A 112 16.42 -16.54 -9.75
CA CYS A 112 16.04 -16.00 -11.06
C CYS A 112 16.86 -14.73 -11.29
N GLU A 113 18.00 -14.89 -11.97
CA GLU A 113 19.00 -13.83 -12.03
C GLU A 113 18.67 -12.73 -13.02
N ASN A 114 17.81 -13.00 -14.01
CA ASN A 114 17.55 -12.01 -15.06
C ASN A 114 16.11 -12.16 -15.56
N ILE A 115 15.15 -11.73 -14.75
CA ILE A 115 13.75 -11.80 -15.14
C ILE A 115 13.09 -10.44 -14.90
N PRO A 116 12.03 -10.09 -15.62
CA PRO A 116 11.29 -8.87 -15.29
C PRO A 116 10.51 -9.06 -13.99
N ILE A 117 10.53 -8.03 -13.16
CA ILE A 117 9.90 -8.08 -11.85
C ILE A 117 9.13 -6.78 -11.63
N VAL A 118 7.91 -6.90 -11.13
CA VAL A 118 7.08 -5.76 -10.77
C VAL A 118 6.98 -5.71 -9.25
N LEU A 119 7.18 -4.53 -8.69
CA LEU A 119 6.92 -4.26 -7.28
C LEU A 119 5.56 -3.60 -7.17
N CYS A 120 4.69 -4.16 -6.31
CA CYS A 120 3.32 -3.70 -6.18
C CYS A 120 3.04 -3.32 -4.73
N GLY A 121 2.62 -2.08 -4.51
CA GLY A 121 2.12 -1.66 -3.23
C GLY A 121 0.62 -1.73 -3.21
N ASN A 122 0.08 -2.70 -2.48
CA ASN A 122 -1.34 -3.01 -2.52
C ASN A 122 -2.08 -2.28 -1.41
N LYS A 123 -3.40 -2.21 -1.56
CA LYS A 123 -4.31 -1.70 -0.53
C LYS A 123 -4.29 -0.17 -0.47
N VAL A 124 -4.07 0.50 -1.60
CA VAL A 124 -4.11 1.95 -1.61
C VAL A 124 -5.52 2.49 -1.44
N ASP A 125 -6.52 1.61 -1.41
CA ASP A 125 -7.89 2.03 -1.13
C ASP A 125 -8.07 2.45 0.32
N ILE A 126 -7.24 1.95 1.23
N ILE A 126 -7.21 2.00 1.22
CA ILE A 126 -7.33 2.33 2.63
CA ILE A 126 -7.36 2.31 2.64
C ILE A 126 -6.94 3.80 2.78
C ILE A 126 -6.87 3.73 2.91
N LYS A 127 -7.69 4.51 3.63
CA LYS A 127 -7.41 5.93 3.83
C LYS A 127 -6.10 6.14 4.57
N ASP A 128 -5.90 5.42 5.67
CA ASP A 128 -4.73 5.63 6.52
C ASP A 128 -3.55 4.87 5.95
N ARG A 129 -2.95 5.45 4.91
CA ARG A 129 -1.77 4.89 4.29
C ARG A 129 -0.54 5.13 5.19
N LYS A 130 0.32 4.12 5.29
CA LYS A 130 1.50 4.19 6.14
C LYS A 130 2.81 4.23 5.39
N VAL A 131 2.92 3.56 4.25
CA VAL A 131 4.14 3.59 3.45
C VAL A 131 3.98 4.71 2.45
N LYS A 132 4.56 5.88 2.76
CA LYS A 132 4.39 7.05 1.91
C LYS A 132 5.00 6.82 0.54
N ALA A 133 4.35 7.38 -0.48
CA ALA A 133 4.84 7.26 -1.85
C ALA A 133 6.29 7.69 -1.94
N LYS A 134 6.65 8.78 -1.27
CA LYS A 134 7.99 9.34 -1.38
C LYS A 134 9.07 8.37 -0.91
N SER A 135 8.73 7.44 -0.02
CA SER A 135 9.73 6.53 0.53
C SER A 135 9.83 5.22 -0.24
N ILE A 136 9.03 5.02 -1.28
CA ILE A 136 9.06 3.79 -2.07
C ILE A 136 10.11 4.02 -3.16
N VAL A 137 11.33 3.53 -2.92
CA VAL A 137 12.45 3.74 -3.84
C VAL A 137 13.24 2.46 -4.11
N PHE A 138 12.90 1.34 -3.47
CA PHE A 138 13.73 0.14 -3.59
C PHE A 138 13.86 -0.31 -5.04
N HIS A 139 12.84 -0.08 -5.85
CA HIS A 139 12.81 -0.55 -7.23
C HIS A 139 13.83 0.14 -8.13
N ARG A 140 14.29 1.33 -7.77
CA ARG A 140 15.10 2.13 -8.69
C ARG A 140 16.41 1.44 -9.02
N LYS A 141 17.21 1.14 -7.99
CA LYS A 141 18.51 0.50 -8.22
C LYS A 141 18.36 -0.93 -8.72
N LYS A 142 17.22 -1.58 -8.48
CA LYS A 142 17.03 -2.97 -8.86
C LYS A 142 16.30 -3.14 -10.18
N ASN A 143 15.97 -2.06 -10.87
CA ASN A 143 15.34 -2.12 -12.18
C ASN A 143 13.98 -2.81 -12.13
N LEU A 144 13.26 -2.65 -11.02
CA LEU A 144 11.89 -3.15 -10.92
C LEU A 144 10.93 -2.06 -11.38
N GLN A 145 9.84 -2.49 -12.02
CA GLN A 145 8.71 -1.60 -12.25
C GLN A 145 7.90 -1.50 -10.97
N TYR A 146 7.31 -0.33 -10.71
CA TYR A 146 6.50 -0.15 -9.52
C TYR A 146 5.12 0.38 -9.87
N TYR A 147 4.11 -0.13 -9.16
CA TYR A 147 2.74 0.39 -9.25
C TYR A 147 2.08 0.39 -7.87
N ASP A 148 1.43 1.50 -7.55
CA ASP A 148 0.35 1.49 -6.57
C ASP A 148 -0.81 0.66 -7.13
N ILE A 149 -1.39 -0.23 -6.32
CA ILE A 149 -2.53 -1.02 -6.77
C ILE A 149 -3.50 -1.22 -5.61
N SER A 150 -4.73 -1.60 -5.96
CA SER A 150 -5.72 -2.05 -4.99
C SER A 150 -6.51 -3.19 -5.60
N ALA A 151 -6.38 -4.38 -5.03
CA ALA A 151 -7.23 -5.49 -5.45
C ALA A 151 -8.69 -5.24 -5.11
N LYS A 152 -8.96 -4.39 -4.11
CA LYS A 152 -10.34 -4.14 -3.70
C LYS A 152 -11.03 -3.14 -4.62
N SER A 153 -10.35 -2.06 -4.97
CA SER A 153 -10.92 -1.05 -5.86
C SER A 153 -10.54 -1.26 -7.31
N ASN A 154 -9.66 -2.20 -7.61
CA ASN A 154 -9.15 -2.48 -8.96
C ASN A 154 -8.22 -1.38 -9.47
N TYR A 155 -7.78 -0.47 -8.61
CA TYR A 155 -6.86 0.58 -9.04
C TYR A 155 -5.59 -0.04 -9.59
N ASN A 156 -5.27 0.27 -10.86
CA ASN A 156 -4.07 -0.19 -11.55
C ASN A 156 -3.95 -1.72 -11.57
N PHE A 157 -5.04 -2.45 -11.35
CA PHE A 157 -4.93 -3.89 -11.13
C PHE A 157 -4.40 -4.63 -12.35
N GLU A 158 -4.56 -4.07 -13.54
CA GLU A 158 -4.10 -4.73 -14.77
C GLU A 158 -2.66 -4.39 -15.13
N LYS A 159 -2.09 -3.36 -14.53
CA LYS A 159 -0.82 -2.80 -15.00
C LYS A 159 0.36 -3.75 -14.80
N PRO A 160 0.42 -4.51 -13.71
CA PRO A 160 1.54 -5.45 -13.58
C PRO A 160 1.58 -6.49 -14.69
N PHE A 161 0.42 -7.02 -15.09
CA PHE A 161 0.41 -8.03 -16.15
C PHE A 161 0.64 -7.41 -17.51
N LEU A 162 0.12 -6.20 -17.74
CA LEU A 162 0.38 -5.52 -19.01
C LEU A 162 1.88 -5.25 -19.18
N TRP A 163 2.53 -4.74 -18.14
CA TRP A 163 3.97 -4.49 -18.23
C TRP A 163 4.75 -5.78 -18.45
N LEU A 164 4.42 -6.82 -17.68
CA LEU A 164 5.12 -8.09 -17.84
C LEU A 164 4.92 -8.66 -19.23
N ALA A 165 3.69 -8.62 -19.74
CA ALA A 165 3.44 -9.12 -21.08
C ALA A 165 4.30 -8.38 -22.10
N ARG A 166 4.45 -7.06 -21.95
CA ARG A 166 5.25 -6.29 -22.89
C ARG A 166 6.71 -6.68 -22.83
N LYS A 167 7.23 -6.96 -21.62
CA LYS A 167 8.63 -7.34 -21.50
C LYS A 167 8.87 -8.75 -22.00
N LEU A 168 7.92 -9.65 -21.76
CA LEU A 168 8.11 -11.05 -22.15
C LEU A 168 7.93 -11.25 -23.65
N ILE A 169 6.93 -10.60 -24.24
CA ILE A 169 6.74 -10.68 -25.68
C ILE A 169 7.74 -9.83 -26.44
N GLY A 170 8.32 -8.81 -25.79
CA GLY A 170 9.27 -7.95 -26.46
C GLY A 170 8.66 -6.85 -27.30
N ASP A 171 7.41 -6.48 -27.04
CA ASP A 171 6.72 -5.46 -27.82
C ASP A 171 6.20 -4.38 -26.88
N PRO A 172 6.80 -3.19 -26.84
CA PRO A 172 6.31 -2.15 -25.93
C PRO A 172 4.94 -1.62 -26.30
N ASN A 173 4.46 -1.87 -27.51
CA ASN A 173 3.16 -1.38 -27.96
C ASN A 173 2.05 -2.39 -27.74
N LEU A 174 2.35 -3.51 -27.07
CA LEU A 174 1.33 -4.52 -26.79
C LEU A 174 0.24 -3.93 -25.91
N GLU A 175 -1.01 -4.29 -26.22
CA GLU A 175 -2.16 -3.82 -25.45
C GLU A 175 -3.15 -4.97 -25.31
N PHE A 176 -3.98 -4.88 -24.28
CA PHE A 176 -5.08 -5.83 -24.13
C PHE A 176 -6.18 -5.51 -25.13
N VAL A 177 -6.80 -6.55 -25.67
CA VAL A 177 -7.83 -6.40 -26.69
C VAL A 177 -9.07 -7.18 -26.27
N ALA A 178 -10.22 -6.75 -26.77
CA ALA A 178 -11.48 -7.40 -26.45
C ALA A 178 -11.53 -8.78 -27.07
N MET A 179 -11.73 -9.79 -26.23
CA MET A 179 -11.90 -11.15 -26.74
C MET A 179 -13.19 -11.24 -27.57
N PRO A 180 -13.19 -11.97 -28.68
CA PRO A 180 -14.42 -12.10 -29.47
C PRO A 180 -15.54 -12.75 -28.67
N ALA A 181 -16.78 -12.38 -29.01
CA ALA A 181 -17.96 -12.78 -28.26
C ALA A 181 -18.87 -13.63 -29.16
N LEU A 182 -18.76 -14.95 -29.03
CA LEU A 182 -19.58 -15.86 -29.81
C LEU A 182 -21.07 -15.63 -29.54
N ALA A 183 -21.89 -16.04 -30.50
CA ALA A 183 -23.33 -15.97 -30.31
C ALA A 183 -23.75 -16.92 -29.20
N PRO A 184 -24.53 -16.47 -28.22
CA PRO A 184 -24.93 -17.36 -27.13
C PRO A 184 -26.10 -18.24 -27.54
N PRO A 185 -26.21 -19.43 -26.97
CA PRO A 185 -27.27 -20.36 -27.37
C PRO A 185 -28.64 -19.89 -26.90
N GLU A 186 -29.66 -20.54 -27.48
CA GLU A 186 -31.07 -20.27 -27.16
C GLU A 186 -31.61 -21.51 -26.44
N VAL A 187 -31.46 -21.53 -25.12
CA VAL A 187 -31.85 -22.66 -24.30
C VAL A 187 -33.10 -22.28 -23.52
N VAL A 188 -34.11 -23.15 -23.57
CA VAL A 188 -35.31 -22.98 -22.77
C VAL A 188 -35.09 -23.64 -21.42
N MET A 189 -35.67 -23.04 -20.37
CA MET A 189 -35.48 -23.56 -19.03
C MET A 189 -36.05 -24.96 -18.91
N ASP A 190 -35.58 -25.69 -17.88
CA ASP A 190 -35.91 -27.10 -17.72
C ASP A 190 -37.16 -27.24 -16.85
N PRO A 191 -38.31 -27.65 -17.40
CA PRO A 191 -39.51 -27.80 -16.57
C PRO A 191 -39.44 -28.95 -15.56
N ALA A 192 -38.45 -29.84 -15.67
CA ALA A 192 -38.31 -30.91 -14.69
C ALA A 192 -37.77 -30.39 -13.37
N LEU A 193 -36.93 -29.35 -13.41
CA LEU A 193 -36.45 -28.68 -12.21
C LEU A 193 -36.95 -27.24 -12.11
N ALA A 194 -37.96 -26.88 -12.90
CA ALA A 194 -38.52 -25.54 -12.79
C ALA A 194 -39.07 -25.30 -11.39
N ALA A 195 -39.67 -26.31 -10.79
CA ALA A 195 -40.16 -26.20 -9.42
C ALA A 195 -39.03 -26.18 -8.39
N GLN A 196 -37.78 -26.32 -8.83
CA GLN A 196 -36.63 -26.34 -7.92
C GLN A 196 -35.87 -25.03 -7.88
N TYR A 197 -35.71 -24.34 -9.02
CA TYR A 197 -35.04 -23.05 -9.00
C TYR A 197 -35.89 -21.97 -8.36
N GLU A 198 -37.04 -22.35 -7.81
CA GLU A 198 -37.70 -21.53 -6.80
C GLU A 198 -36.85 -21.44 -5.54
N HIS A 199 -36.25 -22.57 -5.12
CA HIS A 199 -35.46 -22.60 -3.91
C HIS A 199 -34.13 -21.89 -4.11
N ASP A 200 -33.34 -22.36 -5.07
CA ASP A 200 -32.01 -21.78 -5.29
C ASP A 200 -32.09 -20.29 -5.58
N LEU A 201 -33.21 -19.82 -6.12
CA LEU A 201 -33.38 -18.40 -6.41
C LEU A 201 -33.87 -17.64 -5.18
N GLU A 202 -34.76 -18.23 -4.39
CA GLU A 202 -35.18 -17.60 -3.14
C GLU A 202 -34.00 -17.37 -2.23
N VAL A 203 -33.13 -18.38 -2.07
CA VAL A 203 -31.92 -18.22 -1.27
C VAL A 203 -31.11 -17.03 -1.77
N ALA A 204 -30.88 -16.97 -3.09
CA ALA A 204 -30.10 -15.88 -3.65
C ALA A 204 -30.81 -14.54 -3.49
N GLN A 205 -32.15 -14.55 -3.58
CA GLN A 205 -32.92 -13.32 -3.44
C GLN A 205 -32.80 -12.76 -2.03
N THR A 206 -32.73 -13.62 -1.02
CA THR A 206 -32.72 -13.20 0.37
C THR A 206 -31.32 -13.17 0.98
N THR A 207 -30.29 -13.35 0.16
CA THR A 207 -28.91 -13.18 0.61
C THR A 207 -28.42 -11.83 0.08
N ALA A 208 -28.14 -10.90 1.00
CA ALA A 208 -27.84 -9.54 0.60
C ALA A 208 -26.54 -9.47 -0.20
N LEU A 209 -26.52 -8.57 -1.18
CA LEU A 209 -25.32 -8.34 -1.95
C LEU A 209 -24.28 -7.62 -1.10
N PRO A 210 -22.99 -7.92 -1.26
CA PRO A 210 -21.96 -7.28 -0.43
C PRO A 210 -21.69 -5.85 -0.84
N ASP A 211 -21.25 -5.05 0.13
CA ASP A 211 -20.73 -3.71 -0.11
C ASP A 211 -21.79 -2.83 -0.79
N GLU A 212 -22.97 -2.76 -0.19
CA GLU A 212 -24.05 -1.98 -0.77
C GLU A 212 -23.80 -0.47 -0.68
N ASP A 213 -22.78 -0.04 0.07
CA ASP A 213 -22.42 1.37 0.16
C ASP A 213 -21.42 1.80 -0.90
N ASP A 214 -21.09 0.94 -1.86
CA ASP A 214 -20.16 1.29 -2.90
C ASP A 214 -20.85 2.05 -4.03
N ASP A 215 -20.05 2.79 -4.81
CA ASP A 215 -20.61 3.55 -5.93
C ASP A 215 -21.28 2.64 -6.94
N LEU A 216 -20.87 1.37 -7.01
CA LEU A 216 -21.51 0.39 -7.87
C LEU A 216 -21.76 -0.91 -7.12
N THR B 17 -13.34 -9.74 -32.49
CA THR B 17 -14.20 -9.08 -31.51
C THR B 17 -15.63 -9.62 -31.60
N MET B 18 -16.09 -9.92 -32.82
CA MET B 18 -17.34 -10.65 -33.03
C MET B 18 -18.56 -9.88 -32.48
N GLU B 19 -18.62 -8.57 -32.75
CA GLU B 19 -19.77 -7.78 -32.30
C GLU B 19 -20.20 -6.70 -33.30
N GLU B 20 -19.59 -6.62 -34.47
CA GLU B 20 -19.93 -5.54 -35.40
C GLU B 20 -21.16 -5.85 -36.23
N ASP B 21 -21.62 -7.11 -36.24
CA ASP B 21 -22.91 -7.46 -36.81
C ASP B 21 -24.07 -7.15 -35.88
N GLU B 22 -23.88 -6.29 -34.89
CA GLU B 22 -24.85 -6.09 -33.82
C GLU B 22 -25.03 -4.60 -33.55
N GLU B 23 -26.22 -4.25 -33.09
CA GLU B 23 -26.59 -2.89 -32.73
C GLU B 23 -26.74 -2.79 -31.22
N VAL B 24 -26.27 -1.69 -30.65
CA VAL B 24 -26.35 -1.44 -29.21
C VAL B 24 -27.70 -0.79 -28.93
N LEU B 25 -28.62 -1.56 -28.35
CA LEU B 25 -29.92 -1.01 -27.98
C LEU B 25 -29.85 -0.25 -26.66
N TYR B 26 -28.91 -0.59 -25.79
CA TYR B 26 -28.85 0.00 -24.47
C TYR B 26 -27.51 -0.32 -23.83
N LYS B 27 -26.96 0.64 -23.09
CA LYS B 27 -25.67 0.49 -22.44
C LYS B 27 -25.72 1.20 -21.09
N VAL B 28 -25.16 0.55 -20.07
CA VAL B 28 -25.16 1.10 -18.73
C VAL B 28 -24.01 0.49 -17.95
N ARG B 29 -23.39 1.30 -17.09
CA ARG B 29 -22.36 0.79 -16.19
C ARG B 29 -22.99 -0.05 -15.09
N ALA B 30 -22.38 -1.19 -14.78
CA ALA B 30 -22.97 -2.11 -13.83
C ALA B 30 -21.89 -2.98 -13.19
N LYS B 31 -22.26 -3.58 -12.06
CA LYS B 31 -21.45 -4.59 -11.39
C LYS B 31 -22.25 -5.88 -11.36
N LEU B 32 -21.65 -6.96 -11.85
CA LEU B 32 -22.34 -8.24 -11.98
C LEU B 32 -21.86 -9.21 -10.92
N PHE B 33 -22.81 -9.92 -10.32
N PHE B 33 -22.80 -9.92 -10.32
CA PHE B 33 -22.52 -10.93 -9.31
CA PHE B 33 -22.52 -10.94 -9.32
C PHE B 33 -23.05 -12.28 -9.77
C PHE B 33 -23.05 -12.29 -9.78
N ARG B 34 -22.45 -13.34 -9.22
N ARG B 34 -22.39 -13.35 -9.35
CA ARG B 34 -22.91 -14.70 -9.41
CA ARG B 34 -22.93 -14.70 -9.42
C ARG B 34 -23.04 -15.36 -8.06
C ARG B 34 -23.18 -15.19 -8.00
N PHE B 35 -24.12 -16.12 -7.86
CA PHE B 35 -24.43 -16.72 -6.57
C PHE B 35 -23.73 -18.06 -6.45
N ASP B 36 -22.89 -18.19 -5.42
CA ASP B 36 -22.23 -19.45 -5.09
C ASP B 36 -23.13 -20.16 -4.08
N ALA B 37 -24.00 -21.04 -4.57
CA ALA B 37 -24.97 -21.70 -3.70
C ALA B 37 -24.29 -22.53 -2.62
N ASP B 38 -23.12 -23.08 -2.91
CA ASP B 38 -22.41 -23.88 -1.91
C ASP B 38 -22.01 -23.02 -0.71
N ALA B 39 -21.33 -21.91 -0.96
CA ALA B 39 -20.89 -21.02 0.11
C ALA B 39 -21.99 -20.05 0.55
N LYS B 40 -23.15 -20.05 -0.11
CA LYS B 40 -24.27 -19.21 0.29
C LYS B 40 -23.90 -17.74 0.30
N GLU B 41 -23.06 -17.32 -0.64
CA GLU B 41 -22.63 -15.93 -0.73
C GLU B 41 -22.57 -15.49 -2.18
N TRP B 42 -22.81 -14.19 -2.39
CA TRP B 42 -22.65 -13.59 -3.70
C TRP B 42 -21.18 -13.28 -3.96
N LYS B 43 -20.75 -13.51 -5.20
CA LYS B 43 -19.37 -13.26 -5.59
C LYS B 43 -19.34 -12.38 -6.83
N GLU B 44 -18.55 -11.31 -6.76
CA GLU B 44 -18.40 -10.40 -7.88
C GLU B 44 -17.84 -11.13 -9.09
N ARG B 45 -18.43 -10.88 -10.25
CA ARG B 45 -17.94 -11.45 -11.51
C ARG B 45 -17.28 -10.43 -12.42
N GLY B 46 -17.65 -9.15 -12.31
CA GLY B 46 -17.05 -8.13 -13.12
C GLY B 46 -17.77 -6.81 -13.07
N THR B 47 -17.04 -5.72 -13.31
CA THR B 47 -17.60 -4.38 -13.37
C THR B 47 -17.24 -3.76 -14.71
N GLY B 48 -18.21 -3.12 -15.34
CA GLY B 48 -17.97 -2.49 -16.63
C GLY B 48 -19.28 -2.11 -17.30
N ASP B 49 -19.21 -1.97 -18.62
CA ASP B 49 -20.36 -1.56 -19.42
C ASP B 49 -21.20 -2.79 -19.78
N CYS B 50 -22.46 -2.77 -19.38
CA CYS B 50 -23.41 -3.80 -19.76
C CYS B 50 -24.17 -3.34 -21.00
N LYS B 51 -24.13 -4.14 -22.06
CA LYS B 51 -24.71 -3.77 -23.34
C LYS B 51 -25.77 -4.76 -23.76
N PHE B 52 -26.86 -4.24 -24.32
CA PHE B 52 -27.90 -5.05 -24.97
C PHE B 52 -27.65 -5.00 -26.47
N LEU B 53 -27.30 -6.13 -27.06
CA LEU B 53 -26.87 -6.20 -28.45
C LEU B 53 -27.90 -6.97 -29.27
N LYS B 54 -28.40 -6.34 -30.33
CA LYS B 54 -29.36 -6.95 -31.24
C LYS B 54 -28.63 -7.39 -32.51
N ASN B 55 -28.69 -8.68 -32.82
CA ASN B 55 -28.02 -9.22 -34.00
C ASN B 55 -28.76 -8.76 -35.26
N LYS B 56 -28.03 -8.10 -36.17
CA LYS B 56 -28.66 -7.55 -37.36
C LYS B 56 -29.23 -8.65 -38.25
N LYS B 57 -28.69 -9.86 -38.19
CA LYS B 57 -29.14 -10.94 -39.06
C LYS B 57 -30.28 -11.74 -38.46
N THR B 58 -30.21 -12.06 -37.16
CA THR B 58 -31.20 -12.91 -36.53
C THR B 58 -32.20 -12.15 -35.65
N ASN B 59 -31.95 -10.86 -35.39
CA ASN B 59 -32.81 -10.04 -34.56
C ASN B 59 -32.86 -10.50 -33.10
N LYS B 60 -31.97 -11.40 -32.69
CA LYS B 60 -31.92 -11.85 -31.31
C LYS B 60 -31.09 -10.89 -30.47
N VAL B 61 -31.61 -10.53 -29.30
CA VAL B 61 -30.96 -9.58 -28.40
C VAL B 61 -30.29 -10.34 -27.28
N ARG B 62 -29.04 -9.98 -26.97
CA ARG B 62 -28.28 -10.62 -25.91
C ARG B 62 -27.73 -9.57 -24.96
N ILE B 63 -27.38 -10.02 -23.77
CA ILE B 63 -26.57 -9.24 -22.84
C ILE B 63 -25.11 -9.57 -23.08
N LEU B 64 -24.29 -8.54 -23.24
CA LEU B 64 -22.84 -8.71 -23.32
C LEU B 64 -22.20 -7.68 -22.41
N MET B 65 -21.37 -8.15 -21.47
CA MET B 65 -20.72 -7.29 -20.50
C MET B 65 -19.24 -7.64 -20.44
N ARG B 66 -18.40 -6.61 -20.38
CA ARG B 66 -16.95 -6.77 -20.37
C ARG B 66 -16.36 -6.05 -19.17
N ARG B 67 -15.30 -6.63 -18.62
CA ARG B 67 -14.61 -6.02 -17.50
C ARG B 67 -13.85 -4.77 -17.96
N ASP B 68 -13.69 -3.83 -17.03
CA ASP B 68 -13.28 -2.47 -17.39
C ASP B 68 -11.99 -2.45 -18.20
N LYS B 69 -10.90 -2.97 -17.62
CA LYS B 69 -9.58 -2.75 -18.18
C LYS B 69 -9.05 -3.94 -18.96
N THR B 70 -9.31 -5.16 -18.48
CA THR B 70 -8.93 -6.35 -19.23
C THR B 70 -9.87 -6.61 -20.40
N LEU B 71 -11.07 -6.03 -20.39
CA LEU B 71 -12.06 -6.20 -21.45
C LEU B 71 -12.52 -7.64 -21.59
N LYS B 72 -12.35 -8.43 -20.54
CA LYS B 72 -12.76 -9.83 -20.57
C LYS B 72 -14.28 -9.94 -20.42
N ILE B 73 -14.86 -10.91 -21.12
CA ILE B 73 -16.30 -11.13 -21.08
C ILE B 73 -16.68 -11.72 -19.74
N CYS B 74 -17.63 -11.07 -19.05
CA CYS B 74 -18.19 -11.60 -17.81
C CYS B 74 -19.69 -11.90 -17.92
N ALA B 75 -20.31 -11.63 -19.07
CA ALA B 75 -21.70 -12.01 -19.30
C ALA B 75 -21.95 -12.08 -20.80
N ASN B 76 -22.53 -13.18 -21.25
CA ASN B 76 -22.83 -13.35 -22.68
C ASN B 76 -23.98 -14.37 -22.79
N HIS B 77 -25.21 -13.86 -22.93
CA HIS B 77 -26.35 -14.76 -22.98
C HIS B 77 -27.55 -14.02 -23.57
N ILE B 78 -28.44 -14.80 -24.19
CA ILE B 78 -29.68 -14.24 -24.71
C ILE B 78 -30.53 -13.71 -23.57
N ILE B 79 -31.23 -12.60 -23.81
CA ILE B 79 -32.20 -12.09 -22.87
C ILE B 79 -33.50 -12.88 -23.07
N ALA B 80 -33.53 -14.11 -22.57
CA ALA B 80 -34.63 -15.01 -22.86
C ALA B 80 -35.94 -14.45 -22.32
N PRO B 81 -37.06 -14.73 -22.98
CA PRO B 81 -38.36 -14.24 -22.46
C PRO B 81 -38.80 -14.93 -21.17
N GLU B 82 -38.24 -16.09 -20.84
CA GLU B 82 -38.64 -16.83 -19.65
C GLU B 82 -37.97 -16.30 -18.38
N TYR B 83 -37.05 -15.35 -18.50
CA TYR B 83 -36.37 -14.80 -17.33
C TYR B 83 -37.23 -13.70 -16.69
N THR B 84 -37.08 -13.56 -15.37
CA THR B 84 -37.78 -12.53 -14.62
C THR B 84 -36.81 -11.86 -13.65
N LEU B 85 -36.77 -10.54 -13.68
CA LEU B 85 -35.91 -9.79 -12.77
C LEU B 85 -36.58 -9.65 -11.41
N LYS B 86 -35.87 -10.04 -10.36
CA LYS B 86 -36.36 -10.00 -9.00
C LYS B 86 -35.50 -9.05 -8.16
N PRO B 87 -36.04 -8.50 -7.09
CA PRO B 87 -35.23 -7.67 -6.21
C PRO B 87 -34.38 -8.50 -5.25
N ASN B 88 -33.29 -7.90 -4.81
CA ASN B 88 -32.48 -8.46 -3.74
C ASN B 88 -32.86 -7.75 -2.43
N VAL B 89 -32.86 -8.52 -1.33
CA VAL B 89 -33.37 -7.96 -0.08
C VAL B 89 -32.53 -6.78 0.38
N GLY B 90 -31.26 -6.74 -0.02
CA GLY B 90 -30.36 -5.73 0.49
C GLY B 90 -30.20 -4.49 -0.36
N SER B 91 -30.94 -4.36 -1.46
CA SER B 91 -30.67 -3.30 -2.41
C SER B 91 -31.95 -2.87 -3.10
N ASP B 92 -32.06 -1.57 -3.36
CA ASP B 92 -33.09 -1.01 -4.22
C ASP B 92 -32.57 -0.63 -5.60
N ARG B 93 -31.35 -1.05 -5.94
CA ARG B 93 -30.71 -0.69 -7.20
C ARG B 93 -30.06 -1.91 -7.85
N SER B 94 -30.64 -3.09 -7.65
CA SER B 94 -30.10 -4.33 -8.20
C SER B 94 -31.26 -5.23 -8.63
N TRP B 95 -30.92 -6.20 -9.47
CA TRP B 95 -31.88 -7.22 -9.90
C TRP B 95 -31.22 -8.58 -9.83
N VAL B 96 -32.00 -9.59 -9.46
CA VAL B 96 -31.57 -10.97 -9.45
C VAL B 96 -32.37 -11.73 -10.50
N TYR B 97 -31.74 -12.68 -11.18
CA TYR B 97 -32.47 -13.52 -12.11
C TYR B 97 -31.62 -14.72 -12.48
N ALA B 98 -32.30 -15.82 -12.81
CA ALA B 98 -31.65 -17.08 -13.15
C ALA B 98 -31.39 -17.14 -14.64
N CYS B 99 -30.17 -17.54 -15.01
CA CYS B 99 -29.76 -17.68 -16.40
C CYS B 99 -29.32 -19.12 -16.63
N THR B 100 -29.77 -19.70 -17.74
CA THR B 100 -29.54 -21.12 -17.99
C THR B 100 -28.42 -21.37 -18.98
N ALA B 101 -28.01 -20.38 -19.77
CA ALA B 101 -27.00 -20.61 -20.81
C ALA B 101 -26.17 -19.34 -20.99
N ASP B 102 -25.13 -19.21 -20.18
CA ASP B 102 -24.18 -18.11 -20.28
C ASP B 102 -22.83 -18.67 -20.72
N ILE B 103 -22.24 -18.05 -21.74
CA ILE B 103 -21.01 -18.56 -22.34
C ILE B 103 -19.86 -17.59 -22.14
N ALA B 104 -19.88 -16.84 -21.03
CA ALA B 104 -18.78 -15.94 -20.74
C ALA B 104 -17.52 -16.71 -20.40
N GLU B 105 -17.65 -17.81 -19.66
CA GLU B 105 -16.52 -18.64 -19.27
C GLU B 105 -16.30 -19.81 -20.20
N GLY B 106 -16.96 -19.84 -21.37
CA GLY B 106 -16.79 -20.91 -22.32
C GLY B 106 -18.03 -21.77 -22.51
N GLU B 107 -18.06 -22.91 -21.82
CA GLU B 107 -19.19 -23.82 -21.95
C GLU B 107 -20.43 -23.23 -21.31
N ALA B 108 -21.56 -23.34 -22.01
CA ALA B 108 -22.81 -22.75 -21.55
C ALA B 108 -23.21 -23.28 -20.18
N GLU B 109 -22.91 -22.51 -19.14
CA GLU B 109 -23.29 -22.85 -17.78
C GLU B 109 -24.58 -22.15 -17.39
N ALA B 110 -25.19 -22.66 -16.32
CA ALA B 110 -26.34 -22.01 -15.70
C ALA B 110 -25.85 -21.20 -14.50
N PHE B 111 -26.43 -20.01 -14.33
CA PHE B 111 -26.03 -19.11 -13.27
C PHE B 111 -27.25 -18.40 -12.69
N THR B 112 -27.15 -18.07 -11.41
CA THR B 112 -28.03 -17.10 -10.78
C THR B 112 -27.25 -15.80 -10.69
N PHE B 113 -27.68 -14.80 -11.45
CA PHE B 113 -26.97 -13.53 -11.54
C PHE B 113 -27.66 -12.47 -10.69
N ALA B 114 -26.86 -11.54 -10.18
CA ALA B 114 -27.34 -10.27 -9.67
C ALA B 114 -26.52 -9.17 -10.31
N ILE B 115 -27.19 -8.10 -10.70
CA ILE B 115 -26.54 -6.97 -11.35
C ILE B 115 -26.96 -5.70 -10.61
N ARG B 116 -25.98 -4.90 -10.23
CA ARG B 116 -26.21 -3.69 -9.46
C ARG B 116 -25.75 -2.48 -10.26
N PHE B 117 -26.46 -1.37 -10.07
CA PHE B 117 -26.24 -0.15 -10.84
C PHE B 117 -25.94 1.00 -9.90
N GLY B 118 -25.52 2.13 -10.49
CA GLY B 118 -25.15 3.29 -9.70
C GLY B 118 -26.30 3.97 -9.00
N SER B 119 -27.52 3.75 -9.46
CA SER B 119 -28.68 4.43 -8.90
C SER B 119 -29.92 3.59 -9.14
N LYS B 120 -30.95 3.84 -8.34
CA LYS B 120 -32.22 3.16 -8.55
C LYS B 120 -32.81 3.49 -9.90
N GLU B 121 -32.59 4.72 -10.40
CA GLU B 121 -33.12 5.08 -11.71
C GLU B 121 -32.45 4.25 -12.81
N ASN B 122 -31.15 3.98 -12.67
CA ASN B 122 -30.48 3.08 -13.61
C ASN B 122 -31.08 1.70 -13.55
N ALA B 123 -31.26 1.14 -12.36
CA ALA B 123 -31.81 -0.20 -12.23
C ALA B 123 -33.20 -0.29 -12.83
N ASP B 124 -34.03 0.74 -12.64
CA ASP B 124 -35.38 0.71 -13.19
C ASP B 124 -35.35 0.83 -14.71
N LYS B 125 -34.54 1.75 -15.25
CA LYS B 125 -34.37 1.83 -16.70
C LYS B 125 -33.91 0.50 -17.26
N PHE B 126 -32.96 -0.15 -16.58
CA PHE B 126 -32.47 -1.45 -17.03
C PHE B 126 -33.60 -2.46 -17.15
N LYS B 127 -34.48 -2.51 -16.14
CA LYS B 127 -35.58 -3.45 -16.17
C LYS B 127 -36.52 -3.16 -17.34
N GLU B 128 -36.79 -1.88 -17.60
CA GLU B 128 -37.60 -1.51 -18.76
C GLU B 128 -36.98 -2.04 -20.04
N GLU B 129 -35.69 -1.76 -20.25
CA GLU B 129 -35.03 -2.22 -21.47
C GLU B 129 -34.91 -3.73 -21.51
N PHE B 130 -34.67 -4.36 -20.35
CA PHE B 130 -34.61 -5.82 -20.29
C PHE B 130 -35.91 -6.44 -20.77
N GLU B 131 -37.04 -5.85 -20.38
CA GLU B 131 -38.33 -6.40 -20.76
C GLU B 131 -38.65 -6.11 -22.22
N LYS B 132 -38.30 -4.91 -22.70
CA LYS B 132 -38.46 -4.62 -24.12
C LYS B 132 -37.69 -5.63 -24.97
N ALA B 133 -36.44 -5.89 -24.59
CA ALA B 133 -35.63 -6.88 -25.32
C ALA B 133 -36.31 -8.24 -25.32
N GLN B 134 -36.95 -8.62 -24.20
CA GLN B 134 -37.65 -9.89 -24.15
C GLN B 134 -38.75 -9.96 -25.20
N GLU B 135 -39.44 -8.83 -25.43
CA GLU B 135 -40.46 -8.80 -26.47
C GLU B 135 -39.83 -9.03 -27.84
N ILE B 136 -38.68 -8.41 -28.11
CA ILE B 136 -38.03 -8.56 -29.40
C ILE B 136 -37.61 -10.01 -29.61
N ASN B 137 -37.01 -10.62 -28.59
CA ASN B 137 -36.68 -12.04 -28.67
C ASN B 137 -37.93 -12.91 -28.75
N LYS B 138 -39.10 -12.36 -28.42
CA LYS B 138 -40.36 -13.06 -28.56
C LYS B 138 -40.86 -12.95 -30.01
N LYS B 139 -40.03 -13.44 -30.92
CA LYS B 139 -40.30 -13.34 -32.36
C LYS B 139 -39.37 -14.25 -33.15
N GLY C 2 -1.41 -40.72 -6.78
CA GLY C 2 -1.30 -42.22 -6.73
C GLY C 2 -0.43 -42.69 -5.58
N SER C 3 0.61 -43.46 -5.91
CA SER C 3 1.56 -43.92 -4.92
C SER C 3 2.74 -42.96 -4.74
N MET C 4 2.54 -41.69 -5.07
CA MET C 4 3.59 -40.70 -4.85
C MET C 4 3.95 -40.59 -3.38
N GLU C 5 3.02 -40.93 -2.49
CA GLU C 5 3.25 -40.80 -1.05
C GLU C 5 4.27 -41.80 -0.53
N GLY C 6 4.65 -42.80 -1.32
CA GLY C 6 5.61 -43.80 -0.84
C GLY C 6 6.87 -43.18 -0.30
N ILE C 7 7.35 -42.10 -0.93
CA ILE C 7 8.59 -41.48 -0.49
C ILE C 7 8.48 -40.88 0.91
N LEU C 8 7.26 -40.70 1.42
CA LEU C 8 7.08 -40.20 2.77
C LEU C 8 7.37 -41.27 3.83
N ASP C 9 7.47 -42.53 3.45
CA ASP C 9 7.80 -43.60 4.38
C ASP C 9 9.32 -43.76 4.43
N PHE C 10 9.88 -43.73 5.63
CA PHE C 10 11.32 -43.81 5.83
C PHE C 10 11.77 -45.16 6.37
N SER C 11 10.83 -46.09 6.61
CA SER C 11 11.21 -47.44 7.01
C SER C 11 12.19 -48.04 6.02
N ASN C 12 11.81 -48.04 4.74
CA ASN C 12 12.64 -48.57 3.67
C ASN C 12 13.69 -47.52 3.28
N ASP C 13 14.43 -47.81 2.21
CA ASP C 13 15.32 -46.84 1.61
C ASP C 13 14.54 -45.96 0.64
N LEU C 14 15.14 -44.82 0.29
CA LEU C 14 14.45 -43.85 -0.55
C LEU C 14 14.53 -44.25 -2.01
N ASP C 15 13.37 -44.30 -2.67
CA ASP C 15 13.30 -44.57 -4.10
C ASP C 15 13.59 -43.28 -4.84
N ILE C 16 14.85 -43.10 -5.24
CA ILE C 16 15.26 -41.85 -5.89
C ILE C 16 14.44 -41.62 -7.16
N ALA C 17 14.23 -42.67 -7.95
CA ALA C 17 13.48 -42.51 -9.19
C ALA C 17 12.06 -42.05 -8.91
N LEU C 18 11.44 -42.57 -7.85
CA LEU C 18 10.11 -42.11 -7.47
C LEU C 18 10.15 -40.65 -7.06
N LEU C 19 11.12 -40.27 -6.24
CA LEU C 19 11.29 -38.88 -5.85
C LEU C 19 11.37 -37.98 -7.09
N ASP C 20 12.22 -38.33 -8.05
CA ASP C 20 12.37 -37.53 -9.26
C ASP C 20 11.06 -37.41 -10.02
N GLN C 21 10.20 -38.43 -9.94
CA GLN C 21 8.91 -38.35 -10.62
C GLN C 21 7.97 -37.38 -9.90
N VAL C 22 7.98 -37.40 -8.57
CA VAL C 22 7.17 -36.46 -7.80
C VAL C 22 7.60 -35.03 -8.10
N VAL C 23 8.92 -34.80 -8.15
CA VAL C 23 9.44 -33.47 -8.43
C VAL C 23 9.01 -33.01 -9.81
N SER C 24 9.22 -33.86 -10.82
CA SER C 24 8.84 -33.50 -12.18
C SER C 24 7.33 -33.28 -12.28
N THR C 25 6.55 -34.10 -11.57
CA THR C 25 5.10 -33.88 -11.53
C THR C 25 4.78 -32.49 -10.99
N PHE C 26 5.54 -32.03 -9.99
CA PHE C 26 5.24 -30.73 -9.38
C PHE C 26 5.61 -29.59 -10.31
N TYR C 27 6.84 -29.61 -10.83
CA TYR C 27 7.32 -28.48 -11.63
C TYR C 27 6.74 -28.51 -13.04
N GLN C 28 6.75 -29.67 -13.70
CA GLN C 28 6.34 -29.78 -15.09
C GLN C 28 4.88 -30.20 -15.26
N GLY C 29 4.20 -30.55 -14.18
CA GLY C 29 2.83 -31.06 -14.25
C GLY C 29 1.81 -29.95 -14.20
N SER C 30 0.60 -30.32 -13.80
CA SER C 30 -0.52 -29.38 -13.74
C SER C 30 -1.67 -30.04 -13.01
N GLY C 31 -2.66 -29.22 -12.66
CA GLY C 31 -3.92 -29.74 -12.13
C GLY C 31 -3.76 -30.37 -10.76
N VAL C 32 -4.39 -31.54 -10.60
CA VAL C 32 -4.46 -32.19 -9.29
C VAL C 32 -3.16 -32.92 -8.98
N GLN C 33 -2.57 -33.59 -9.98
CA GLN C 33 -1.30 -34.26 -9.78
C GLN C 33 -0.26 -33.29 -9.24
N GLN C 34 -0.13 -32.12 -9.87
CA GLN C 34 0.77 -31.10 -9.37
C GLN C 34 0.44 -30.75 -7.92
N LYS C 35 -0.83 -30.52 -7.63
CA LYS C 35 -1.21 -30.13 -6.27
C LYS C 35 -0.86 -31.22 -5.26
N GLN C 36 -1.09 -32.48 -5.61
CA GLN C 36 -0.75 -33.58 -4.71
C GLN C 36 0.76 -33.70 -4.56
N ALA C 37 1.50 -33.64 -5.67
CA ALA C 37 2.96 -33.69 -5.59
C ALA C 37 3.49 -32.57 -4.70
N GLN C 38 2.91 -31.38 -4.82
CA GLN C 38 3.33 -30.25 -3.99
C GLN C 38 3.23 -30.59 -2.51
N GLU C 39 2.07 -31.08 -2.08
CA GLU C 39 1.90 -31.42 -0.67
C GLU C 39 2.88 -32.50 -0.23
N ILE C 40 3.08 -33.52 -1.07
CA ILE C 40 4.03 -34.59 -0.74
C ILE C 40 5.42 -34.01 -0.54
N LEU C 41 5.88 -33.19 -1.49
CA LEU C 41 7.23 -32.63 -1.40
C LEU C 41 7.39 -31.79 -0.14
N THR C 42 6.38 -30.99 0.21
N THR C 42 6.39 -30.97 0.19
CA THR C 42 6.46 -30.19 1.42
CA THR C 42 6.44 -30.19 1.42
C THR C 42 6.56 -31.07 2.66
C THR C 42 6.59 -31.10 2.63
N LYS C 43 5.73 -32.10 2.74
CA LYS C 43 5.84 -33.05 3.85
C LYS C 43 7.21 -33.71 3.87
N PHE C 44 7.71 -34.12 2.70
CA PHE C 44 9.04 -34.70 2.64
C PHE C 44 10.08 -33.73 3.17
N GLN C 45 10.07 -32.49 2.66
CA GLN C 45 11.06 -31.50 3.09
C GLN C 45 10.97 -31.25 4.59
N ASP C 46 9.77 -31.24 5.14
CA ASP C 46 9.57 -30.90 6.54
C ASP C 46 9.86 -32.05 7.50
N ASN C 47 10.23 -33.22 7.00
CA ASN C 47 10.55 -34.34 7.89
C ASN C 47 11.87 -34.07 8.60
N PRO C 48 11.92 -34.08 9.94
CA PRO C 48 13.17 -33.73 10.63
C PRO C 48 14.35 -34.64 10.29
N ASP C 49 14.11 -35.77 9.62
CA ASP C 49 15.18 -36.68 9.23
C ASP C 49 15.47 -36.65 7.73
N ALA C 50 14.77 -35.82 6.96
CA ALA C 50 14.96 -35.80 5.52
C ALA C 50 16.39 -35.44 5.14
N TRP C 51 17.10 -34.71 6.00
CA TRP C 51 18.47 -34.30 5.67
C TRP C 51 19.39 -35.50 5.51
N GLN C 52 19.11 -36.59 6.23
CA GLN C 52 19.95 -37.78 6.10
C GLN C 52 19.85 -38.38 4.70
N LYS C 53 18.74 -38.14 4.01
CA LYS C 53 18.58 -38.56 2.62
C LYS C 53 19.23 -37.60 1.63
N ALA C 54 19.76 -36.48 2.10
CA ALA C 54 20.18 -35.43 1.17
C ALA C 54 21.30 -35.91 0.26
N ASP C 55 22.35 -36.51 0.85
CA ASP C 55 23.54 -36.81 0.06
C ASP C 55 23.28 -37.91 -0.96
N GLN C 56 22.42 -38.89 -0.63
CA GLN C 56 22.09 -39.91 -1.62
C GLN C 56 21.19 -39.37 -2.72
N ILE C 57 20.45 -38.30 -2.46
CA ILE C 57 19.75 -37.61 -3.53
C ILE C 57 20.75 -36.89 -4.43
N LEU C 58 21.75 -36.24 -3.83
CA LEU C 58 22.75 -35.54 -4.63
C LEU C 58 23.64 -36.51 -5.38
N GLN C 59 23.80 -37.73 -4.87
CA GLN C 59 24.62 -38.72 -5.55
C GLN C 59 23.87 -39.37 -6.73
N PHE C 60 22.66 -39.86 -6.49
CA PHE C 60 22.03 -40.78 -7.44
C PHE C 60 20.84 -40.19 -8.17
N SER C 61 20.50 -38.93 -7.94
CA SER C 61 19.37 -38.32 -8.65
C SER C 61 19.78 -37.80 -10.01
N THR C 62 18.85 -37.84 -10.96
CA THR C 62 19.05 -37.34 -12.31
C THR C 62 18.28 -36.05 -12.56
N ASN C 63 17.62 -35.50 -11.54
CA ASN C 63 16.77 -34.32 -11.69
C ASN C 63 17.40 -33.16 -10.94
N PRO C 64 17.77 -32.06 -11.61
CA PRO C 64 18.36 -30.94 -10.86
C PRO C 64 17.44 -30.34 -9.81
N GLN C 65 16.12 -30.35 -10.04
CA GLN C 65 15.20 -29.82 -9.04
C GLN C 65 15.20 -30.68 -7.78
N SER C 66 15.32 -32.00 -7.94
CA SER C 66 15.44 -32.87 -6.77
C SER C 66 16.63 -32.48 -5.91
N LYS C 67 17.76 -32.18 -6.55
CA LYS C 67 18.96 -31.82 -5.80
C LYS C 67 18.80 -30.43 -5.16
N PHE C 68 18.13 -29.52 -5.85
CA PHE C 68 17.84 -28.22 -5.25
C PHE C 68 17.06 -28.39 -3.95
N ILE C 69 15.97 -29.15 -4.00
CA ILE C 69 15.16 -29.41 -2.80
C ILE C 69 16.00 -30.11 -1.74
N ALA C 70 16.93 -30.97 -2.15
CA ALA C 70 17.82 -31.59 -1.18
C ALA C 70 18.66 -30.53 -0.47
N LEU C 71 19.15 -29.55 -1.21
CA LEU C 71 19.97 -28.50 -0.61
C LEU C 71 19.12 -27.60 0.30
N SER C 72 17.88 -27.32 -0.09
CA SER C 72 16.99 -26.59 0.81
C SER C 72 16.82 -27.33 2.14
N ILE C 73 16.82 -28.66 2.11
CA ILE C 73 16.70 -29.42 3.35
C ILE C 73 17.96 -29.26 4.20
N LEU C 74 19.13 -29.26 3.55
CA LEU C 74 20.38 -29.02 4.29
C LEU C 74 20.41 -27.61 4.86
N ASP C 75 19.98 -26.62 4.06
N ASP C 75 19.99 -26.62 4.06
CA ASP C 75 19.98 -25.23 4.54
CA ASP C 75 19.98 -25.23 4.54
C ASP C 75 19.17 -25.08 5.82
C ASP C 75 19.17 -25.09 5.82
N LYS C 76 17.97 -25.67 5.84
CA LYS C 76 17.16 -25.62 7.06
C LYS C 76 17.90 -26.25 8.23
N LEU C 77 18.55 -27.38 8.01
CA LEU C 77 19.32 -28.02 9.07
C LEU C 77 20.48 -27.15 9.53
N ILE C 78 21.23 -26.60 8.57
CA ILE C 78 22.41 -25.81 8.92
C ILE C 78 22.03 -24.55 9.68
N THR C 79 20.98 -23.86 9.24
CA THR C 79 20.65 -22.57 9.82
C THR C 79 19.94 -22.68 11.16
N ARG C 80 19.32 -23.82 11.47
CA ARG C 80 18.54 -23.95 12.69
C ARG C 80 19.00 -25.04 13.65
N LYS C 81 19.73 -26.07 13.18
CA LYS C 81 20.06 -27.20 14.05
C LYS C 81 21.51 -27.65 13.93
N TRP C 82 22.37 -26.82 13.35
CA TRP C 82 23.75 -27.23 13.06
C TRP C 82 24.46 -27.70 14.32
N LYS C 83 24.41 -26.91 15.39
CA LYS C 83 25.19 -27.19 16.59
C LYS C 83 24.62 -28.32 17.44
N LEU C 84 23.47 -28.89 17.05
CA LEU C 84 22.97 -30.08 17.70
C LEU C 84 23.48 -31.37 17.06
N LEU C 85 23.98 -31.29 15.83
CA LEU C 85 24.54 -32.45 15.18
C LEU C 85 25.81 -32.90 15.89
N PRO C 86 26.13 -34.19 15.87
CA PRO C 86 27.45 -34.63 16.32
C PRO C 86 28.53 -34.14 15.35
N ASN C 87 29.71 -33.87 15.91
CA ASN C 87 30.76 -33.23 15.13
C ASN C 87 31.07 -33.98 13.85
N ASP C 88 30.96 -35.32 13.87
CA ASP C 88 31.27 -36.09 12.67
C ASP C 88 30.25 -35.85 11.57
N HIS C 89 28.97 -35.71 11.94
CA HIS C 89 27.96 -35.36 10.94
C HIS C 89 28.19 -33.97 10.37
N ARG C 90 28.81 -33.07 11.13
CA ARG C 90 29.09 -31.73 10.64
C ARG C 90 30.18 -31.75 9.58
N ILE C 91 31.26 -32.50 9.83
CA ILE C 91 32.34 -32.58 8.85
C ILE C 91 31.87 -33.32 7.60
N GLY C 92 31.03 -34.34 7.78
CA GLY C 92 30.50 -35.04 6.63
C GLY C 92 29.68 -34.14 5.72
N ILE C 93 28.84 -33.29 6.32
CA ILE C 93 28.04 -32.38 5.52
C ILE C 93 28.93 -31.37 4.81
N ARG C 94 29.88 -30.77 5.54
CA ARG C 94 30.82 -29.85 4.93
C ARG C 94 31.53 -30.51 3.76
N ASN C 95 32.23 -31.62 4.03
CA ASN C 95 33.00 -32.29 2.99
C ASN C 95 32.12 -32.64 1.79
N PHE C 96 30.87 -33.03 2.03
CA PHE C 96 30.00 -33.40 0.92
C PHE C 96 29.62 -32.17 0.09
N VAL C 97 29.29 -31.06 0.75
CA VAL C 97 28.92 -29.86 0.01
C VAL C 97 30.11 -29.32 -0.77
N VAL C 98 31.28 -29.27 -0.14
CA VAL C 98 32.48 -28.78 -0.84
C VAL C 98 32.76 -29.65 -2.06
N GLY C 99 32.75 -30.98 -1.88
CA GLY C 99 33.08 -31.86 -2.99
C GLY C 99 32.10 -31.74 -4.14
N MET C 100 30.81 -31.61 -3.83
CA MET C 100 29.80 -31.44 -4.87
C MET C 100 30.08 -30.18 -5.68
N ILE C 101 30.48 -29.10 -5.01
CA ILE C 101 30.79 -27.86 -5.72
C ILE C 101 31.99 -28.05 -6.64
N ILE C 102 33.09 -28.56 -6.09
CA ILE C 102 34.28 -28.81 -6.90
C ILE C 102 33.93 -29.70 -8.08
N SER C 103 33.12 -30.73 -7.84
CA SER C 103 32.77 -31.66 -8.90
C SER C 103 32.00 -30.97 -10.02
N MET C 104 31.09 -30.07 -9.68
CA MET C 104 30.27 -29.42 -10.69
C MET C 104 31.06 -28.38 -11.48
N CYS C 105 32.07 -27.77 -10.87
N CYS C 105 32.11 -27.81 -10.89
CA CYS C 105 32.87 -26.77 -11.57
CA CYS C 105 32.86 -26.75 -11.56
C CYS C 105 33.76 -27.42 -12.62
C CYS C 105 34.03 -27.26 -12.40
N GLN C 106 34.39 -28.54 -12.26
CA GLN C 106 35.37 -29.16 -13.15
C GLN C 106 34.73 -29.84 -14.36
N ASP C 107 33.44 -30.16 -14.27
CA ASP C 107 32.69 -30.65 -15.43
C ASP C 107 32.18 -29.43 -16.18
N ASP C 108 32.87 -29.09 -17.28
CA ASP C 108 32.55 -27.86 -17.99
C ASP C 108 31.12 -27.84 -18.52
N GLU C 109 30.54 -29.02 -18.76
CA GLU C 109 29.16 -29.09 -19.23
C GLU C 109 28.17 -28.83 -18.11
N VAL C 110 28.44 -29.35 -16.91
CA VAL C 110 27.58 -29.09 -15.76
C VAL C 110 27.65 -27.62 -15.36
N PHE C 111 28.86 -27.06 -15.35
CA PHE C 111 29.03 -25.65 -15.00
C PHE C 111 28.22 -24.74 -15.90
N LYS C 112 28.04 -25.11 -17.17
CA LYS C 112 27.35 -24.26 -18.12
C LYS C 112 25.83 -24.30 -17.90
N THR C 113 25.27 -25.48 -17.64
CA THR C 113 23.83 -25.69 -17.72
C THR C 113 23.14 -25.76 -16.37
N GLN C 114 23.87 -26.02 -15.28
CA GLN C 114 23.25 -26.22 -13.97
C GLN C 114 23.51 -25.02 -13.08
N LYS C 115 23.30 -23.81 -13.60
CA LYS C 115 23.72 -22.60 -12.89
C LYS C 115 23.01 -22.46 -11.55
N ASN C 116 21.68 -22.60 -11.57
N ASN C 116 21.70 -22.64 -11.50
CA ASN C 116 20.88 -22.52 -10.35
CA ASN C 116 21.02 -22.42 -10.24
C ASN C 116 21.39 -23.49 -9.29
C ASN C 116 20.89 -23.69 -9.39
N LEU C 117 21.66 -24.73 -9.70
CA LEU C 117 22.02 -25.74 -8.72
C LEU C 117 23.36 -25.43 -8.10
N ILE C 118 24.28 -24.83 -8.88
CA ILE C 118 25.56 -24.42 -8.34
C ILE C 118 25.40 -23.19 -7.45
N ASN C 119 24.56 -22.25 -7.87
CA ASN C 119 24.29 -21.09 -7.02
C ASN C 119 23.69 -21.52 -5.69
N LYS C 120 22.76 -22.47 -5.72
CA LYS C 120 22.15 -22.95 -4.48
C LYS C 120 23.18 -23.64 -3.60
N SER C 121 24.12 -24.37 -4.21
CA SER C 121 25.16 -25.03 -3.41
C SER C 121 26.11 -24.00 -2.81
N ASP C 122 26.48 -22.98 -3.59
CA ASP C 122 27.31 -21.91 -3.06
C ASP C 122 26.66 -21.27 -1.84
N LEU C 123 25.38 -20.92 -1.96
CA LEU C 123 24.66 -20.36 -0.82
C LEU C 123 24.64 -21.32 0.35
N THR C 124 24.46 -22.62 0.07
CA THR C 124 24.48 -23.62 1.14
C THR C 124 25.84 -23.65 1.84
N LEU C 125 26.92 -23.55 1.06
CA LEU C 125 28.26 -23.48 1.64
C LEU C 125 28.40 -22.24 2.52
N VAL C 126 27.86 -21.11 2.06
CA VAL C 126 27.96 -19.88 2.85
C VAL C 126 27.23 -20.05 4.18
N GLN C 127 26.13 -20.80 4.20
CA GLN C 127 25.46 -21.07 5.48
C GLN C 127 26.38 -21.82 6.42
N ILE C 128 27.18 -22.75 5.88
CA ILE C 128 28.13 -23.47 6.72
C ILE C 128 29.23 -22.52 7.21
N LEU C 129 29.67 -21.61 6.34
CA LEU C 129 30.68 -20.64 6.74
C LEU C 129 30.19 -19.79 7.91
N LYS C 130 28.92 -19.36 7.86
CA LYS C 130 28.39 -18.53 8.93
C LYS C 130 28.50 -19.24 10.28
N GLN C 131 28.42 -20.56 10.28
CA GLN C 131 28.49 -21.35 11.51
C GLN C 131 29.90 -21.74 11.89
N GLU C 132 30.78 -21.96 10.91
CA GLU C 132 32.07 -22.60 11.15
C GLU C 132 33.27 -21.69 10.90
N TRP C 133 33.10 -20.59 10.17
CA TRP C 133 34.23 -19.80 9.72
C TRP C 133 34.34 -18.49 10.52
N PRO C 134 35.56 -18.06 10.88
CA PRO C 134 36.87 -18.70 10.66
C PRO C 134 37.35 -19.57 11.82
N GLN C 135 36.61 -19.61 12.93
CA GLN C 135 37.12 -20.25 14.14
C GLN C 135 37.42 -21.73 13.92
N ASN C 136 36.61 -22.41 13.10
CA ASN C 136 36.77 -23.84 12.85
C ASN C 136 37.13 -24.09 11.38
N TRP C 137 37.75 -23.11 10.73
CA TRP C 137 38.17 -23.25 9.35
C TRP C 137 38.96 -22.01 8.91
N PRO C 138 40.05 -21.66 9.58
CA PRO C 138 40.72 -20.39 9.26
C PRO C 138 41.68 -20.48 8.09
N GLU C 139 41.41 -21.41 7.16
CA GLU C 139 42.19 -21.53 5.94
C GLU C 139 41.27 -21.53 4.72
N PHE C 140 40.00 -21.20 4.90
CA PHE C 140 39.05 -21.23 3.79
C PHE C 140 39.43 -20.22 2.72
N ILE C 141 39.77 -19.00 3.11
CA ILE C 141 40.06 -17.94 2.16
C ILE C 141 41.37 -18.25 1.45
N PRO C 142 42.47 -18.56 2.15
CA PRO C 142 43.70 -18.93 1.44
C PRO C 142 43.50 -20.07 0.44
N GLU C 143 42.81 -21.14 0.84
CA GLU C 143 42.56 -22.24 -0.08
C GLU C 143 41.66 -21.79 -1.24
N LEU C 144 40.69 -20.91 -0.97
CA LEU C 144 39.86 -20.39 -2.04
C LEU C 144 40.68 -19.57 -3.02
N ILE C 145 41.59 -18.72 -2.51
CA ILE C 145 42.47 -17.95 -3.39
C ILE C 145 43.34 -18.88 -4.21
N GLY C 146 43.98 -19.84 -3.55
CA GLY C 146 44.85 -20.76 -4.27
C GLY C 146 44.10 -21.52 -5.35
N SER C 147 42.99 -22.16 -4.98
CA SER C 147 42.23 -22.96 -5.93
C SER C 147 41.72 -22.14 -7.11
N SER C 148 41.72 -20.81 -7.00
CA SER C 148 41.24 -19.99 -8.11
C SER C 148 42.16 -20.06 -9.33
N SER C 149 43.42 -20.48 -9.14
CA SER C 149 44.33 -20.60 -10.27
C SER C 149 44.22 -21.93 -10.99
N SER C 150 43.73 -22.97 -10.30
N SER C 150 43.73 -22.97 -10.31
CA SER C 150 43.65 -24.29 -10.93
CA SER C 150 43.66 -24.30 -10.92
C SER C 150 42.70 -24.31 -12.10
C SER C 150 42.64 -24.37 -12.05
N SER C 151 41.64 -23.49 -12.07
CA SER C 151 40.62 -23.51 -13.10
C SER C 151 39.95 -22.16 -13.20
N VAL C 152 39.46 -21.85 -14.41
CA VAL C 152 38.69 -20.63 -14.62
C VAL C 152 37.28 -20.79 -14.07
N ASN C 153 36.68 -21.97 -14.25
CA ASN C 153 35.34 -22.20 -13.71
C ASN C 153 35.33 -22.10 -12.19
N VAL C 154 36.35 -22.66 -11.54
CA VAL C 154 36.45 -22.57 -10.09
C VAL C 154 36.62 -21.11 -9.66
N CYS C 155 37.51 -20.38 -10.34
CA CYS C 155 37.73 -18.99 -10.01
C CYS C 155 36.44 -18.19 -10.14
N GLU C 156 35.68 -18.42 -11.22
CA GLU C 156 34.42 -17.71 -11.39
C GLU C 156 33.44 -18.05 -10.26
N ASN C 157 33.32 -19.34 -9.93
CA ASN C 157 32.39 -19.73 -8.89
C ASN C 157 32.83 -19.22 -7.53
N ASN C 158 34.14 -19.09 -7.30
CA ASN C 158 34.61 -18.53 -6.05
C ASN C 158 34.16 -17.07 -5.88
N MET C 159 34.06 -16.33 -6.98
CA MET C 159 33.53 -14.97 -6.91
C MET C 159 32.07 -14.98 -6.46
N ILE C 160 31.31 -15.99 -6.89
CA ILE C 160 29.91 -16.10 -6.47
C ILE C 160 29.83 -16.38 -4.98
N VAL C 161 30.65 -17.31 -4.50
CA VAL C 161 30.67 -17.61 -3.07
C VAL C 161 31.05 -16.38 -2.26
N LEU C 162 32.08 -15.65 -2.71
CA LEU C 162 32.50 -14.45 -1.99
C LEU C 162 31.43 -13.38 -2.04
N LYS C 163 30.74 -13.23 -3.17
CA LYS C 163 29.64 -12.28 -3.26
C LYS C 163 28.56 -12.62 -2.24
N LEU C 164 28.15 -13.89 -2.19
CA LEU C 164 27.10 -14.29 -1.26
C LEU C 164 27.55 -14.13 0.19
N LEU C 165 28.84 -14.37 0.46
CA LEU C 165 29.34 -14.22 1.83
C LEU C 165 29.30 -12.76 2.27
N SER C 166 29.73 -11.85 1.40
CA SER C 166 29.67 -10.43 1.73
C SER C 166 28.22 -9.99 1.97
N GLU C 167 27.29 -10.45 1.13
CA GLU C 167 25.88 -10.13 1.33
C GLU C 167 25.39 -10.62 2.69
N GLU C 168 25.65 -11.88 3.02
CA GLU C 168 25.13 -12.45 4.26
C GLU C 168 25.75 -11.80 5.48
N VAL C 169 26.99 -11.32 5.37
CA VAL C 169 27.70 -10.77 6.52
C VAL C 169 27.40 -9.29 6.71
N PHE C 170 27.41 -8.52 5.62
CA PHE C 170 27.31 -7.06 5.72
C PHE C 170 25.94 -6.52 5.34
N ASP C 171 25.23 -7.17 4.41
CA ASP C 171 23.99 -6.60 3.89
C ASP C 171 22.74 -7.14 4.57
N PHE C 172 22.76 -8.39 5.03
CA PHE C 172 21.55 -9.03 5.55
C PHE C 172 21.77 -9.66 6.91
N SER C 173 22.75 -9.20 7.67
CA SER C 173 23.05 -9.77 8.98
C SER C 173 22.26 -9.13 10.10
N ALA C 174 21.78 -7.90 9.92
CA ALA C 174 21.17 -7.17 11.02
C ALA C 174 20.01 -7.94 11.62
N GLU C 175 19.18 -8.57 10.79
CA GLU C 175 18.02 -9.30 11.30
C GLU C 175 18.31 -10.76 11.58
N GLN C 176 19.39 -11.32 11.04
CA GLN C 176 19.61 -12.76 11.03
C GLN C 176 20.64 -13.23 12.04
N MET C 177 21.46 -12.35 12.61
CA MET C 177 22.48 -12.74 13.57
C MET C 177 22.41 -11.85 14.80
N THR C 178 22.99 -12.34 15.88
CA THR C 178 23.16 -11.50 17.05
C THR C 178 24.19 -10.41 16.76
N GLN C 179 24.12 -9.32 17.52
CA GLN C 179 25.11 -8.25 17.39
C GLN C 179 26.52 -8.82 17.48
N ALA C 180 26.76 -9.71 18.45
CA ALA C 180 28.11 -10.23 18.65
C ALA C 180 28.56 -11.06 17.46
N LYS C 181 27.69 -11.91 16.92
CA LYS C 181 28.09 -12.77 15.82
C LYS C 181 28.30 -11.96 14.54
N ALA C 182 27.46 -10.94 14.32
CA ALA C 182 27.64 -10.09 13.15
C ALA C 182 28.98 -9.37 13.20
N LEU C 183 29.34 -8.83 14.36
CA LEU C 183 30.63 -8.17 14.52
C LEU C 183 31.77 -9.15 14.28
N HIS C 184 31.65 -10.37 14.80
CA HIS C 184 32.68 -11.38 14.61
C HIS C 184 32.93 -11.64 13.12
N LEU C 185 31.86 -11.89 12.37
CA LEU C 185 32.04 -12.21 10.96
C LEU C 185 32.49 -11.00 10.15
N LYS C 186 32.01 -9.79 10.51
CA LYS C 186 32.46 -8.59 9.81
C LYS C 186 33.95 -8.36 10.03
N ASN C 187 34.42 -8.51 11.27
CA ASN C 187 35.84 -8.37 11.54
C ASN C 187 36.64 -9.45 10.83
N SER C 188 36.10 -10.67 10.75
CA SER C 188 36.81 -11.76 10.11
C SER C 188 37.00 -11.49 8.62
N MET C 189 35.95 -11.00 7.95
CA MET C 189 36.09 -10.67 6.53
C MET C 189 37.02 -9.48 6.34
N SER C 190 36.89 -8.46 7.20
N SER C 190 36.92 -8.47 7.22
CA SER C 190 37.78 -7.31 7.12
CA SER C 190 37.79 -7.30 7.10
C SER C 190 39.24 -7.74 7.20
C SER C 190 39.26 -7.65 7.28
N LYS C 191 39.55 -8.65 8.12
CA LYS C 191 40.94 -9.06 8.34
C LYS C 191 41.53 -9.80 7.15
N GLU C 192 40.70 -10.41 6.31
CA GLU C 192 41.20 -11.20 5.19
C GLU C 192 40.90 -10.55 3.83
N PHE C 193 40.40 -9.31 3.82
CA PHE C 193 39.99 -8.73 2.55
C PHE C 193 41.19 -8.35 1.69
N GLU C 194 42.30 -7.92 2.30
CA GLU C 194 43.47 -7.55 1.52
C GLU C 194 43.82 -8.63 0.49
N GLN C 195 43.73 -9.90 0.90
N GLN C 195 43.73 -9.89 0.88
CA GLN C 195 44.02 -10.99 0.00
CA GLN C 195 44.05 -10.98 -0.03
C GLN C 195 42.90 -11.14 -1.03
C GLN C 195 42.90 -11.24 -1.01
N ILE C 196 41.65 -11.01 -0.59
CA ILE C 196 40.52 -11.12 -1.51
C ILE C 196 40.63 -10.07 -2.60
N PHE C 197 40.96 -8.84 -2.22
CA PHE C 197 41.08 -7.76 -3.19
C PHE C 197 42.18 -8.05 -4.21
N LYS C 198 43.29 -8.63 -3.74
CA LYS C 198 44.37 -9.02 -4.64
C LYS C 198 43.83 -9.92 -5.76
N LEU C 199 43.18 -11.02 -5.37
CA LEU C 199 42.62 -11.93 -6.36
C LEU C 199 41.62 -11.22 -7.26
N CYS C 200 40.83 -10.30 -6.70
CA CYS C 200 39.84 -9.58 -7.48
CA CYS C 200 39.84 -9.59 -7.50
C CYS C 200 40.50 -8.63 -8.47
N PHE C 201 41.43 -7.80 -7.98
CA PHE C 201 42.09 -6.84 -8.87
C PHE C 201 42.93 -7.54 -9.92
N GLN C 202 43.56 -8.66 -9.56
CA GLN C 202 44.33 -9.42 -10.55
C GLN C 202 43.44 -9.91 -11.67
N VAL C 203 42.32 -10.56 -11.31
CA VAL C 203 41.39 -11.05 -12.32
C VAL C 203 40.94 -9.91 -13.23
N LEU C 204 40.65 -8.74 -12.65
CA LEU C 204 40.18 -7.63 -13.45
C LEU C 204 41.27 -7.10 -14.38
N GLU C 205 42.52 -7.10 -13.92
CA GLU C 205 43.62 -6.60 -14.75
C GLU C 205 44.05 -7.66 -15.75
N GLN C 206 44.29 -8.89 -15.28
CA GLN C 206 44.43 -10.05 -16.15
C GLN C 206 43.42 -9.92 -17.28
N GLY C 207 42.14 -10.16 -16.96
N GLY C 207 42.15 -10.14 -16.94
CA GLY C 207 41.09 -10.12 -17.96
CA GLY C 207 41.05 -9.44 -17.56
C GLY C 207 41.01 -11.39 -18.77
C GLY C 207 40.73 -9.63 -19.03
N SER C 208 40.39 -12.43 -18.21
N SER C 208 39.65 -8.96 -19.42
CA SER C 208 40.18 -13.68 -18.94
CA SER C 208 39.06 -8.99 -20.76
C SER C 208 39.10 -13.50 -19.99
C SER C 208 37.68 -8.37 -20.64
N SER C 209 37.86 -13.86 -19.66
N SER C 209 36.62 -9.19 -20.65
CA SER C 209 36.72 -13.67 -20.55
CA SER C 209 35.26 -8.70 -20.46
C SER C 209 35.58 -13.07 -19.74
C SER C 209 34.26 -9.81 -20.75
N SER C 210 34.55 -12.63 -20.46
N SER C 210 34.14 -10.79 -19.85
CA SER C 210 33.51 -11.82 -19.84
CA SER C 210 33.28 -11.92 -20.11
C SER C 210 32.82 -12.54 -18.69
C SER C 210 32.88 -12.55 -18.77
N SER C 211 32.71 -13.88 -18.76
CA SER C 211 32.04 -14.59 -17.68
C SER C 211 32.71 -14.33 -16.32
N LEU C 212 34.01 -14.56 -16.24
CA LEU C 212 34.72 -14.38 -14.97
C LEU C 212 34.77 -12.91 -14.57
N ILE C 213 34.85 -12.00 -15.54
CA ILE C 213 34.89 -10.57 -15.23
C ILE C 213 33.58 -10.12 -14.61
N VAL C 214 32.46 -10.49 -15.23
CA VAL C 214 31.17 -10.05 -14.72
C VAL C 214 30.96 -10.56 -13.30
N ALA C 215 31.32 -11.83 -13.04
CA ALA C 215 31.17 -12.37 -11.70
C ALA C 215 32.06 -11.64 -10.71
N THR C 216 33.27 -11.27 -11.13
CA THR C 216 34.17 -10.53 -10.24
C THR C 216 33.62 -9.14 -9.96
N LEU C 217 33.09 -8.47 -10.98
CA LEU C 217 32.51 -7.15 -10.79
C LEU C 217 31.27 -7.22 -9.91
N GLU C 218 30.46 -8.27 -10.07
N GLU C 218 30.46 -8.26 -10.09
CA GLU C 218 29.28 -8.42 -9.23
CA GLU C 218 29.29 -8.44 -9.24
C GLU C 218 29.67 -8.57 -7.76
C GLU C 218 29.69 -8.55 -7.77
N SER C 219 30.79 -9.25 -7.49
CA SER C 219 31.27 -9.36 -6.12
C SER C 219 31.82 -8.02 -5.64
N LEU C 220 32.51 -7.29 -6.53
CA LEU C 220 33.03 -5.97 -6.17
C LEU C 220 31.90 -5.04 -5.75
N LEU C 221 30.76 -5.11 -6.45
CA LEU C 221 29.62 -4.26 -6.09
C LEU C 221 29.26 -4.43 -4.62
N ARG C 222 29.29 -5.67 -4.13
CA ARG C 222 28.99 -5.91 -2.72
C ARG C 222 30.07 -5.37 -1.81
N TYR C 223 31.34 -5.57 -2.17
CA TYR C 223 32.43 -5.08 -1.33
C TYR C 223 32.34 -3.58 -1.13
N LEU C 224 31.93 -2.85 -2.16
CA LEU C 224 31.89 -1.39 -2.09
C LEU C 224 30.94 -0.90 -1.01
N HIS C 225 30.05 -1.76 -0.51
CA HIS C 225 29.17 -1.36 0.58
C HIS C 225 29.92 -1.13 1.89
N TRP C 226 31.16 -1.62 2.04
CA TRP C 226 31.79 -1.61 3.35
C TRP C 226 33.32 -1.47 3.36
N ILE C 227 33.99 -1.71 2.25
CA ILE C 227 35.45 -1.78 2.30
C ILE C 227 36.06 -0.39 2.48
N PRO C 228 37.28 -0.29 3.00
CA PRO C 228 37.90 1.03 3.19
C PRO C 228 38.11 1.75 1.86
N TYR C 229 38.11 3.08 1.93
CA TYR C 229 38.22 3.90 0.72
C TYR C 229 39.51 3.62 -0.03
N ARG C 230 40.59 3.28 0.69
CA ARG C 230 41.90 3.17 0.07
C ARG C 230 41.93 2.12 -1.04
N TYR C 231 41.18 1.03 -0.87
CA TYR C 231 41.16 0.00 -1.90
C TYR C 231 40.63 0.52 -3.23
N ILE C 232 39.92 1.64 -3.22
CA ILE C 232 39.29 2.15 -4.43
C ILE C 232 40.09 3.30 -5.02
N TYR C 233 40.72 4.09 -4.16
CA TYR C 233 41.43 5.28 -4.62
C TYR C 233 42.94 5.12 -4.69
N GLU C 234 43.53 4.25 -3.87
CA GLU C 234 44.97 4.04 -3.89
C GLU C 234 45.40 2.94 -4.85
N THR C 235 44.47 2.38 -5.62
CA THR C 235 44.78 1.43 -6.67
C THR C 235 44.36 2.00 -8.01
N ASN C 236 44.57 1.22 -9.07
CA ASN C 236 44.20 1.63 -10.43
C ASN C 236 42.79 1.18 -10.80
N ILE C 237 41.98 0.79 -9.83
CA ILE C 237 40.72 0.12 -10.16
C ILE C 237 39.71 1.10 -10.75
N LEU C 238 39.77 2.37 -10.37
CA LEU C 238 38.83 3.34 -10.92
C LEU C 238 39.06 3.55 -12.40
N GLU C 239 40.32 3.54 -12.84
CA GLU C 239 40.62 3.66 -14.26
C GLU C 239 40.05 2.46 -15.03
N LEU C 240 40.17 1.26 -14.46
CA LEU C 240 39.62 0.08 -15.11
C LEU C 240 38.10 0.16 -15.21
N LEU C 241 37.44 0.55 -14.12
CA LEU C 241 35.99 0.63 -14.13
C LEU C 241 35.51 1.68 -15.11
N SER C 242 36.13 2.87 -15.09
CA SER C 242 35.61 4.01 -15.83
C SER C 242 36.04 4.01 -17.30
N THR C 243 36.89 3.08 -17.73
CA THR C 243 37.30 3.02 -19.12
C THR C 243 37.13 1.62 -19.68
N LYS C 244 38.03 0.71 -19.30
CA LYS C 244 38.03 -0.65 -19.82
C LYS C 244 36.63 -1.26 -19.79
N PHE C 245 36.02 -1.32 -18.60
CA PHE C 245 34.79 -2.09 -18.43
C PHE C 245 33.54 -1.33 -18.86
N MET C 246 33.64 -0.04 -19.17
CA MET C 246 32.52 0.68 -19.78
C MET C 246 32.39 0.39 -21.27
N THR C 247 33.47 -0.04 -21.93
CA THR C 247 33.44 -0.20 -23.38
C THR C 247 32.66 -1.44 -23.81
N SER C 248 32.85 -2.55 -23.11
CA SER C 248 32.16 -3.79 -23.45
C SER C 248 30.76 -3.80 -22.86
N PRO C 249 29.70 -4.02 -23.65
CA PRO C 249 28.34 -4.02 -23.06
C PRO C 249 28.11 -5.14 -22.07
N ASP C 250 28.87 -6.23 -22.14
CA ASP C 250 28.69 -7.31 -21.18
C ASP C 250 28.99 -6.86 -19.76
N THR C 251 30.01 -6.02 -19.59
CA THR C 251 30.43 -5.56 -18.27
C THR C 251 29.95 -4.15 -17.94
N ARG C 252 29.33 -3.45 -18.89
CA ARG C 252 28.97 -2.06 -18.67
C ARG C 252 27.89 -1.91 -17.62
N ALA C 253 26.92 -2.82 -17.59
CA ALA C 253 25.81 -2.71 -16.65
C ALA C 253 26.30 -2.80 -15.21
N ILE C 254 27.12 -3.82 -14.91
CA ILE C 254 27.58 -3.98 -13.53
C ILE C 254 28.58 -2.89 -13.18
N THR C 255 29.43 -2.49 -14.12
CA THR C 255 30.41 -1.45 -13.83
C THR C 255 29.73 -0.14 -13.45
N LEU C 256 28.66 0.21 -14.15
CA LEU C 256 27.95 1.44 -13.84
C LEU C 256 27.37 1.39 -12.43
N LYS C 257 26.83 0.23 -12.03
CA LYS C 257 26.36 0.07 -10.66
C LYS C 257 27.50 0.20 -9.66
N CYS C 258 28.68 -0.34 -10.00
CA CYS C 258 29.85 -0.19 -9.13
C CYS C 258 30.24 1.27 -8.99
N LEU C 259 30.32 2.00 -10.11
CA LEU C 259 30.70 3.40 -10.04
C LEU C 259 29.63 4.23 -9.34
N THR C 260 28.36 3.81 -9.40
CA THR C 260 27.34 4.50 -8.61
C THR C 260 27.60 4.34 -7.13
N GLU C 261 27.98 3.13 -6.69
CA GLU C 261 28.31 2.93 -5.28
C GLU C 261 29.55 3.71 -4.89
N VAL C 262 30.58 3.71 -5.74
CA VAL C 262 31.74 4.53 -5.47
C VAL C 262 31.34 5.98 -5.29
N SER C 263 30.40 6.46 -6.10
CA SER C 263 30.05 7.88 -6.10
C SER C 263 29.41 8.32 -4.80
N ASN C 264 28.66 7.44 -4.14
CA ASN C 264 27.80 7.89 -3.05
C ASN C 264 28.53 8.07 -1.73
N LEU C 265 29.77 7.59 -1.61
CA LEU C 265 30.56 7.89 -0.43
C LEU C 265 30.85 9.39 -0.37
N LYS C 266 31.05 9.91 0.83
CA LYS C 266 31.50 11.28 1.02
C LYS C 266 33.01 11.26 1.16
N ILE C 267 33.71 11.90 0.22
CA ILE C 267 35.16 11.83 0.16
C ILE C 267 35.75 12.60 1.33
N PRO C 268 36.95 12.26 1.80
CA PRO C 268 37.72 13.23 2.58
C PRO C 268 37.78 14.55 1.84
N GLN C 269 37.00 15.53 2.28
CA GLN C 269 36.75 16.75 1.53
C GLN C 269 37.90 17.76 1.56
N ASP C 270 39.13 17.34 1.85
CA ASP C 270 40.25 18.26 1.94
C ASP C 270 41.47 17.86 1.13
N ASN C 271 41.57 16.61 0.67
CA ASN C 271 42.70 16.15 -0.13
C ASN C 271 42.41 16.39 -1.60
N ASP C 272 43.33 17.10 -2.27
CA ASP C 272 43.12 17.42 -3.68
C ASP C 272 43.20 16.19 -4.56
N LEU C 273 44.08 15.24 -4.22
CA LEU C 273 44.27 14.07 -5.09
C LEU C 273 42.97 13.27 -5.22
N ILE C 274 42.35 12.94 -4.08
CA ILE C 274 41.12 12.16 -4.12
C ILE C 274 40.04 12.91 -4.89
N LYS C 275 40.04 14.25 -4.79
CA LYS C 275 39.12 15.04 -5.59
C LYS C 275 39.41 14.88 -7.08
N ARG C 276 40.68 14.99 -7.47
CA ARG C 276 41.03 14.83 -8.87
C ARG C 276 40.69 13.43 -9.38
N GLN C 277 40.78 12.42 -8.51
CA GLN C 277 40.40 11.08 -8.91
C GLN C 277 38.89 10.92 -9.02
N THR C 278 38.13 11.61 -8.16
CA THR C 278 36.68 11.59 -8.27
C THR C 278 36.22 12.26 -9.55
N VAL C 279 36.87 13.37 -9.92
CA VAL C 279 36.59 14.02 -11.20
C VAL C 279 36.94 13.10 -12.35
N LEU C 280 38.05 12.36 -12.21
CA LEU C 280 38.61 11.66 -13.37
C LEU C 280 37.75 10.47 -13.77
N PHE C 281 37.26 9.67 -12.81
CA PHE C 281 36.46 8.53 -13.20
C PHE C 281 35.10 8.95 -13.74
N PHE C 282 34.61 10.13 -13.35
CA PHE C 282 33.41 10.68 -13.95
C PHE C 282 33.69 11.13 -15.38
N GLN C 283 34.79 11.85 -15.57
CA GLN C 283 35.19 12.28 -16.91
C GLN C 283 35.38 11.08 -17.83
N ASN C 284 36.10 10.06 -17.37
CA ASN C 284 36.27 8.84 -18.16
C ASN C 284 34.92 8.23 -18.50
N THR C 285 34.03 8.11 -17.52
CA THR C 285 32.77 7.43 -17.73
C THR C 285 31.92 8.14 -18.77
N LEU C 286 31.80 9.47 -18.65
CA LEU C 286 31.00 10.23 -19.61
C LEU C 286 31.60 10.15 -21.01
N GLN C 287 32.93 10.15 -21.11
CA GLN C 287 33.56 10.01 -22.43
C GLN C 287 33.26 8.66 -23.05
N GLN C 288 33.23 7.59 -22.25
CA GLN C 288 32.91 6.27 -22.78
C GLN C 288 31.46 6.22 -23.25
N ILE C 289 30.54 6.86 -22.53
CA ILE C 289 29.15 6.89 -22.96
C ILE C 289 29.03 7.63 -24.28
N ALA C 290 29.68 8.79 -24.38
CA ALA C 290 29.55 9.62 -25.58
C ALA C 290 30.07 8.91 -26.82
N THR C 291 31.12 8.09 -26.68
CA THR C 291 31.77 7.49 -27.84
C THR C 291 31.31 6.06 -28.11
N SER C 292 30.92 5.31 -27.08
CA SER C 292 30.54 3.91 -27.26
C SER C 292 29.05 3.64 -27.20
N VAL C 293 28.24 4.55 -26.64
CA VAL C 293 26.83 4.24 -26.43
C VAL C 293 25.95 5.20 -27.23
N MET C 294 25.86 6.45 -26.82
N MET C 294 25.99 6.48 -26.87
CA MET C 294 25.21 7.42 -27.69
CA MET C 294 25.07 7.49 -27.39
C MET C 294 25.54 8.83 -27.25
C MET C 294 25.73 8.85 -27.23
N PRO C 295 25.64 9.76 -28.20
CA PRO C 295 26.04 11.14 -27.92
C PRO C 295 24.97 11.87 -27.12
N VAL C 296 25.37 13.04 -26.59
CA VAL C 296 24.49 13.79 -25.71
C VAL C 296 23.24 14.30 -26.42
N THR C 297 23.25 14.37 -27.75
CA THR C 297 22.09 14.82 -28.50
C THR C 297 21.07 13.70 -28.74
N ALA C 298 21.40 12.45 -28.39
CA ALA C 298 20.56 11.33 -28.75
C ALA C 298 19.17 11.45 -28.12
N ASP C 299 18.18 10.89 -28.81
CA ASP C 299 16.78 10.94 -28.39
C ASP C 299 16.53 9.75 -27.47
N LEU C 300 16.80 9.94 -26.18
CA LEU C 300 16.65 8.84 -25.22
C LEU C 300 15.18 8.47 -25.01
N LYS C 301 14.27 9.44 -25.16
CA LYS C 301 12.85 9.12 -25.11
C LYS C 301 12.50 8.03 -26.10
N ALA C 302 12.95 8.19 -27.36
CA ALA C 302 12.66 7.20 -28.37
C ALA C 302 13.38 5.89 -28.09
N THR C 303 14.65 5.96 -27.72
CA THR C 303 15.40 4.74 -27.43
C THR C 303 14.72 3.94 -26.33
N TYR C 304 14.30 4.61 -25.26
CA TYR C 304 13.62 3.92 -24.18
C TYR C 304 12.32 3.29 -24.66
N ALA C 305 11.55 4.03 -25.46
CA ALA C 305 10.27 3.52 -25.95
C ALA C 305 10.46 2.29 -26.82
N ASN C 306 11.54 2.25 -27.61
CA ASN C 306 11.78 1.09 -28.47
C ASN C 306 12.13 -0.15 -27.66
N ALA C 307 12.86 0.03 -26.56
CA ALA C 307 13.10 -1.05 -25.59
C ALA C 307 13.82 -2.24 -26.23
N ASN C 308 14.90 -1.94 -26.96
CA ASN C 308 15.76 -3.00 -27.47
C ASN C 308 16.70 -3.50 -26.39
N GLY C 309 17.02 -4.79 -26.45
CA GLY C 309 17.96 -5.40 -25.53
C GLY C 309 17.78 -4.95 -24.09
N ASN C 310 18.84 -4.42 -23.49
CA ASN C 310 18.82 -3.93 -22.13
C ASN C 310 18.83 -2.40 -22.07
N ASP C 311 18.32 -1.75 -23.11
CA ASP C 311 18.39 -0.29 -23.16
C ASP C 311 17.67 0.36 -22.00
N GLN C 312 16.46 -0.14 -21.66
CA GLN C 312 15.69 0.49 -20.60
C GLN C 312 16.43 0.39 -19.26
N SER C 313 17.03 -0.76 -18.98
CA SER C 313 17.77 -0.92 -17.72
C SER C 313 19.04 -0.09 -17.72
N PHE C 314 19.71 0.03 -18.87
CA PHE C 314 20.92 0.85 -18.93
C PHE C 314 20.60 2.31 -18.66
N LEU C 315 19.54 2.82 -19.29
CA LEU C 315 19.18 4.22 -19.10
C LEU C 315 18.72 4.49 -17.66
N GLN C 316 18.04 3.53 -17.05
CA GLN C 316 17.73 3.64 -15.64
C GLN C 316 19.02 3.71 -14.82
N ASP C 317 19.97 2.83 -15.12
CA ASP C 317 21.23 2.81 -14.38
C ASP C 317 22.05 4.06 -14.65
N LEU C 318 21.98 4.59 -15.88
CA LEU C 318 22.68 5.84 -16.16
C LEU C 318 22.07 6.99 -15.36
N ALA C 319 20.75 7.07 -15.29
CA ALA C 319 20.11 8.10 -14.49
C ALA C 319 20.53 8.00 -13.04
N MET C 320 20.59 6.78 -12.50
CA MET C 320 21.01 6.61 -11.11
C MET C 320 22.45 7.03 -10.91
N PHE C 321 23.31 6.73 -11.88
CA PHE C 321 24.72 7.10 -11.74
C PHE C 321 24.90 8.61 -11.77
N LEU C 322 24.29 9.28 -12.75
CA LEU C 322 24.48 10.72 -12.88
C LEU C 322 23.91 11.47 -11.68
N THR C 323 22.67 11.13 -11.28
CA THR C 323 22.05 11.83 -10.16
C THR C 323 22.82 11.59 -8.87
N THR C 324 23.25 10.34 -8.64
CA THR C 324 24.02 10.04 -7.43
C THR C 324 25.32 10.83 -7.40
N TYR C 325 26.09 10.76 -8.49
CA TYR C 325 27.39 11.45 -8.51
C TYR C 325 27.22 12.95 -8.39
N LEU C 326 26.33 13.54 -9.19
CA LEU C 326 26.25 14.99 -9.26
C LEU C 326 25.69 15.57 -7.97
N ALA C 327 24.74 14.89 -7.34
CA ALA C 327 24.22 15.37 -6.06
C ALA C 327 25.33 15.42 -5.02
N ARG C 328 26.32 14.54 -5.13
CA ARG C 328 27.41 14.48 -4.16
C ARG C 328 28.57 15.38 -4.55
N ASN C 329 28.90 15.48 -5.83
CA ASN C 329 30.19 15.99 -6.26
C ASN C 329 30.16 17.12 -7.28
N ARG C 330 28.98 17.59 -7.68
CA ARG C 330 28.96 18.57 -8.77
C ARG C 330 29.75 19.82 -8.43
N ALA C 331 29.93 20.13 -7.15
CA ALA C 331 30.76 21.28 -6.78
C ALA C 331 32.19 21.12 -7.26
N LEU C 332 32.67 19.88 -7.38
CA LEU C 332 34.01 19.64 -7.89
C LEU C 332 34.17 20.09 -9.33
N LEU C 333 33.05 20.27 -10.06
CA LEU C 333 33.08 20.61 -11.46
C LEU C 333 32.67 22.06 -11.74
N GLU C 334 32.29 22.82 -10.72
CA GLU C 334 31.66 24.11 -10.94
C GLU C 334 32.63 25.28 -10.99
N SER C 335 33.85 25.12 -10.49
CA SER C 335 34.81 26.21 -10.44
C SER C 335 35.83 26.15 -11.57
N ASP C 336 36.41 24.99 -11.81
CA ASP C 336 37.44 24.84 -12.84
C ASP C 336 36.81 24.98 -14.22
N GLU C 337 37.21 26.02 -14.96
CA GLU C 337 36.61 26.27 -16.27
C GLU C 337 36.84 25.11 -17.23
N SER C 338 37.94 24.37 -17.05
CA SER C 338 38.21 23.21 -17.90
C SER C 338 37.24 22.07 -17.62
N LEU C 339 36.42 22.17 -16.59
CA LEU C 339 35.44 21.14 -16.26
C LEU C 339 34.01 21.57 -16.54
N ARG C 340 33.81 22.78 -17.07
CA ARG C 340 32.46 23.27 -17.31
C ARG C 340 31.72 22.41 -18.33
N GLU C 341 32.41 22.00 -19.40
CA GLU C 341 31.74 21.20 -20.42
C GLU C 341 31.31 19.84 -19.87
N LEU C 342 32.17 19.21 -19.06
CA LEU C 342 31.81 17.95 -18.42
C LEU C 342 30.59 18.12 -17.54
N LEU C 343 30.57 19.18 -16.72
CA LEU C 343 29.42 19.44 -15.86
C LEU C 343 28.14 19.58 -16.68
N LEU C 344 28.19 20.37 -17.75
CA LEU C 344 26.97 20.65 -18.51
C LEU C 344 26.58 19.48 -19.39
N ASN C 345 27.54 18.73 -19.92
CA ASN C 345 27.21 17.54 -20.69
C ASN C 345 26.51 16.50 -19.82
N ALA C 346 26.98 16.31 -18.59
CA ALA C 346 26.33 15.36 -17.69
C ALA C 346 24.90 15.79 -17.40
N HIS C 347 24.67 17.10 -17.24
CA HIS C 347 23.32 17.58 -17.00
C HIS C 347 22.48 17.53 -18.25
N GLN C 348 23.11 17.62 -19.43
CA GLN C 348 22.35 17.51 -20.67
C GLN C 348 21.86 16.08 -20.87
N TYR C 349 22.69 15.10 -20.52
CA TYR C 349 22.20 13.72 -20.52
C TYR C 349 20.99 13.58 -19.60
N LEU C 350 21.00 14.26 -18.46
CA LEU C 350 19.87 14.18 -17.54
C LEU C 350 18.64 14.84 -18.13
N ILE C 351 18.81 15.97 -18.82
CA ILE C 351 17.67 16.57 -19.53
C ILE C 351 17.06 15.56 -20.48
N GLN C 352 17.90 14.88 -21.26
CA GLN C 352 17.39 13.89 -22.22
C GLN C 352 16.72 12.74 -21.50
N LEU C 353 17.29 12.30 -20.37
CA LEU C 353 16.66 11.24 -19.59
C LEU C 353 15.32 11.68 -19.03
N SER C 354 15.16 12.98 -18.75
CA SER C 354 13.92 13.49 -18.17
C SER C 354 12.77 13.52 -19.18
N LYS C 355 13.07 13.35 -20.47
CA LYS C 355 12.02 13.32 -21.48
C LYS C 355 11.46 11.92 -21.69
N ILE C 356 12.07 10.89 -21.10
CA ILE C 356 11.56 9.53 -21.23
C ILE C 356 10.17 9.43 -20.63
N GLU C 357 9.31 8.66 -21.29
CA GLU C 357 7.97 8.37 -20.79
C GLU C 357 8.07 7.14 -19.89
N GLU C 358 8.23 7.38 -18.60
CA GLU C 358 8.34 6.32 -17.61
C GLU C 358 8.25 6.97 -16.24
N ARG C 359 7.08 6.86 -15.60
CA ARG C 359 6.79 7.65 -14.41
C ARG C 359 7.86 7.48 -13.35
N GLU C 360 8.21 6.23 -13.03
CA GLU C 360 9.15 6.01 -11.93
C GLU C 360 10.53 6.53 -12.26
N LEU C 361 10.93 6.48 -13.54
CA LEU C 361 12.22 7.06 -13.90
C LEU C 361 12.18 8.57 -13.84
N PHE C 362 11.05 9.17 -14.27
CA PHE C 362 10.88 10.62 -14.17
C PHE C 362 10.97 11.07 -12.71
N LYS C 363 10.35 10.32 -11.80
CA LYS C 363 10.45 10.66 -10.38
C LYS C 363 11.89 10.64 -9.89
N THR C 364 12.71 9.71 -10.42
CA THR C 364 14.10 9.63 -10.01
C THR C 364 14.87 10.86 -10.47
N THR C 365 14.68 11.26 -11.73
CA THR C 365 15.35 12.45 -12.23
C THR C 365 14.77 13.71 -11.58
N LEU C 366 13.45 13.73 -11.37
CA LEU C 366 12.82 14.89 -10.74
C LEU C 366 13.36 15.10 -9.33
N ASP C 367 13.60 14.01 -8.60
N ASP C 367 13.65 14.01 -8.62
CA ASP C 367 14.24 14.12 -7.30
CA ASP C 367 14.23 14.13 -7.28
C ASP C 367 15.57 14.85 -7.41
C ASP C 367 15.62 14.76 -7.34
N TYR C 368 16.38 14.50 -8.40
CA TYR C 368 17.65 15.17 -8.58
C TYR C 368 17.46 16.65 -8.91
N TRP C 369 16.54 16.95 -9.83
CA TRP C 369 16.33 18.34 -10.22
C TRP C 369 15.93 19.19 -9.01
N HIS C 370 15.12 18.63 -8.13
CA HIS C 370 14.78 19.35 -6.89
C HIS C 370 16.01 19.62 -6.06
N ASN C 371 16.89 18.61 -5.93
CA ASN C 371 18.15 18.80 -5.24
C ASN C 371 18.95 19.95 -5.85
N LEU C 372 18.99 20.03 -7.17
CA LEU C 372 19.79 21.07 -7.83
C LEU C 372 19.17 22.45 -7.63
N VAL C 373 17.89 22.60 -7.95
CA VAL C 373 17.30 23.94 -7.97
C VAL C 373 17.19 24.49 -6.55
N ALA C 374 16.97 23.63 -5.55
CA ALA C 374 16.97 24.10 -4.18
C ALA C 374 18.35 24.63 -3.77
N ASP C 375 19.41 24.03 -4.32
CA ASP C 375 20.76 24.52 -4.05
C ASP C 375 21.03 25.83 -4.79
N LEU C 376 20.61 25.93 -6.05
CA LEU C 376 20.77 27.17 -6.80
C LEU C 376 19.95 28.30 -6.20
N PHE C 377 18.88 27.97 -5.48
CA PHE C 377 18.05 28.99 -4.85
C PHE C 377 18.80 29.73 -3.74
N TYR C 378 19.77 29.08 -3.11
CA TYR C 378 20.49 29.65 -1.98
C TYR C 378 21.96 29.91 -2.24
N GLU C 379 22.64 29.03 -2.96
CA GLU C 379 24.10 29.10 -3.03
C GLU C 379 24.54 30.28 -3.90
N PRO C 380 25.32 31.23 -3.38
CA PRO C 380 25.73 32.39 -4.18
C PRO C 380 26.51 31.99 -5.43
N LEU C 381 26.21 32.68 -6.53
CA LEU C 381 27.02 32.67 -7.75
C LEU C 381 26.93 31.36 -8.52
N LYS C 382 25.92 30.54 -8.29
CA LYS C 382 25.83 29.24 -8.93
C LYS C 382 24.78 29.16 -10.03
N LYS C 383 23.65 29.84 -9.89
CA LYS C 383 22.55 29.63 -10.84
C LYS C 383 22.93 29.99 -12.26
N HIS C 384 23.84 30.95 -12.45
CA HIS C 384 24.20 31.36 -13.80
C HIS C 384 24.86 30.22 -14.57
N ILE C 385 25.58 29.34 -13.87
CA ILE C 385 26.21 28.19 -14.53
C ILE C 385 25.16 27.35 -15.25
N TYR C 386 23.98 27.20 -14.65
CA TYR C 386 22.97 26.25 -15.10
C TYR C 386 21.84 26.92 -15.85
N GLU C 387 22.03 28.17 -16.29
CA GLU C 387 20.93 28.92 -16.91
C GLU C 387 20.32 28.14 -18.07
N GLU C 388 21.15 27.61 -18.96
CA GLU C 388 20.63 26.91 -20.12
C GLU C 388 19.99 25.57 -19.73
N ILE C 389 20.58 24.87 -18.77
CA ILE C 389 19.97 23.65 -18.27
C ILE C 389 18.59 23.95 -17.69
N CYS C 390 18.50 24.97 -16.83
CA CYS C 390 17.24 25.28 -16.19
C CYS C 390 16.18 25.70 -17.19
N SER C 391 16.59 26.37 -18.27
CA SER C 391 15.63 26.80 -19.28
C SER C 391 15.02 25.59 -19.99
N GLN C 392 15.84 24.60 -20.34
CA GLN C 392 15.30 23.37 -20.91
C GLN C 392 14.42 22.64 -19.93
N LEU C 393 14.79 22.66 -18.64
CA LEU C 393 14.00 21.95 -17.64
C LEU C 393 12.62 22.58 -17.48
N ARG C 394 12.54 23.91 -17.50
CA ARG C 394 11.24 24.56 -17.47
C ARG C 394 10.31 24.00 -18.53
N LEU C 395 10.85 23.81 -19.75
CA LEU C 395 10.06 23.27 -20.84
C LEU C 395 9.64 21.84 -20.55
N VAL C 396 10.56 21.01 -20.04
CA VAL C 396 10.26 19.61 -19.79
C VAL C 396 9.14 19.49 -18.77
N ILE C 397 9.24 20.22 -17.67
N ILE C 397 9.22 20.23 -17.68
CA ILE C 397 8.24 20.13 -16.61
CA ILE C 397 8.22 20.09 -16.62
C ILE C 397 6.89 20.64 -17.10
C ILE C 397 6.88 20.66 -17.07
N ILE C 398 6.88 21.83 -17.71
CA ILE C 398 5.62 22.43 -18.16
C ILE C 398 4.88 21.49 -19.10
N GLU C 399 5.61 20.77 -19.95
CA GLU C 399 5.00 19.90 -20.94
C GLU C 399 4.67 18.51 -20.40
N ASN C 400 5.01 18.23 -19.13
CA ASN C 400 4.75 16.92 -18.56
C ASN C 400 4.07 17.03 -17.19
N MET C 401 3.35 18.12 -16.96
N MET C 401 3.30 18.09 -16.99
CA MET C 401 2.58 18.25 -15.74
CA MET C 401 2.60 18.27 -15.71
C MET C 401 1.51 17.18 -15.69
C MET C 401 1.42 17.31 -15.63
N VAL C 402 1.37 16.54 -14.55
CA VAL C 402 0.30 15.57 -14.34
C VAL C 402 -0.95 16.28 -13.86
N ARG C 403 -2.09 15.65 -14.08
CA ARG C 403 -3.39 16.24 -13.73
C ARG C 403 -3.47 16.48 -12.23
N PRO C 404 -3.73 17.70 -11.77
CA PRO C 404 -3.89 17.93 -10.33
C PRO C 404 -5.17 17.30 -9.79
N GLU C 405 -5.18 17.07 -8.48
CA GLU C 405 -6.34 16.52 -7.80
C GLU C 405 -7.62 17.24 -8.20
N GLU C 406 -7.55 18.57 -8.32
CA GLU C 406 -8.76 19.37 -8.45
C GLU C 406 -9.46 19.17 -9.79
N VAL C 407 -8.72 18.78 -10.83
CA VAL C 407 -9.29 18.66 -12.16
C VAL C 407 -10.00 17.32 -12.26
N LEU C 408 -11.33 17.36 -12.22
CA LEU C 408 -12.14 16.16 -12.15
C LEU C 408 -12.59 15.64 -13.50
N VAL C 409 -12.16 16.27 -14.59
CA VAL C 409 -12.58 15.88 -15.93
C VAL C 409 -11.41 15.16 -16.59
N VAL C 410 -11.71 14.02 -17.23
CA VAL C 410 -10.70 13.17 -17.86
C VAL C 410 -11.26 12.66 -19.18
N GLU C 411 -10.37 12.12 -20.01
CA GLU C 411 -10.74 11.59 -21.31
C GLU C 411 -10.61 10.06 -21.32
N ASN C 412 -11.61 9.40 -21.89
CA ASN C 412 -11.60 7.94 -21.99
C ASN C 412 -12.45 7.47 -23.17
N GLU C 416 -14.08 11.91 -25.81
CA GLU C 416 -14.96 11.57 -24.69
C GLU C 416 -14.40 12.09 -23.38
N ILE C 417 -14.77 13.32 -23.01
CA ILE C 417 -14.30 13.95 -21.78
C ILE C 417 -15.36 13.74 -20.70
N VAL C 418 -15.04 12.92 -19.70
CA VAL C 418 -16.00 12.52 -18.68
C VAL C 418 -15.45 12.83 -17.29
N ARG C 419 -15.90 12.09 -16.28
CA ARG C 419 -15.66 12.42 -14.88
C ARG C 419 -14.81 11.36 -14.21
N GLU C 420 -13.84 11.83 -13.42
CA GLU C 420 -13.00 11.01 -12.56
C GLU C 420 -13.83 9.98 -11.78
N PHE C 421 -13.20 8.87 -11.38
CA PHE C 421 -13.76 7.95 -10.41
C PHE C 421 -12.93 7.84 -9.14
N VAL C 422 -11.60 7.76 -9.28
CA VAL C 422 -10.73 7.35 -8.20
C VAL C 422 -9.74 8.45 -7.89
N LYS C 423 -9.20 8.40 -6.67
CA LYS C 423 -8.17 9.33 -6.22
C LYS C 423 -6.81 8.75 -6.60
N GLU C 424 -6.10 9.42 -7.49
CA GLU C 424 -4.82 8.93 -7.99
C GLU C 424 -3.70 9.49 -7.10
N SER C 425 -3.33 8.73 -6.07
CA SER C 425 -2.34 9.20 -5.11
C SER C 425 -0.91 8.94 -5.57
N ASP C 426 -0.69 7.93 -6.42
CA ASP C 426 0.58 7.85 -7.12
C ASP C 426 0.81 9.12 -7.93
N THR C 427 -0.27 9.75 -8.40
CA THR C 427 -0.21 11.02 -9.11
C THR C 427 -0.21 12.23 -8.17
N ILE C 428 -0.76 12.09 -6.97
CA ILE C 428 -0.78 13.21 -6.03
C ILE C 428 0.63 13.63 -5.66
N GLN C 429 1.45 12.67 -5.22
CA GLN C 429 2.82 13.01 -4.84
C GLN C 429 3.61 13.54 -6.02
N LEU C 430 3.41 12.93 -7.20
CA LEU C 430 4.12 13.40 -8.38
C LEU C 430 3.81 14.86 -8.66
N TYR C 431 2.53 15.23 -8.62
CA TYR C 431 2.18 16.62 -8.89
C TYR C 431 2.87 17.56 -7.90
N LYS C 432 2.86 17.20 -6.61
CA LYS C 432 3.52 18.03 -5.61
C LYS C 432 5.00 18.20 -5.94
N SER C 433 5.65 17.13 -6.39
CA SER C 433 7.07 17.21 -6.71
C SER C 433 7.31 18.06 -7.94
N GLU C 434 6.49 17.90 -8.97
CA GLU C 434 6.61 18.75 -10.15
C GLU C 434 6.40 20.22 -9.80
N ARG C 435 5.40 20.51 -8.98
CA ARG C 435 5.15 21.88 -8.54
C ARG C 435 6.36 22.46 -7.82
N GLU C 436 6.95 21.67 -6.90
CA GLU C 436 8.08 22.17 -6.13
C GLU C 436 9.23 22.59 -7.02
N VAL C 437 9.56 21.78 -8.02
CA VAL C 437 10.67 22.11 -8.90
C VAL C 437 10.32 23.31 -9.77
N LEU C 438 9.10 23.34 -10.31
CA LEU C 438 8.71 24.46 -11.17
C LEU C 438 8.67 25.77 -10.39
N VAL C 439 8.24 25.72 -9.13
CA VAL C 439 8.26 26.92 -8.30
C VAL C 439 9.68 27.44 -8.14
N TYR C 440 10.61 26.55 -7.83
CA TYR C 440 12.01 26.94 -7.73
C TYR C 440 12.51 27.51 -9.05
N LEU C 441 12.18 26.86 -10.16
CA LEU C 441 12.64 27.33 -11.46
C LEU C 441 12.07 28.70 -11.79
N THR C 442 10.84 28.97 -11.35
CA THR C 442 10.26 30.29 -11.57
C THR C 442 11.00 31.36 -10.77
N HIS C 443 11.31 31.07 -9.50
CA HIS C 443 12.10 32.00 -8.70
C HIS C 443 13.46 32.25 -9.32
N LEU C 444 14.06 31.22 -9.92
CA LEU C 444 15.40 31.38 -10.49
C LEU C 444 15.39 32.31 -11.71
N ASN C 445 14.29 32.34 -12.47
CA ASN C 445 14.20 33.23 -13.63
C ASN C 445 12.72 33.41 -13.97
N VAL C 446 12.10 34.43 -13.37
N VAL C 446 12.09 34.39 -13.32
CA VAL C 446 10.67 34.63 -13.54
CA VAL C 446 10.67 34.64 -13.55
C VAL C 446 10.35 35.13 -14.94
C VAL C 446 10.42 35.00 -15.01
N ILE C 447 11.29 35.83 -15.59
CA ILE C 447 11.07 36.30 -16.96
C ILE C 447 11.01 35.13 -17.93
N ASP C 448 11.98 34.22 -17.83
CA ASP C 448 11.99 33.07 -18.73
C ASP C 448 10.73 32.22 -18.56
N THR C 449 10.29 32.02 -17.32
CA THR C 449 9.10 31.21 -17.08
C THR C 449 7.87 31.84 -17.71
N GLU C 450 7.67 33.14 -17.49
CA GLU C 450 6.51 33.80 -18.05
C GLU C 450 6.53 33.78 -19.57
N GLU C 451 7.71 33.98 -20.16
CA GLU C 451 7.80 34.01 -21.62
C GLU C 451 7.48 32.66 -22.23
N ILE C 452 7.91 31.57 -21.58
CA ILE C 452 7.55 30.23 -22.05
C ILE C 452 6.05 30.04 -22.00
N MET C 453 5.44 30.38 -20.86
CA MET C 453 4.01 30.13 -20.67
C MET C 453 3.17 31.02 -21.57
N ILE C 454 3.49 32.31 -21.65
CA ILE C 454 2.71 33.23 -22.45
C ILE C 454 2.81 32.88 -23.93
N SER C 455 3.97 32.43 -24.37
CA SER C 455 4.13 32.05 -25.77
C SER C 455 3.35 30.77 -26.08
N LYS C 456 3.52 29.74 -25.24
CA LYS C 456 2.76 28.52 -25.42
C LYS C 456 1.26 28.82 -25.45
N LEU C 457 0.82 29.76 -24.61
CA LEU C 457 -0.59 30.15 -24.63
C LEU C 457 -0.96 30.80 -25.95
N ALA C 458 -0.13 31.74 -26.42
CA ALA C 458 -0.40 32.42 -27.68
C ALA C 458 -0.59 31.44 -28.83
N ARG C 459 0.03 30.27 -28.75
CA ARG C 459 -0.09 29.26 -29.78
C ARG C 459 -1.24 28.29 -29.52
N GLN C 460 -1.91 28.40 -28.37
CA GLN C 460 -3.20 27.75 -28.19
C GLN C 460 -4.31 28.59 -28.80
N ILE C 461 -4.25 29.91 -28.61
CA ILE C 461 -5.20 30.82 -29.24
C ILE C 461 -5.23 30.60 -30.75
N ASP C 462 -4.04 30.49 -31.35
CA ASP C 462 -3.94 30.29 -32.79
C ASP C 462 -4.49 28.94 -33.24
N GLY C 463 -4.76 28.02 -32.31
CA GLY C 463 -4.97 26.65 -32.72
C GLY C 463 -3.75 26.02 -33.36
N SER C 464 -2.61 26.72 -33.34
CA SER C 464 -1.38 26.22 -33.95
C SER C 464 -0.85 24.98 -33.23
N GLU C 465 -1.08 24.89 -31.91
CA GLU C 465 -0.71 23.72 -31.14
C GLU C 465 -1.88 23.19 -30.30
N TRP C 466 -3.11 23.53 -30.67
CA TRP C 466 -4.25 23.17 -29.85
C TRP C 466 -4.39 21.66 -29.71
N SER C 467 -4.68 21.22 -28.48
CA SER C 467 -5.06 19.85 -28.19
C SER C 467 -5.53 19.82 -26.74
N TRP C 468 -6.29 18.78 -26.40
CA TRP C 468 -6.56 18.53 -24.98
C TRP C 468 -5.28 18.65 -24.18
N HIS C 469 -4.26 17.87 -24.58
CA HIS C 469 -3.06 17.71 -23.79
C HIS C 469 -2.32 19.03 -23.60
N ASN C 470 -2.21 19.83 -24.67
CA ASN C 470 -1.35 21.01 -24.62
C ASN C 470 -1.96 22.12 -23.78
N ILE C 471 -3.27 22.33 -23.88
CA ILE C 471 -3.89 23.37 -23.08
C ILE C 471 -3.97 22.95 -21.62
N ASN C 472 -4.14 21.64 -21.37
CA ASN C 472 -4.23 21.14 -20.01
C ASN C 472 -2.91 21.28 -19.28
N THR C 473 -1.84 20.72 -19.85
CA THR C 473 -0.55 20.75 -19.18
C THR C 473 -0.10 22.20 -18.95
N LEU C 474 -0.38 23.08 -19.93
CA LEU C 474 -0.04 24.49 -19.76
C LEU C 474 -0.85 25.12 -18.64
N SER C 475 -2.15 24.83 -18.59
CA SER C 475 -3.00 25.43 -17.56
C SER C 475 -2.59 24.96 -16.18
N TRP C 476 -2.30 23.67 -16.05
CA TRP C 476 -1.89 23.12 -14.75
C TRP C 476 -0.56 23.74 -14.30
N ALA C 477 0.37 23.92 -15.23
CA ALA C 477 1.63 24.58 -14.91
C ALA C 477 1.39 26.00 -14.44
N ILE C 478 0.54 26.75 -15.15
CA ILE C 478 0.26 28.13 -14.79
C ILE C 478 -0.31 28.20 -13.38
N GLY C 479 -1.27 27.33 -13.06
CA GLY C 479 -1.83 27.33 -11.73
C GLY C 479 -0.82 26.94 -10.66
N SER C 480 0.12 26.06 -11.01
CA SER C 480 1.01 25.50 -10.01
C SER C 480 2.07 26.49 -9.52
N ILE C 481 2.37 27.54 -10.27
CA ILE C 481 3.41 28.50 -9.88
C ILE C 481 2.84 29.68 -9.11
N SER C 482 1.58 29.61 -8.67
CA SER C 482 0.99 30.71 -7.92
C SER C 482 1.82 31.00 -6.67
N GLY C 483 2.09 32.29 -6.44
CA GLY C 483 2.87 32.71 -5.29
C GLY C 483 4.34 32.94 -5.58
N THR C 484 4.79 32.65 -6.80
CA THR C 484 6.20 32.88 -7.15
C THR C 484 6.46 34.32 -7.56
N MET C 485 5.49 34.96 -8.20
CA MET C 485 5.67 36.30 -8.72
C MET C 485 5.26 37.34 -7.68
N SER C 486 5.73 38.56 -7.90
CA SER C 486 5.25 39.69 -7.11
C SER C 486 3.80 39.99 -7.47
N GLU C 487 3.07 40.57 -6.52
CA GLU C 487 1.66 40.85 -6.74
C GLU C 487 1.45 41.61 -8.04
N ASP C 488 2.36 42.53 -8.37
CA ASP C 488 2.19 43.36 -9.57
C ASP C 488 2.38 42.55 -10.84
N THR C 489 3.50 41.82 -10.94
CA THR C 489 3.70 40.96 -12.11
C THR C 489 2.61 39.90 -12.19
N GLU C 490 2.29 39.27 -11.06
CA GLU C 490 1.19 38.32 -11.03
C GLU C 490 -0.07 38.94 -11.61
N LYS C 491 -0.42 40.14 -11.13
CA LYS C 491 -1.59 40.85 -11.65
C LYS C 491 -1.60 40.84 -13.18
N ARG C 492 -0.57 41.43 -13.78
CA ARG C 492 -0.51 41.49 -15.24
C ARG C 492 -0.50 40.09 -15.84
N PHE C 493 0.22 39.16 -15.22
CA PHE C 493 0.30 37.80 -15.71
C PHE C 493 -1.08 37.15 -15.76
N VAL C 494 -1.79 37.15 -14.62
CA VAL C 494 -3.07 36.46 -14.56
C VAL C 494 -4.06 37.10 -15.52
N VAL C 495 -4.09 38.42 -15.60
CA VAL C 495 -4.96 39.11 -16.55
C VAL C 495 -4.74 38.54 -17.95
N THR C 496 -3.48 38.43 -18.36
CA THR C 496 -3.17 37.94 -19.70
C THR C 496 -3.67 36.51 -19.88
N VAL C 497 -3.48 35.66 -18.87
CA VAL C 497 -3.86 34.26 -18.99
C VAL C 497 -5.38 34.12 -19.08
N ILE C 498 -6.10 34.78 -18.17
CA ILE C 498 -7.56 34.65 -18.16
C ILE C 498 -8.14 35.18 -19.47
N LYS C 499 -7.77 36.40 -19.83
CA LYS C 499 -8.26 37.00 -21.06
C LYS C 499 -8.15 36.04 -22.23
N ASP C 500 -7.03 35.32 -22.31
CA ASP C 500 -6.80 34.42 -23.44
C ASP C 500 -7.48 33.07 -23.27
N LEU C 501 -7.64 32.60 -22.03
CA LEU C 501 -8.41 31.39 -21.80
C LEU C 501 -9.88 31.62 -22.12
N LEU C 502 -10.41 32.80 -21.79
CA LEU C 502 -11.78 33.14 -22.15
C LEU C 502 -11.94 33.17 -23.67
N GLY C 503 -11.02 33.83 -24.37
CA GLY C 503 -11.05 33.78 -25.81
C GLY C 503 -11.11 32.37 -26.34
N LEU C 504 -10.38 31.45 -25.70
CA LEU C 504 -10.38 30.06 -26.11
C LEU C 504 -11.71 29.38 -25.79
N CYS C 505 -12.40 29.84 -24.75
CA CYS C 505 -13.69 29.27 -24.38
C CYS C 505 -14.70 29.44 -25.51
N GLU C 506 -14.81 30.67 -26.04
CA GLU C 506 -15.78 30.95 -27.09
C GLU C 506 -15.40 30.30 -28.41
N GLN C 507 -14.11 30.00 -28.60
CA GLN C 507 -13.65 29.45 -29.88
C GLN C 507 -13.99 27.98 -30.03
N LYS C 508 -13.82 27.21 -28.96
CA LYS C 508 -13.95 25.75 -29.01
C LYS C 508 -15.36 25.39 -28.55
N ARG C 509 -16.27 25.16 -29.45
CA ARG C 509 -17.62 24.95 -29.00
C ARG C 509 -18.04 23.56 -28.63
N GLY C 510 -17.31 22.57 -29.05
CA GLY C 510 -17.69 21.24 -28.64
C GLY C 510 -18.12 21.18 -27.20
N LYS C 511 -18.93 20.18 -26.82
CA LYS C 511 -19.24 19.97 -25.42
C LYS C 511 -18.05 19.37 -24.68
N ASP C 512 -17.23 18.58 -25.37
CA ASP C 512 -15.97 18.14 -24.81
C ASP C 512 -14.98 19.30 -24.74
N ASN C 513 -14.86 20.06 -25.83
CA ASN C 513 -14.10 21.30 -25.83
C ASN C 513 -14.41 22.15 -24.60
N LYS C 514 -15.66 22.59 -24.49
CA LYS C 514 -16.03 23.53 -23.43
C LYS C 514 -15.76 22.96 -22.04
N ALA C 515 -15.92 21.64 -21.87
CA ALA C 515 -15.64 21.03 -20.57
C ALA C 515 -14.16 21.08 -20.24
N VAL C 516 -13.30 20.81 -21.24
CA VAL C 516 -11.85 20.87 -21.02
C VAL C 516 -11.45 22.27 -20.59
N VAL C 517 -11.89 23.29 -21.33
CA VAL C 517 -11.45 24.65 -21.06
C VAL C 517 -12.06 25.18 -19.77
N ALA C 518 -13.29 24.76 -19.45
CA ALA C 518 -13.89 25.18 -18.19
C ALA C 518 -13.08 24.67 -17.00
N SER C 519 -12.71 23.39 -17.02
CA SER C 519 -11.92 22.84 -15.93
C SER C 519 -10.59 23.58 -15.79
N ASP C 520 -9.98 23.96 -16.91
CA ASP C 520 -8.69 24.64 -16.87
C ASP C 520 -8.82 26.02 -16.27
N ILE C 521 -9.87 26.76 -16.65
CA ILE C 521 -10.07 28.09 -16.06
C ILE C 521 -10.38 27.97 -14.58
N MET C 522 -11.22 27.00 -14.20
CA MET C 522 -11.54 26.81 -12.79
C MET C 522 -10.28 26.52 -12.00
N TYR C 523 -9.42 25.63 -12.51
CA TYR C 523 -8.19 25.33 -11.80
C TYR C 523 -7.34 26.58 -11.61
N VAL C 524 -7.13 27.33 -12.69
CA VAL C 524 -6.25 28.49 -12.63
C VAL C 524 -6.78 29.52 -11.64
N VAL C 525 -8.06 29.88 -11.77
N VAL C 525 -8.07 29.87 -11.77
CA VAL C 525 -8.62 30.93 -10.92
CA VAL C 525 -8.63 30.93 -10.93
C VAL C 525 -8.59 30.48 -9.45
C VAL C 525 -8.63 30.50 -9.46
N GLY C 526 -8.91 29.21 -9.19
CA GLY C 526 -8.85 28.72 -7.84
C GLY C 526 -7.47 28.77 -7.23
N GLN C 527 -6.43 28.82 -8.08
CA GLN C 527 -5.05 28.81 -7.60
C GLN C 527 -4.50 30.20 -7.31
N TYR C 528 -5.23 31.26 -7.65
CA TYR C 528 -4.75 32.64 -7.48
C TYR C 528 -5.69 33.44 -6.59
N PRO C 529 -5.87 33.03 -5.33
CA PRO C 529 -6.75 33.79 -4.44
C PRO C 529 -6.23 35.17 -4.12
N ARG C 530 -4.91 35.37 -4.04
CA ARG C 530 -4.39 36.71 -3.80
C ARG C 530 -4.91 37.69 -4.85
N PHE C 531 -4.93 37.25 -6.11
CA PHE C 531 -5.47 38.09 -7.18
C PHE C 531 -6.95 38.36 -6.96
N LEU C 532 -7.71 37.32 -6.59
CA LEU C 532 -9.15 37.49 -6.40
C LEU C 532 -9.44 38.46 -5.27
N LYS C 533 -8.67 38.41 -4.18
CA LYS C 533 -8.94 39.28 -3.05
C LYS C 533 -8.78 40.74 -3.41
N ALA C 534 -7.96 41.05 -4.41
CA ALA C 534 -7.67 42.44 -4.77
C ALA C 534 -8.58 42.97 -5.87
N HIS C 535 -9.37 42.12 -6.52
CA HIS C 535 -10.23 42.51 -7.63
C HIS C 535 -11.64 41.98 -7.35
N TRP C 536 -12.33 42.60 -6.39
CA TRP C 536 -13.65 42.13 -6.00
C TRP C 536 -14.58 41.96 -7.21
N ASN C 537 -14.58 42.93 -8.11
CA ASN C 537 -15.45 42.85 -9.28
C ASN C 537 -15.25 41.55 -10.02
N PHE C 538 -14.00 41.12 -10.19
CA PHE C 538 -13.73 39.85 -10.86
C PHE C 538 -14.14 38.68 -9.99
N LEU C 539 -13.86 38.74 -8.69
CA LEU C 539 -14.24 37.67 -7.79
C LEU C 539 -15.74 37.42 -7.84
N ARG C 540 -16.53 38.49 -7.74
CA ARG C 540 -17.99 38.34 -7.84
C ARG C 540 -18.38 37.66 -9.14
N THR C 541 -17.76 38.07 -10.25
CA THR C 541 -18.06 37.45 -11.54
C THR C 541 -17.71 35.98 -11.54
N VAL C 542 -16.53 35.63 -10.99
CA VAL C 542 -16.14 34.23 -10.92
C VAL C 542 -17.16 33.41 -10.15
N ILE C 543 -17.56 33.90 -8.98
CA ILE C 543 -18.50 33.15 -8.14
C ILE C 543 -19.82 32.95 -8.88
N LEU C 544 -20.35 34.01 -9.49
CA LEU C 544 -21.60 33.87 -10.22
C LEU C 544 -21.45 32.87 -11.36
N LYS C 545 -20.29 32.88 -12.02
CA LYS C 545 -20.06 31.90 -13.08
C LYS C 545 -20.04 30.48 -12.52
N LEU C 546 -19.43 30.29 -11.34
CA LEU C 546 -19.45 28.97 -10.72
C LEU C 546 -20.88 28.56 -10.39
N PHE C 547 -21.70 29.50 -9.92
CA PHE C 547 -23.10 29.18 -9.65
C PHE C 547 -23.81 28.73 -10.92
N LYS C 548 -23.45 29.32 -12.07
CA LYS C 548 -24.07 28.88 -13.32
C LYS C 548 -23.60 27.49 -13.70
N PHE C 549 -22.31 27.19 -13.48
CA PHE C 549 -21.80 25.85 -13.72
C PHE C 549 -22.45 24.81 -12.82
N MET C 550 -23.05 25.23 -11.70
CA MET C 550 -23.76 24.28 -10.86
C MET C 550 -25.05 23.80 -11.51
N HIS C 551 -25.43 24.36 -12.65
CA HIS C 551 -26.55 23.85 -13.44
C HIS C 551 -26.08 23.19 -14.73
N GLU C 552 -24.78 22.99 -14.89
CA GLU C 552 -24.26 22.29 -16.05
C GLU C 552 -24.79 20.87 -16.09
N THR C 553 -25.12 20.39 -17.30
CA THR C 553 -25.48 19.00 -17.48
C THR C 553 -24.28 18.07 -17.44
N HIS C 554 -23.08 18.58 -17.74
CA HIS C 554 -21.86 17.80 -17.61
C HIS C 554 -21.53 17.63 -16.13
N GLU C 555 -21.63 16.41 -15.63
CA GLU C 555 -21.48 16.17 -14.20
C GLU C 555 -20.10 16.56 -13.70
N GLY C 556 -19.07 16.41 -14.55
CA GLY C 556 -17.73 16.76 -14.14
C GLY C 556 -17.55 18.26 -13.90
N VAL C 557 -17.94 19.07 -14.88
CA VAL C 557 -17.88 20.52 -14.69
C VAL C 557 -18.68 20.93 -13.46
N GLN C 558 -19.84 20.30 -13.26
CA GLN C 558 -20.71 20.66 -12.14
C GLN C 558 -20.02 20.38 -10.81
N ASP C 559 -19.47 19.17 -10.66
CA ASP C 559 -18.80 18.82 -9.42
C ASP C 559 -17.58 19.71 -9.19
N MET C 560 -16.82 19.99 -10.24
CA MET C 560 -15.64 20.83 -10.10
C MET C 560 -16.00 22.25 -9.68
N ALA C 561 -17.13 22.76 -10.15
CA ALA C 561 -17.55 24.10 -9.76
C ALA C 561 -17.81 24.19 -8.27
N CYS C 562 -18.39 23.14 -7.68
CA CYS C 562 -18.63 23.14 -6.24
C CYS C 562 -17.32 23.10 -5.47
N ASP C 563 -16.37 22.28 -5.92
CA ASP C 563 -15.08 22.21 -5.24
C ASP C 563 -14.31 23.51 -5.36
N THR C 564 -14.36 24.14 -6.54
CA THR C 564 -13.67 25.43 -6.72
C THR C 564 -14.31 26.51 -5.87
N PHE C 565 -15.64 26.49 -5.73
CA PHE C 565 -16.32 27.46 -4.89
C PHE C 565 -15.80 27.42 -3.47
N ILE C 566 -15.77 26.23 -2.86
CA ILE C 566 -15.31 26.15 -1.48
C ILE C 566 -13.81 26.39 -1.41
N LYS C 567 -13.06 25.97 -2.43
CA LYS C 567 -11.63 26.25 -2.46
C LYS C 567 -11.36 27.76 -2.47
N ILE C 568 -12.13 28.52 -3.24
CA ILE C 568 -11.97 29.97 -3.25
C ILE C 568 -12.42 30.56 -1.92
N VAL C 569 -13.53 30.06 -1.36
CA VAL C 569 -14.07 30.63 -0.13
C VAL C 569 -13.09 30.44 1.02
N GLN C 570 -12.45 29.27 1.10
CA GLN C 570 -11.52 29.02 2.19
C GLN C 570 -10.44 30.09 2.28
N LYS C 571 -10.09 30.70 1.15
CA LYS C 571 -9.04 31.71 1.12
C LYS C 571 -9.56 33.14 1.11
N CYS C 572 -10.73 33.39 0.51
CA CYS C 572 -11.22 34.74 0.28
C CYS C 572 -12.45 35.08 1.10
N LYS C 573 -12.80 34.24 2.08
CA LYS C 573 -14.07 34.37 2.80
C LYS C 573 -14.31 35.78 3.33
N TYR C 574 -13.25 36.47 3.76
CA TYR C 574 -13.43 37.79 4.37
C TYR C 574 -14.14 38.74 3.41
N HIS C 575 -13.85 38.64 2.12
CA HIS C 575 -14.47 39.52 1.14
C HIS C 575 -15.93 39.19 0.88
N PHE C 576 -16.47 38.15 1.51
CA PHE C 576 -17.87 37.81 1.36
C PHE C 576 -18.74 38.28 2.54
N VAL C 577 -18.13 38.66 3.66
CA VAL C 577 -18.88 39.06 4.85
C VAL C 577 -18.99 40.58 4.93
N ILE C 578 -17.96 41.28 4.44
CA ILE C 578 -17.99 42.74 4.48
C ILE C 578 -18.88 43.26 3.36
N GLN C 579 -19.37 44.49 3.54
CA GLN C 579 -20.08 45.17 2.47
C GLN C 579 -19.07 45.85 1.56
N GLN C 580 -19.02 45.41 0.31
CA GLN C 580 -18.05 45.97 -0.61
C GLN C 580 -18.55 47.31 -1.15
N PRO C 581 -17.65 48.21 -1.55
CA PRO C 581 -18.08 49.40 -2.27
C PRO C 581 -18.91 49.02 -3.49
N ARG C 582 -19.89 49.86 -3.81
CA ARG C 582 -20.79 49.67 -4.93
C ARG C 582 -21.78 48.52 -4.71
N GLU C 583 -21.79 47.90 -3.53
CA GLU C 583 -22.65 46.75 -3.26
C GLU C 583 -23.69 47.12 -2.21
N SER C 584 -24.91 46.62 -2.41
CA SER C 584 -26.01 46.91 -1.51
C SER C 584 -26.04 46.05 -0.26
N GLU C 585 -25.23 45.00 -0.20
CA GLU C 585 -25.21 44.11 0.95
C GLU C 585 -23.98 43.20 0.89
N PRO C 586 -23.50 42.71 2.03
CA PRO C 586 -22.45 41.68 1.99
C PRO C 586 -22.86 40.56 1.05
N PHE C 587 -21.89 40.01 0.32
CA PHE C 587 -22.22 39.03 -0.69
C PHE C 587 -22.77 37.75 -0.08
N ILE C 588 -22.39 37.44 1.16
CA ILE C 588 -22.97 36.29 1.84
C ILE C 588 -24.49 36.40 1.87
N GLN C 589 -24.99 37.62 2.05
CA GLN C 589 -26.43 37.84 2.02
C GLN C 589 -27.01 37.42 0.67
N THR C 590 -26.37 37.84 -0.42
CA THR C 590 -26.86 37.48 -1.75
C THR C 590 -26.82 35.98 -1.97
N ILE C 591 -25.77 35.30 -1.49
CA ILE C 591 -25.67 33.85 -1.67
C ILE C 591 -26.80 33.16 -0.94
N ILE C 592 -27.01 33.51 0.32
CA ILE C 592 -28.02 32.82 1.13
C ILE C 592 -29.40 33.00 0.53
N ARG C 593 -29.71 34.21 0.06
CA ARG C 593 -31.06 34.51 -0.41
C ARG C 593 -31.47 33.63 -1.57
N ASP C 594 -30.53 33.26 -2.44
CA ASP C 594 -30.84 32.48 -3.63
C ASP C 594 -30.29 31.06 -3.56
N ILE C 595 -30.09 30.54 -2.34
CA ILE C 595 -29.44 29.25 -2.18
C ILE C 595 -30.29 28.11 -2.75
N GLN C 596 -31.61 28.22 -2.65
CA GLN C 596 -32.46 27.16 -3.21
C GLN C 596 -32.33 27.10 -4.72
N LYS C 597 -32.32 28.26 -5.35
CA LYS C 597 -32.16 28.34 -6.80
C LYS C 597 -30.77 27.85 -7.22
N THR C 598 -29.73 28.31 -6.53
CA THR C 598 -28.36 27.97 -6.89
C THR C 598 -28.09 26.48 -6.81
N THR C 599 -28.65 25.82 -5.81
CA THR C 599 -28.32 24.43 -5.52
C THR C 599 -29.37 23.45 -6.03
N ALA C 600 -30.31 23.92 -6.87
CA ALA C 600 -31.46 23.11 -7.22
C ALA C 600 -31.07 21.87 -8.01
N ASP C 601 -30.02 21.95 -8.84
CA ASP C 601 -29.62 20.85 -9.71
C ASP C 601 -28.49 20.02 -9.14
N LEU C 602 -28.06 20.29 -7.91
CA LEU C 602 -26.94 19.59 -7.31
C LEU C 602 -27.40 18.32 -6.60
N GLN C 603 -26.52 17.33 -6.59
CA GLN C 603 -26.74 16.16 -5.77
C GLN C 603 -26.65 16.56 -4.29
N PRO C 604 -27.24 15.76 -3.40
CA PRO C 604 -27.23 16.14 -1.97
C PRO C 604 -25.84 16.36 -1.40
N GLN C 605 -24.89 15.50 -1.72
CA GLN C 605 -23.52 15.67 -1.24
C GLN C 605 -22.97 17.03 -1.65
N GLN C 606 -23.31 17.49 -2.85
CA GLN C 606 -22.81 18.77 -3.33
C GLN C 606 -23.52 19.94 -2.65
N VAL C 607 -24.83 19.79 -2.38
CA VAL C 607 -25.53 20.82 -1.62
C VAL C 607 -24.90 21.01 -0.26
N HIS C 608 -24.48 19.91 0.37
CA HIS C 608 -23.88 20.00 1.69
C HIS C 608 -22.55 20.75 1.65
N THR C 609 -21.75 20.50 0.60
CA THR C 609 -20.52 21.28 0.42
C THR C 609 -20.81 22.76 0.26
N PHE C 610 -21.88 23.09 -0.46
CA PHE C 610 -22.27 24.49 -0.62
C PHE C 610 -22.58 25.13 0.72
N TYR C 611 -23.38 24.44 1.55
CA TYR C 611 -23.69 24.94 2.88
C TYR C 611 -22.44 25.05 3.74
N LYS C 612 -21.54 24.07 3.63
CA LYS C 612 -20.30 24.14 4.39
C LYS C 612 -19.50 25.39 4.02
N ALA C 613 -19.45 25.72 2.73
CA ALA C 613 -18.73 26.92 2.31
C ALA C 613 -19.37 28.18 2.90
N CYS C 614 -20.70 28.24 2.89
CA CYS C 614 -21.38 29.37 3.53
C CYS C 614 -21.03 29.47 5.00
N GLY C 615 -20.91 28.32 5.68
CA GLY C 615 -20.53 28.34 7.08
C GLY C 615 -19.15 28.91 7.32
N ILE C 616 -18.21 28.61 6.41
CA ILE C 616 -16.89 29.22 6.48
C ILE C 616 -17.01 30.74 6.47
N ILE C 617 -17.77 31.28 5.53
CA ILE C 617 -17.96 32.72 5.42
C ILE C 617 -18.58 33.26 6.70
N ILE C 618 -19.67 32.64 7.16
CA ILE C 618 -20.41 33.15 8.30
C ILE C 618 -19.53 33.23 9.54
N SER C 619 -18.59 32.29 9.69
CA SER C 619 -17.72 32.30 10.86
C SER C 619 -16.72 33.45 10.86
N GLU C 620 -16.58 34.16 9.74
CA GLU C 620 -15.75 35.36 9.73
C GLU C 620 -16.40 36.54 10.43
N GLU C 621 -17.71 36.50 10.64
CA GLU C 621 -18.43 37.58 11.30
C GLU C 621 -18.29 37.40 12.80
N ARG C 622 -17.52 38.26 13.45
CA ARG C 622 -17.26 38.11 14.87
C ARG C 622 -18.28 38.81 15.76
N SER C 623 -19.15 39.66 15.19
CA SER C 623 -20.28 40.18 15.94
C SER C 623 -21.28 39.06 16.17
N VAL C 624 -21.40 38.61 17.43
CA VAL C 624 -22.17 37.41 17.73
C VAL C 624 -23.60 37.54 17.22
N ALA C 625 -24.23 38.69 17.46
CA ALA C 625 -25.62 38.86 17.06
C ALA C 625 -25.77 38.71 15.56
N GLU C 626 -24.89 39.34 14.78
CA GLU C 626 -24.99 39.25 13.33
C GLU C 626 -24.67 37.84 12.84
N ARG C 627 -23.68 37.19 13.46
CA ARG C 627 -23.31 35.85 13.03
C ARG C 627 -24.48 34.88 13.22
N ASN C 628 -25.05 34.85 14.42
CA ASN C 628 -26.21 33.97 14.67
C ASN C 628 -27.35 34.27 13.72
N ARG C 629 -27.51 35.53 13.31
CA ARG C 629 -28.59 35.84 12.39
C ARG C 629 -28.28 35.34 10.98
N LEU C 630 -27.00 35.40 10.57
CA LEU C 630 -26.61 34.75 9.32
C LEU C 630 -26.82 33.23 9.41
N LEU C 631 -26.45 32.63 10.54
CA LEU C 631 -26.61 31.19 10.70
C LEU C 631 -28.06 30.78 10.53
N SER C 632 -28.98 31.46 11.22
CA SER C 632 -30.39 31.10 11.11
C SER C 632 -30.91 31.32 9.69
N ASP C 633 -30.41 32.36 9.02
CA ASP C 633 -30.79 32.56 7.62
C ASP C 633 -30.31 31.42 6.75
N LEU C 634 -29.04 31.02 6.93
CA LEU C 634 -28.50 29.92 6.13
C LEU C 634 -29.30 28.63 6.33
N MET C 635 -29.70 28.36 7.57
CA MET C 635 -30.39 27.11 7.89
C MET C 635 -31.89 27.20 7.69
N GLN C 636 -32.38 28.24 7.02
CA GLN C 636 -33.83 28.42 6.86
C GLN C 636 -34.48 27.19 6.25
N LEU C 637 -34.00 26.78 5.07
CA LEU C 637 -34.62 25.65 4.38
C LEU C 637 -34.57 24.37 5.19
N PRO C 638 -33.41 23.91 5.68
CA PRO C 638 -33.42 22.67 6.48
C PRO C 638 -34.23 22.79 7.76
N ASN C 639 -34.24 23.96 8.40
CA ASN C 639 -35.00 24.11 9.64
C ASN C 639 -36.50 24.11 9.38
N MET C 640 -36.94 24.64 8.25
CA MET C 640 -38.35 24.56 7.89
C MET C 640 -38.74 23.12 7.58
N ALA C 641 -37.92 22.43 6.78
CA ALA C 641 -38.17 21.02 6.52
C ALA C 641 -38.13 20.21 7.80
N TRP C 642 -37.21 20.56 8.71
CA TRP C 642 -37.15 19.91 10.00
C TRP C 642 -38.43 20.14 10.80
N ASP C 643 -38.84 21.40 10.93
CA ASP C 643 -40.04 21.69 11.70
C ASP C 643 -41.25 20.95 11.14
N THR C 644 -41.36 20.90 9.81
CA THR C 644 -42.44 20.13 9.18
C THR C 644 -42.31 18.65 9.51
N ILE C 645 -41.10 18.10 9.40
CA ILE C 645 -40.94 16.65 9.48
C ILE C 645 -41.13 16.17 10.91
N VAL C 646 -40.87 17.01 11.89
CA VAL C 646 -41.00 16.58 13.29
C VAL C 646 -42.42 16.78 13.79
N GLU C 647 -43.10 17.85 13.37
CA GLU C 647 -44.51 17.99 13.72
C GLU C 647 -45.31 16.83 13.13
N GLN C 648 -44.94 16.38 11.94
CA GLN C 648 -45.62 15.28 11.27
C GLN C 648 -45.11 13.91 11.71
N SER C 649 -44.07 13.87 12.54
CA SER C 649 -43.57 12.62 13.11
C SER C 649 -44.02 12.41 14.55
N THR C 650 -44.11 13.47 15.34
CA THR C 650 -44.68 13.34 16.68
C THR C 650 -46.11 12.83 16.62
N ALA C 651 -46.98 13.54 15.90
CA ALA C 651 -48.31 13.04 15.61
C ALA C 651 -48.22 11.85 14.66
N ASN C 652 -48.90 10.77 15.02
CA ASN C 652 -48.76 9.47 14.37
C ASN C 652 -47.29 9.20 14.04
N PRO C 653 -46.52 8.57 14.94
CA PRO C 653 -45.11 8.29 14.71
C PRO C 653 -44.88 7.06 13.82
N THR C 654 -45.55 7.04 12.68
CA THR C 654 -45.35 5.99 11.69
C THR C 654 -44.89 6.52 10.35
N LEU C 655 -45.00 7.83 10.11
CA LEU C 655 -44.62 8.37 8.80
C LEU C 655 -43.17 8.09 8.46
N LEU C 656 -42.34 7.76 9.46
CA LEU C 656 -40.96 7.36 9.21
C LEU C 656 -40.86 6.04 8.47
N LEU C 657 -41.98 5.34 8.26
CA LEU C 657 -41.97 4.20 7.34
C LEU C 657 -41.57 4.63 5.94
N ASP C 658 -41.84 5.88 5.57
CA ASP C 658 -41.64 6.34 4.22
C ASP C 658 -40.15 6.49 3.92
N SER C 659 -39.67 5.73 2.94
CA SER C 659 -38.28 5.84 2.52
C SER C 659 -37.95 7.27 2.06
N GLU C 660 -38.91 7.95 1.43
CA GLU C 660 -38.68 9.33 1.02
C GLU C 660 -38.51 10.23 2.24
N THR C 661 -39.25 9.97 3.31
CA THR C 661 -39.11 10.75 4.53
C THR C 661 -37.77 10.50 5.19
N VAL C 662 -37.33 9.24 5.22
CA VAL C 662 -36.04 8.91 5.81
C VAL C 662 -34.91 9.62 5.07
N LYS C 663 -34.98 9.63 3.73
CA LYS C 663 -33.98 10.33 2.95
C LYS C 663 -33.96 11.82 3.27
N ILE C 664 -35.15 12.43 3.41
CA ILE C 664 -35.22 13.85 3.70
C ILE C 664 -34.58 14.16 5.05
N ILE C 665 -34.85 13.33 6.05
CA ILE C 665 -34.29 13.55 7.38
C ILE C 665 -32.76 13.45 7.34
N ALA C 666 -32.25 12.38 6.73
CA ALA C 666 -30.81 12.19 6.68
C ALA C 666 -30.12 13.38 6.04
N ASN C 667 -30.70 13.94 4.97
CA ASN C 667 -30.08 15.09 4.32
C ASN C 667 -30.16 16.34 5.18
N ILE C 668 -31.22 16.51 5.96
CA ILE C 668 -31.28 17.64 6.89
C ILE C 668 -30.14 17.55 7.89
N ILE C 669 -29.94 16.39 8.50
CA ILE C 669 -28.88 16.23 9.48
CA ILE C 669 -28.88 16.25 9.49
C ILE C 669 -27.51 16.38 8.82
N LYS C 670 -27.33 15.78 7.64
CA LYS C 670 -26.08 15.92 6.92
C LYS C 670 -25.76 17.38 6.61
N THR C 671 -26.79 18.19 6.36
CA THR C 671 -26.57 19.62 6.14
C THR C 671 -26.08 20.28 7.43
N ASN C 672 -26.72 19.97 8.55
CA ASN C 672 -26.25 20.47 9.84
C ASN C 672 -24.82 20.04 10.12
N VAL C 673 -24.49 18.78 9.80
CA VAL C 673 -23.12 18.31 9.98
C VAL C 673 -22.16 19.14 9.15
N ALA C 674 -22.54 19.46 7.91
CA ALA C 674 -21.65 20.21 7.03
C ALA C 674 -21.36 21.60 7.58
N VAL C 675 -22.41 22.29 8.04
CA VAL C 675 -22.22 23.64 8.56
C VAL C 675 -21.49 23.60 9.89
N CYS C 676 -21.77 22.59 10.72
CA CYS C 676 -21.06 22.47 11.98
C CYS C 676 -19.57 22.22 11.75
N THR C 677 -19.23 21.49 10.70
CA THR C 677 -17.82 21.19 10.43
C THR C 677 -17.02 22.46 10.22
N SER C 678 -17.57 23.45 9.51
CA SER C 678 -16.84 24.67 9.22
C SER C 678 -17.04 25.75 10.27
N MET C 679 -18.13 25.71 11.03
CA MET C 679 -18.41 26.76 12.01
C MET C 679 -17.94 26.41 13.41
N GLY C 680 -17.86 25.12 13.74
CA GLY C 680 -17.28 24.74 15.02
C GLY C 680 -18.10 25.26 16.19
N ALA C 681 -17.41 25.94 17.12
CA ALA C 681 -18.07 26.43 18.32
C ALA C 681 -19.20 27.39 17.99
N ASP C 682 -19.10 28.09 16.86
CA ASP C 682 -20.13 29.05 16.46
C ASP C 682 -21.46 28.39 16.09
N PHE C 683 -21.47 27.07 15.90
CA PHE C 683 -22.69 26.37 15.48
C PHE C 683 -23.68 26.18 16.60
N TYR C 684 -23.29 26.45 17.86
CA TYR C 684 -24.12 26.08 19.00
C TYR C 684 -25.55 26.60 18.91
N PRO C 685 -25.82 27.84 18.51
CA PRO C 685 -27.23 28.29 18.44
C PRO C 685 -28.09 27.40 17.56
N GLN C 686 -27.56 26.95 16.41
CA GLN C 686 -28.34 26.07 15.54
C GLN C 686 -28.52 24.70 16.15
N LEU C 687 -27.48 24.15 16.79
CA LEU C 687 -27.61 22.86 17.45
C LEU C 687 -28.68 22.91 18.52
N GLY C 688 -28.73 23.98 19.30
CA GLY C 688 -29.75 24.13 20.31
C GLY C 688 -31.16 24.19 19.74
N HIS C 689 -31.29 24.61 18.48
CA HIS C 689 -32.61 24.70 17.87
C HIS C 689 -33.21 23.33 17.62
N ILE C 690 -32.38 22.32 17.34
CA ILE C 690 -32.87 21.01 16.94
C ILE C 690 -32.56 19.92 17.95
N TYR C 691 -31.75 20.21 18.97
CA TYR C 691 -31.14 19.16 19.78
C TYR C 691 -32.19 18.25 20.40
N TYR C 692 -33.13 18.82 21.14
CA TYR C 692 -34.10 18.01 21.89
C TYR C 692 -34.93 17.15 20.94
N ASN C 693 -35.50 17.77 19.90
CA ASN C 693 -36.28 17.00 18.94
C ASN C 693 -35.40 15.99 18.19
N MET C 694 -34.11 16.31 18.02
CA MET C 694 -33.23 15.39 17.30
C MET C 694 -32.97 14.13 18.12
N LEU C 695 -32.78 14.28 19.44
CA LEU C 695 -32.58 13.10 20.28
C LEU C 695 -33.88 12.30 20.41
N GLN C 696 -35.02 12.99 20.46
CA GLN C 696 -36.30 12.28 20.42
C GLN C 696 -36.44 11.50 19.12
N LEU C 697 -36.03 12.09 18.00
CA LEU C 697 -36.02 11.37 16.74
C LEU C 697 -35.07 10.18 16.80
N TYR C 698 -33.90 10.36 17.40
CA TYR C 698 -32.97 9.25 17.58
C TYR C 698 -33.65 8.05 18.24
N ARG C 699 -34.39 8.31 19.33
CA ARG C 699 -35.11 7.24 20.01
C ARG C 699 -36.18 6.63 19.12
N ALA C 700 -36.91 7.47 18.38
CA ALA C 700 -37.99 6.97 17.54
C ALA C 700 -37.45 6.07 16.44
N VAL C 701 -36.36 6.46 15.80
N VAL C 701 -36.38 6.49 15.77
CA VAL C 701 -35.81 5.62 14.73
CA VAL C 701 -35.76 5.66 14.75
C VAL C 701 -35.17 4.36 15.30
C VAL C 701 -35.26 4.35 15.36
N SER C 702 -34.65 4.42 16.53
CA SER C 702 -34.13 3.22 17.17
C SER C 702 -35.25 2.20 17.41
N SER C 703 -36.41 2.66 17.87
CA SER C 703 -37.53 1.74 18.07
C SER C 703 -37.94 1.08 16.76
N MET C 704 -37.88 1.83 15.65
CA MET C 704 -38.26 1.26 14.36
C MET C 704 -37.29 0.16 13.95
N ILE C 705 -35.99 0.41 14.10
CA ILE C 705 -34.99 -0.59 13.72
C ILE C 705 -35.20 -1.86 14.52
N SER C 706 -35.30 -1.73 15.85
CA SER C 706 -35.54 -2.89 16.70
C SER C 706 -36.81 -3.62 16.28
N ALA C 707 -37.87 -2.87 15.97
CA ALA C 707 -39.13 -3.49 15.57
C ALA C 707 -38.95 -4.27 14.27
N GLN C 708 -38.18 -3.73 13.32
CA GLN C 708 -37.97 -4.41 12.05
C GLN C 708 -37.13 -5.66 12.23
N VAL C 709 -36.07 -5.59 13.04
CA VAL C 709 -35.25 -6.77 13.30
C VAL C 709 -36.11 -7.86 13.94
N ALA C 710 -36.99 -7.49 14.86
CA ALA C 710 -37.82 -8.47 15.54
C ALA C 710 -38.80 -9.12 14.58
N ALA C 711 -39.32 -8.35 13.63
CA ALA C 711 -40.35 -8.85 12.71
C ALA C 711 -39.76 -9.55 11.50
N GLU C 712 -38.57 -9.16 11.04
CA GLU C 712 -37.98 -9.71 9.83
C GLU C 712 -36.71 -10.51 10.05
N GLY C 713 -36.11 -10.46 11.24
CA GLY C 713 -34.85 -11.13 11.49
C GLY C 713 -33.66 -10.21 11.27
N LEU C 714 -32.49 -10.75 11.57
CA LEU C 714 -31.25 -9.98 11.41
C LEU C 714 -31.09 -9.46 9.99
N ILE C 715 -31.58 -10.20 9.00
CA ILE C 715 -31.44 -9.77 7.62
C ILE C 715 -32.02 -8.37 7.42
N ALA C 716 -32.93 -7.94 8.30
CA ALA C 716 -33.51 -6.61 8.17
C ALA C 716 -32.44 -5.52 8.15
N THR C 717 -31.32 -5.74 8.83
CA THR C 717 -30.27 -4.73 8.89
C THR C 717 -29.64 -4.47 7.53
N LYS C 718 -29.78 -5.41 6.59
CA LYS C 718 -29.27 -5.23 5.24
C LYS C 718 -30.23 -4.50 4.32
N THR C 719 -31.49 -4.33 4.73
CA THR C 719 -32.49 -3.77 3.85
C THR C 719 -32.27 -2.27 3.66
N PRO C 720 -32.66 -1.72 2.51
CA PRO C 720 -32.54 -0.27 2.33
C PRO C 720 -33.29 0.53 3.38
N LYS C 721 -34.41 0.02 3.88
CA LYS C 721 -35.18 0.76 4.87
C LYS C 721 -34.41 0.91 6.18
N VAL C 722 -33.89 -0.20 6.71
CA VAL C 722 -33.19 -0.13 7.99
C VAL C 722 -31.85 0.58 7.83
N ARG C 723 -31.18 0.38 6.69
CA ARG C 723 -29.92 1.10 6.45
C ARG C 723 -30.15 2.60 6.46
N GLY C 724 -31.27 3.05 5.89
CA GLY C 724 -31.58 4.48 5.91
C GLY C 724 -31.91 4.98 7.30
N LEU C 725 -32.57 4.15 8.11
CA LEU C 725 -32.85 4.52 9.49
C LEU C 725 -31.58 4.61 10.31
N ARG C 726 -30.63 3.70 10.07
CA ARG C 726 -29.36 3.76 10.80
C ARG C 726 -28.51 4.93 10.35
N THR C 727 -28.60 5.31 9.08
CA THR C 727 -27.92 6.53 8.61
C THR C 727 -28.38 7.73 9.43
N ILE C 728 -29.67 7.82 9.76
CA ILE C 728 -30.16 8.90 10.58
C ILE C 728 -29.44 8.90 11.93
N LYS C 729 -29.38 7.72 12.57
CA LYS C 729 -28.71 7.63 13.86
C LYS C 729 -27.23 7.99 13.74
N LYS C 730 -26.56 7.46 12.71
CA LYS C 730 -25.14 7.73 12.54
C LYS C 730 -24.88 9.22 12.35
N GLU C 731 -25.71 9.89 11.54
CA GLU C 731 -25.49 11.32 11.28
C GLU C 731 -25.76 12.15 12.54
N ILE C 732 -26.80 11.79 13.30
CA ILE C 732 -27.03 12.46 14.58
C ILE C 732 -25.80 12.36 15.47
N LEU C 733 -25.24 11.15 15.58
CA LEU C 733 -24.03 10.97 16.37
C LEU C 733 -22.88 11.78 15.81
N LYS C 734 -22.75 11.83 14.48
CA LYS C 734 -21.67 12.60 13.88
C LYS C 734 -21.83 14.09 14.15
N LEU C 735 -23.06 14.59 14.12
CA LEU C 735 -23.30 16.01 14.39
C LEU C 735 -22.90 16.36 15.82
N VAL C 736 -23.30 15.55 16.78
CA VAL C 736 -22.96 15.80 18.18
C VAL C 736 -21.45 15.68 18.38
N GLU C 737 -20.85 14.63 17.82
CA GLU C 737 -19.41 14.47 17.92
C GLU C 737 -18.67 15.65 17.31
N THR C 738 -19.12 16.10 16.14
CA THR C 738 -18.46 17.21 15.46
C THR C 738 -18.49 18.47 16.33
N TYR C 739 -19.66 18.82 16.87
CA TYR C 739 -19.74 20.02 17.68
C TYR C 739 -18.88 19.89 18.94
N ILE C 740 -19.05 18.80 19.69
CA ILE C 740 -18.34 18.67 20.95
C ILE C 740 -16.83 18.71 20.73
N SER C 741 -16.36 18.17 19.60
CA SER C 741 -14.92 18.16 19.35
C SER C 741 -14.38 19.57 19.13
N LYS C 742 -15.22 20.52 18.76
CA LYS C 742 -14.80 21.90 18.52
C LYS C 742 -15.37 22.88 19.53
N ALA C 743 -16.12 22.41 20.52
CA ALA C 743 -16.78 23.31 21.44
C ALA C 743 -15.78 24.07 22.30
N ARG C 744 -16.05 25.35 22.55
CA ARG C 744 -15.26 26.14 23.47
C ARG C 744 -15.96 26.37 24.80
N ASN C 745 -17.28 26.24 24.86
CA ASN C 745 -18.04 26.38 26.10
C ASN C 745 -18.36 24.98 26.61
N LEU C 746 -17.45 24.42 27.41
CA LEU C 746 -17.63 23.07 27.94
C LEU C 746 -18.67 23.01 29.03
N ASP C 747 -18.96 24.13 29.70
CA ASP C 747 -20.03 24.14 30.69
C ASP C 747 -21.37 23.82 30.04
N ASP C 748 -21.66 24.47 28.90
CA ASP C 748 -22.90 24.15 28.20
C ASP C 748 -22.90 22.71 27.70
N VAL C 749 -21.75 22.21 27.25
CA VAL C 749 -21.65 20.81 26.83
C VAL C 749 -22.11 19.91 27.95
N VAL C 750 -21.55 20.08 29.15
CA VAL C 750 -21.85 19.20 30.27
C VAL C 750 -23.28 19.40 30.74
N LYS C 751 -23.72 20.66 30.86
CA LYS C 751 -24.98 20.97 31.51
C LYS C 751 -26.18 20.83 30.58
N VAL C 752 -25.99 20.91 29.27
CA VAL C 752 -27.08 20.92 28.31
C VAL C 752 -27.08 19.65 27.44
N LEU C 753 -25.91 19.30 26.90
CA LEU C 753 -25.86 18.26 25.85
C LEU C 753 -25.66 16.86 26.41
N VAL C 754 -24.76 16.68 27.39
CA VAL C 754 -24.25 15.36 27.71
C VAL C 754 -25.37 14.46 28.26
N GLU C 755 -26.09 14.93 29.28
CA GLU C 755 -27.07 14.07 29.93
C GLU C 755 -28.17 13.61 28.97
N PRO C 756 -28.81 14.48 28.20
CA PRO C 756 -29.77 13.98 27.21
C PRO C 756 -29.13 13.03 26.21
N LEU C 757 -27.88 13.27 25.84
CA LEU C 757 -27.20 12.38 24.89
C LEU C 757 -27.06 10.98 25.46
N LEU C 758 -26.46 10.87 26.64
CA LEU C 758 -26.24 9.54 27.23
C LEU C 758 -27.56 8.82 27.45
N ASN C 759 -28.57 9.53 27.94
CA ASN C 759 -29.89 8.92 28.09
C ASN C 759 -30.41 8.37 26.77
N ALA C 760 -30.06 9.02 25.66
CA ALA C 760 -30.63 8.62 24.37
C ALA C 760 -29.86 7.47 23.72
N VAL C 761 -28.55 7.36 23.93
CA VAL C 761 -27.73 6.45 23.14
C VAL C 761 -27.28 5.21 23.89
N LEU C 762 -27.07 5.29 25.21
CA LEU C 762 -26.33 4.22 25.89
C LEU C 762 -27.17 2.96 26.09
N GLU C 763 -28.34 3.08 26.71
N GLU C 763 -28.34 3.09 26.70
CA GLU C 763 -29.17 1.89 26.89
CA GLU C 763 -29.20 1.92 26.91
C GLU C 763 -29.60 1.32 25.55
C GLU C 763 -29.68 1.34 25.59
N ASP C 764 -29.89 2.19 24.58
CA ASP C 764 -30.23 1.69 23.25
C ASP C 764 -29.12 0.83 22.67
N TYR C 765 -27.87 1.26 22.85
CA TYR C 765 -26.74 0.46 22.40
C TYR C 765 -26.67 -0.85 23.17
N MET C 766 -26.73 -0.75 24.50
CA MET C 766 -26.55 -1.94 25.34
C MET C 766 -27.63 -2.99 25.05
N ASN C 767 -28.87 -2.56 24.82
CA ASN C 767 -29.99 -3.48 24.76
C ASN C 767 -30.39 -3.85 23.34
N ASN C 768 -29.62 -3.45 22.33
CA ASN C 768 -29.80 -3.95 20.99
C ASN C 768 -29.01 -5.25 20.81
N VAL C 769 -29.44 -6.05 19.83
CA VAL C 769 -28.66 -7.23 19.44
C VAL C 769 -27.36 -6.74 18.83
N PRO C 770 -26.28 -7.53 18.88
CA PRO C 770 -24.98 -7.04 18.38
C PRO C 770 -25.03 -6.48 16.97
N ASP C 771 -25.69 -7.17 16.04
CA ASP C 771 -25.71 -6.73 14.64
C ASP C 771 -26.46 -5.42 14.44
N ALA C 772 -27.13 -4.90 15.47
CA ALA C 772 -27.83 -3.63 15.37
C ALA C 772 -27.13 -2.51 16.13
N ARG C 773 -26.01 -2.81 16.79
CA ARG C 773 -25.27 -1.79 17.53
C ARG C 773 -24.40 -0.98 16.58
N ASP C 774 -24.46 0.34 16.71
CA ASP C 774 -23.68 1.24 15.86
C ASP C 774 -22.34 1.54 16.52
N ALA C 775 -21.25 1.17 15.86
CA ALA C 775 -19.92 1.51 16.36
C ALA C 775 -19.74 3.01 16.50
N GLU C 776 -20.52 3.81 15.79
CA GLU C 776 -20.44 5.26 15.90
C GLU C 776 -20.80 5.76 17.29
N VAL C 777 -21.57 4.97 18.06
CA VAL C 777 -21.82 5.32 19.45
C VAL C 777 -20.51 5.38 20.21
N LEU C 778 -19.66 4.37 20.02
CA LEU C 778 -18.37 4.36 20.68
C LEU C 778 -17.54 5.57 20.28
N ASN C 779 -17.54 5.89 18.98
CA ASN C 779 -16.77 7.03 18.51
C ASN C 779 -17.27 8.33 19.13
N CYS C 780 -18.59 8.48 19.22
CA CYS C 780 -19.14 9.68 19.85
C CYS C 780 -18.72 9.76 21.32
N MET C 781 -18.78 8.64 22.04
CA MET C 781 -18.42 8.66 23.46
C MET C 781 -16.95 8.96 23.67
N THR C 782 -16.08 8.51 22.77
CA THR C 782 -14.66 8.83 22.88
C THR C 782 -14.46 10.35 22.89
N THR C 783 -15.13 11.06 21.98
CA THR C 783 -15.00 12.51 21.93
C THR C 783 -15.57 13.16 23.19
N VAL C 784 -16.72 12.66 23.68
CA VAL C 784 -17.28 13.19 24.92
C VAL C 784 -16.27 13.06 26.05
N VAL C 785 -15.70 11.87 26.23
CA VAL C 785 -14.75 11.65 27.32
C VAL C 785 -13.51 12.53 27.12
N GLU C 786 -13.04 12.63 25.88
CA GLU C 786 -11.82 13.39 25.62
C GLU C 786 -11.97 14.85 26.00
N LYS C 787 -13.14 15.44 25.75
N LYS C 787 -13.13 15.44 25.73
CA LYS C 787 -13.31 16.88 25.88
CA LYS C 787 -13.31 16.88 25.89
C LYS C 787 -13.87 17.31 27.23
C LYS C 787 -13.80 17.28 27.27
N VAL C 788 -14.72 16.51 27.86
CA VAL C 788 -15.32 16.88 29.14
C VAL C 788 -15.30 15.72 30.13
N GLY C 789 -14.60 14.64 29.78
CA GLY C 789 -14.58 13.47 30.66
C GLY C 789 -14.21 13.82 32.09
N HIS C 790 -13.27 14.75 32.26
CA HIS C 790 -12.85 15.15 33.60
C HIS C 790 -13.97 15.81 34.39
N MET C 791 -14.99 16.35 33.73
CA MET C 791 -16.09 17.02 34.40
C MET C 791 -17.30 16.12 34.63
N ILE C 792 -17.31 14.91 34.08
CA ILE C 792 -18.46 14.02 34.20
C ILE C 792 -18.03 12.66 34.72
N PRO C 793 -17.45 12.57 35.91
CA PRO C 793 -17.01 11.25 36.41
C PRO C 793 -18.12 10.21 36.43
N GLN C 794 -19.34 10.60 36.81
CA GLN C 794 -20.44 9.63 36.85
C GLN C 794 -20.93 9.29 35.45
N GLY C 795 -20.85 10.23 34.52
CA GLY C 795 -21.19 9.93 33.14
C GLY C 795 -20.24 8.94 32.50
N VAL C 796 -18.96 9.01 32.86
CA VAL C 796 -17.97 8.09 32.30
C VAL C 796 -18.23 6.67 32.83
N ILE C 797 -18.54 6.56 34.12
CA ILE C 797 -18.93 5.26 34.67
C ILE C 797 -20.13 4.71 33.93
N LEU C 798 -21.09 5.57 33.62
CA LEU C 798 -22.29 5.12 32.92
C LEU C 798 -21.97 4.61 31.52
N ILE C 799 -21.03 5.28 30.83
CA ILE C 799 -20.60 4.81 29.52
C ILE C 799 -20.01 3.42 29.62
N LEU C 800 -19.07 3.22 30.55
CA LEU C 800 -18.45 1.91 30.72
C LEU C 800 -19.50 0.84 30.98
N GLN C 801 -20.39 1.08 31.95
CA GLN C 801 -21.39 0.07 32.29
C GLN C 801 -22.21 -0.33 31.08
N SER C 802 -22.46 0.61 30.16
CA SER C 802 -23.37 0.35 29.05
C SER C 802 -22.69 -0.29 27.84
N VAL C 803 -21.40 -0.02 27.61
CA VAL C 803 -20.74 -0.45 26.39
C VAL C 803 -19.60 -1.43 26.62
N PHE C 804 -19.02 -1.49 27.82
CA PHE C 804 -17.80 -2.25 28.00
C PHE C 804 -18.03 -3.75 27.81
N GLU C 805 -18.82 -4.37 28.70
CA GLU C 805 -18.92 -5.82 28.68
C GLU C 805 -19.60 -6.33 27.41
N CYS C 806 -20.63 -5.63 26.93
CA CYS C 806 -21.34 -6.14 25.77
C CYS C 806 -20.52 -5.98 24.49
N THR C 807 -19.72 -4.91 24.39
CA THR C 807 -18.86 -4.78 23.22
C THR C 807 -17.71 -5.78 23.28
N LEU C 808 -17.12 -5.97 24.46
CA LEU C 808 -16.05 -6.95 24.58
C LEU C 808 -16.52 -8.32 24.11
N ASP C 809 -17.74 -8.73 24.51
CA ASP C 809 -18.25 -10.02 24.09
C ASP C 809 -18.44 -10.11 22.58
N MET C 810 -18.59 -8.97 21.91
CA MET C 810 -18.70 -8.99 20.45
C MET C 810 -17.38 -9.33 19.78
N ILE C 811 -16.26 -8.94 20.39
CA ILE C 811 -14.98 -8.90 19.70
C ILE C 811 -13.96 -9.88 20.27
N ASN C 812 -14.33 -10.70 21.26
CA ASN C 812 -13.36 -11.54 21.94
C ASN C 812 -13.50 -13.02 21.57
N LYS C 813 -14.15 -13.32 20.45
CA LYS C 813 -14.22 -14.69 19.94
C LYS C 813 -13.28 -14.93 18.76
N ASP C 814 -13.02 -13.91 17.96
CA ASP C 814 -12.03 -13.97 16.90
C ASP C 814 -11.42 -12.59 16.75
N PHE C 815 -10.59 -12.41 15.72
CA PHE C 815 -9.93 -11.13 15.48
C PHE C 815 -10.54 -10.35 14.33
N THR C 816 -11.62 -10.85 13.73
CA THR C 816 -12.13 -10.31 12.47
C THR C 816 -13.53 -9.72 12.57
N GLU C 817 -14.42 -10.32 13.34
CA GLU C 817 -15.80 -9.85 13.38
C GLU C 817 -15.88 -8.45 13.99
N TYR C 818 -16.86 -7.68 13.53
CA TYR C 818 -17.13 -6.33 14.03
C TYR C 818 -15.85 -5.47 14.05
N PRO C 819 -15.19 -5.31 12.89
CA PRO C 819 -13.89 -4.62 12.88
C PRO C 819 -13.97 -3.17 13.32
N GLU C 820 -15.10 -2.50 13.04
CA GLU C 820 -15.23 -1.10 13.43
C GLU C 820 -15.47 -0.94 14.93
N HIS C 821 -16.31 -1.79 15.52
CA HIS C 821 -16.46 -1.79 16.96
C HIS C 821 -15.13 -2.06 17.65
N ARG C 822 -14.38 -3.03 17.11
CA ARG C 822 -13.03 -3.35 17.60
C ARG C 822 -12.20 -2.09 17.77
N VAL C 823 -12.06 -1.32 16.69
CA VAL C 823 -11.17 -0.17 16.70
C VAL C 823 -11.69 0.91 17.65
N GLU C 824 -12.99 1.24 17.54
CA GLU C 824 -13.54 2.28 18.41
C GLU C 824 -13.52 1.86 19.88
N PHE C 825 -13.71 0.58 20.15
CA PHE C 825 -13.72 0.08 21.52
C PHE C 825 -12.43 0.44 22.25
N TYR C 826 -11.28 0.20 21.61
CA TYR C 826 -10.00 0.43 22.28
C TYR C 826 -9.60 1.89 22.26
N LYS C 827 -10.08 2.66 21.28
CA LYS C 827 -9.92 4.12 21.35
C LYS C 827 -10.67 4.68 22.54
N LEU C 828 -11.85 4.13 22.83
CA LEU C 828 -12.63 4.58 23.98
C LEU C 828 -11.97 4.19 25.29
N LEU C 829 -11.56 2.92 25.42
CA LEU C 829 -10.85 2.51 26.63
C LEU C 829 -9.60 3.36 26.84
N LYS C 830 -8.89 3.68 25.76
CA LYS C 830 -7.66 4.44 25.88
C LYS C 830 -7.92 5.81 26.49
N VAL C 831 -8.93 6.53 25.99
CA VAL C 831 -9.16 7.88 26.48
C VAL C 831 -9.72 7.85 27.90
N ILE C 832 -10.56 6.86 28.21
CA ILE C 832 -11.04 6.72 29.58
C ILE C 832 -9.88 6.47 30.52
N ASN C 833 -8.96 5.60 30.12
CA ASN C 833 -7.83 5.25 30.97
C ASN C 833 -6.90 6.43 31.19
N GLU C 834 -6.77 7.32 30.21
CA GLU C 834 -5.84 8.44 30.34
C GLU C 834 -6.49 9.70 30.90
N LYS C 835 -7.82 9.80 30.90
CA LYS C 835 -8.50 11.01 31.35
C LYS C 835 -9.47 10.80 32.50
N SER C 836 -10.00 9.60 32.70
CA SER C 836 -10.93 9.33 33.79
CA SER C 836 -10.94 9.33 33.78
C SER C 836 -10.64 7.96 34.39
N PHE C 837 -9.37 7.74 34.73
CA PHE C 837 -8.96 6.44 35.26
C PHE C 837 -9.79 6.01 36.46
N ALA C 838 -10.30 6.97 37.23
CA ALA C 838 -11.10 6.63 38.39
C ALA C 838 -12.27 5.73 38.03
N ALA C 839 -12.77 5.82 36.80
CA ALA C 839 -13.88 4.98 36.38
C ALA C 839 -13.50 3.51 36.40
N PHE C 840 -12.22 3.19 36.17
CA PHE C 840 -11.80 1.79 36.25
C PHE C 840 -11.59 1.35 37.69
N LEU C 841 -11.25 2.28 38.58
CA LEU C 841 -11.08 1.93 39.98
C LEU C 841 -12.40 1.50 40.61
N GLU C 842 -13.51 2.15 40.22
CA GLU C 842 -14.82 1.77 40.75
C GLU C 842 -15.33 0.46 40.19
N LEU C 843 -14.71 -0.06 39.14
CA LEU C 843 -15.21 -1.29 38.52
C LEU C 843 -15.21 -2.43 39.54
N PRO C 844 -16.19 -3.34 39.45
CA PRO C 844 -16.12 -4.54 40.29
C PRO C 844 -14.90 -5.35 39.95
N PRO C 845 -14.34 -6.09 40.91
CA PRO C 845 -13.13 -6.88 40.62
C PRO C 845 -13.27 -7.78 39.40
N ALA C 846 -14.45 -8.36 39.18
CA ALA C 846 -14.65 -9.23 38.02
C ALA C 846 -14.57 -8.43 36.72
N ALA C 847 -15.11 -7.21 36.72
CA ALA C 847 -15.07 -6.40 35.51
C ALA C 847 -13.67 -5.86 35.24
N PHE C 848 -12.94 -5.50 36.30
CA PHE C 848 -11.57 -5.06 36.12
C PHE C 848 -10.70 -6.17 35.55
N LYS C 849 -11.05 -7.43 35.85
CA LYS C 849 -10.31 -8.55 35.26
C LYS C 849 -10.61 -8.66 33.76
N LEU C 850 -11.86 -8.38 33.37
CA LEU C 850 -12.17 -8.32 31.94
C LEU C 850 -11.41 -7.19 31.27
N PHE C 851 -11.23 -6.08 31.97
CA PHE C 851 -10.48 -4.96 31.42
C PHE C 851 -9.06 -5.38 31.10
N VAL C 852 -8.38 -6.04 32.05
CA VAL C 852 -7.03 -6.55 31.78
C VAL C 852 -7.05 -7.53 30.62
N ASP C 853 -7.98 -8.49 30.66
CA ASP C 853 -8.15 -9.42 29.54
C ASP C 853 -8.28 -8.67 28.23
N ALA C 854 -9.12 -7.63 28.21
CA ALA C 854 -9.35 -6.88 26.97
C ALA C 854 -8.06 -6.25 26.46
N ILE C 855 -7.21 -5.77 27.37
CA ILE C 855 -5.96 -5.14 26.96
C ILE C 855 -5.04 -6.15 26.32
N CYS C 856 -4.83 -7.29 26.99
CA CYS C 856 -3.96 -8.34 26.44
C CYS C 856 -4.54 -8.91 25.16
N TRP C 857 -5.87 -8.97 25.05
CA TRP C 857 -6.49 -9.35 23.79
C TRP C 857 -6.08 -8.42 22.66
N ALA C 858 -6.02 -7.11 22.94
CA ALA C 858 -5.57 -6.16 21.93
C ALA C 858 -4.14 -6.44 21.50
N PHE C 859 -3.28 -6.84 22.45
CA PHE C 859 -1.89 -7.17 22.12
C PHE C 859 -1.81 -8.12 20.93
N LYS C 860 -2.64 -9.16 20.95
CA LYS C 860 -2.52 -10.25 20.00
C LYS C 860 -3.14 -9.94 18.65
N HIS C 861 -3.76 -8.79 18.48
CA HIS C 861 -4.24 -8.40 17.17
C HIS C 861 -3.06 -8.12 16.24
N ASN C 862 -3.26 -8.44 14.97
CA ASN C 862 -2.36 -7.96 13.93
C ASN C 862 -2.80 -6.62 13.37
N ASN C 863 -4.09 -6.33 13.45
CA ASN C 863 -4.61 -5.01 13.12
C ASN C 863 -3.83 -3.95 13.90
N ARG C 864 -3.08 -3.11 13.19
CA ARG C 864 -2.24 -2.11 13.84
C ARG C 864 -3.07 -1.13 14.65
N ASP C 865 -4.26 -0.80 14.18
CA ASP C 865 -5.13 0.13 14.90
C ASP C 865 -5.41 -0.38 16.32
N VAL C 866 -5.78 -1.65 16.43
CA VAL C 866 -6.10 -2.23 17.74
C VAL C 866 -4.82 -2.46 18.53
N GLU C 867 -3.79 -3.03 17.90
CA GLU C 867 -2.59 -3.43 18.61
C GLU C 867 -1.92 -2.24 19.28
N VAL C 868 -1.76 -1.13 18.54
CA VAL C 868 -1.05 0.03 19.07
C VAL C 868 -1.76 0.58 20.29
N ASN C 869 -3.09 0.72 20.22
CA ASN C 869 -3.84 1.22 21.36
C ASN C 869 -3.76 0.26 22.53
N GLY C 870 -3.76 -1.04 22.27
CA GLY C 870 -3.65 -2.01 23.34
C GLY C 870 -2.36 -1.87 24.12
N LEU C 871 -1.23 -1.76 23.40
CA LEU C 871 0.05 -1.58 24.07
C LEU C 871 0.10 -0.25 24.81
N GLN C 872 -0.52 0.79 24.24
CA GLN C 872 -0.54 2.09 24.91
C GLN C 872 -1.39 2.06 26.17
N ILE C 873 -2.56 1.41 26.11
CA ILE C 873 -3.40 1.29 27.29
C ILE C 873 -2.62 0.61 28.41
N ALA C 874 -1.92 -0.49 28.07
CA ALA C 874 -1.16 -1.22 29.08
C ALA C 874 -0.11 -0.34 29.72
N LEU C 875 0.61 0.44 28.91
CA LEU C 875 1.63 1.33 29.43
C LEU C 875 1.02 2.43 30.29
N ASP C 876 -0.08 3.03 29.82
CA ASP C 876 -0.73 4.09 30.60
C ASP C 876 -1.32 3.53 31.89
N LEU C 877 -1.83 2.30 31.85
CA LEU C 877 -2.38 1.69 33.05
C LEU C 877 -1.28 1.46 34.09
N VAL C 878 -0.15 0.90 33.67
CA VAL C 878 0.97 0.70 34.59
C VAL C 878 1.34 2.03 35.24
N LYS C 879 1.40 3.08 34.44
CA LYS C 879 1.69 4.42 34.97
C LYS C 879 0.59 4.87 35.91
N ASN C 880 -0.67 4.69 35.52
CA ASN C 880 -1.79 5.05 36.39
C ASN C 880 -1.65 4.37 37.75
N ILE C 881 -1.36 3.07 37.75
CA ILE C 881 -1.22 2.34 39.01
C ILE C 881 -0.02 2.87 39.80
N GLU C 882 1.11 3.09 39.12
CA GLU C 882 2.30 3.56 39.81
C GLU C 882 2.05 4.91 40.47
N ARG C 883 1.24 5.77 39.85
CA ARG C 883 0.96 7.09 40.43
C ARG C 883 0.17 7.00 41.72
N MET C 884 -0.51 5.88 41.98
CA MET C 884 -1.29 5.75 43.20
C MET C 884 -0.41 5.55 44.43
N GLY C 885 0.84 5.13 44.25
CA GLY C 885 1.71 4.90 45.38
C GLY C 885 1.40 3.59 46.07
N ASN C 886 1.80 3.51 47.35
CA ASN C 886 1.66 2.30 48.13
C ASN C 886 0.30 2.30 48.82
N VAL C 887 -0.71 1.85 48.08
CA VAL C 887 -2.06 1.70 48.61
C VAL C 887 -2.57 0.31 48.24
N PRO C 888 -3.65 -0.14 48.89
CA PRO C 888 -4.13 -1.51 48.63
C PRO C 888 -4.44 -1.80 47.17
N PHE C 889 -5.11 -0.89 46.47
CA PHE C 889 -5.49 -1.19 45.08
C PHE C 889 -4.26 -1.43 44.21
N ALA C 890 -3.24 -0.58 44.34
CA ALA C 890 -2.02 -0.77 43.57
C ALA C 890 -1.32 -2.06 43.97
N ASN C 891 -1.24 -2.34 45.27
CA ASN C 891 -0.60 -3.57 45.72
C ASN C 891 -1.34 -4.80 45.20
N GLU C 892 -2.67 -4.77 45.27
CA GLU C 892 -3.47 -5.88 44.74
C GLU C 892 -3.33 -5.98 43.23
N PHE C 893 -3.18 -4.85 42.55
CA PHE C 893 -3.00 -4.88 41.10
C PHE C 893 -1.74 -5.66 40.73
N HIS C 894 -0.61 -5.29 41.35
CA HIS C 894 0.65 -5.99 41.05
C HIS C 894 0.54 -7.47 41.38
N LYS C 895 -0.02 -7.79 42.55
CA LYS C 895 -0.14 -9.19 42.95
C LYS C 895 -0.95 -9.99 41.93
N ASN C 896 -2.00 -9.39 41.40
CA ASN C 896 -2.90 -10.11 40.50
C ASN C 896 -2.46 -10.10 39.04
N TYR C 897 -1.77 -9.05 38.60
CA TYR C 897 -1.64 -8.79 37.17
C TYR C 897 -0.23 -8.49 36.68
N PHE C 898 0.74 -8.22 37.57
CA PHE C 898 2.08 -7.88 37.09
C PHE C 898 2.63 -8.96 36.17
N PHE C 899 2.62 -10.22 36.61
CA PHE C 899 3.20 -11.29 35.81
C PHE C 899 2.34 -11.63 34.61
N ILE C 900 1.03 -11.33 34.64
CA ILE C 900 0.21 -11.51 33.44
C ILE C 900 0.70 -10.56 32.35
N PHE C 901 0.97 -9.31 32.70
CA PHE C 901 1.44 -8.36 31.69
C PHE C 901 2.85 -8.71 31.21
N VAL C 902 3.72 -9.15 32.12
CA VAL C 902 5.07 -9.54 31.70
C VAL C 902 5.01 -10.73 30.75
N SER C 903 4.26 -11.77 31.12
CA SER C 903 4.22 -12.97 30.29
C SER C 903 3.51 -12.71 28.98
N GLU C 904 2.40 -11.96 29.01
CA GLU C 904 1.69 -11.66 27.77
C GLU C 904 2.52 -10.81 26.84
N THR C 905 3.28 -9.85 27.38
CA THR C 905 4.16 -9.04 26.55
C THR C 905 5.27 -9.89 25.94
N PHE C 906 5.87 -10.78 26.75
CA PHE C 906 6.88 -11.69 26.24
C PHE C 906 6.32 -12.57 25.14
N PHE C 907 5.06 -13.00 25.26
CA PHE C 907 4.49 -13.91 24.28
C PHE C 907 4.43 -13.26 22.90
N VAL C 908 3.92 -12.03 22.83
CA VAL C 908 3.82 -11.37 21.53
C VAL C 908 5.19 -10.92 21.04
N LEU C 909 6.13 -10.69 21.94
CA LEU C 909 7.49 -10.35 21.52
C LEU C 909 8.14 -11.50 20.76
N THR C 910 7.86 -12.74 21.15
CA THR C 910 8.63 -13.88 20.69
C THR C 910 7.91 -14.80 19.71
N ASP C 911 6.63 -14.57 19.42
CA ASP C 911 5.87 -15.50 18.62
C ASP C 911 5.99 -15.23 17.11
N SER C 912 6.79 -14.25 16.72
CA SER C 912 7.07 -13.97 15.32
C SER C 912 5.85 -13.51 14.52
N ASP C 913 4.72 -13.33 15.19
CA ASP C 913 3.50 -12.90 14.52
C ASP C 913 3.12 -11.47 14.84
N HIS C 914 3.93 -10.74 15.60
CA HIS C 914 3.62 -9.37 15.99
C HIS C 914 4.84 -8.49 15.88
N LYS C 915 5.60 -8.64 14.79
CA LYS C 915 6.83 -7.88 14.63
C LYS C 915 6.59 -6.38 14.59
N SER C 916 5.44 -5.96 14.07
CA SER C 916 5.19 -4.53 13.87
C SER C 916 5.13 -3.76 15.18
N GLY C 917 4.82 -4.42 16.29
CA GLY C 917 4.73 -3.77 17.58
C GLY C 917 5.96 -3.87 18.45
N PHE C 918 7.09 -4.32 17.90
CA PHE C 918 8.27 -4.61 18.72
C PHE C 918 8.64 -3.43 19.62
N SER C 919 8.69 -2.22 19.05
CA SER C 919 9.17 -1.07 19.82
C SER C 919 8.27 -0.81 21.03
N LYS C 920 6.95 -0.83 20.84
CA LYS C 920 6.05 -0.57 21.95
C LYS C 920 6.03 -1.72 22.94
N GLN C 921 6.14 -2.95 22.45
CA GLN C 921 6.28 -4.12 23.33
C GLN C 921 7.53 -4.00 24.20
N ALA C 922 8.66 -3.63 23.58
CA ALA C 922 9.89 -3.48 24.33
C ALA C 922 9.76 -2.40 25.39
N LEU C 923 9.14 -1.27 25.03
CA LEU C 923 8.93 -0.20 25.99
C LEU C 923 8.11 -0.68 27.17
N LEU C 924 7.00 -1.38 26.91
CA LEU C 924 6.17 -1.90 27.99
C LEU C 924 6.95 -2.86 28.87
N LEU C 925 7.71 -3.77 28.27
CA LEU C 925 8.47 -4.73 29.06
C LEU C 925 9.53 -4.04 29.90
N MET C 926 10.18 -3.02 29.35
CA MET C 926 11.21 -2.32 30.10
C MET C 926 10.61 -1.58 31.29
N LYS C 927 9.42 -1.00 31.11
CA LYS C 927 8.73 -0.36 32.22
C LYS C 927 8.42 -1.38 33.33
N LEU C 928 7.85 -2.53 32.96
CA LEU C 928 7.51 -3.53 33.95
C LEU C 928 8.75 -3.99 34.72
N ILE C 929 9.83 -4.28 34.00
CA ILE C 929 11.05 -4.76 34.66
C ILE C 929 11.64 -3.65 35.53
N SER C 930 11.63 -2.41 35.04
CA SER C 930 12.19 -1.32 35.83
C SER C 930 11.40 -1.10 37.11
N LEU C 931 10.10 -1.43 37.11
CA LEU C 931 9.31 -1.31 38.33
C LEU C 931 9.90 -2.14 39.46
N VAL C 932 10.35 -3.36 39.14
CA VAL C 932 10.90 -4.23 40.17
C VAL C 932 12.30 -3.79 40.57
N TYR C 933 13.13 -3.44 39.59
CA TYR C 933 14.50 -3.06 39.88
C TYR C 933 14.64 -1.62 40.34
N ASP C 934 13.52 -0.93 40.59
CA ASP C 934 13.51 0.31 41.34
C ASP C 934 12.72 0.17 42.63
N ASN C 935 12.32 -1.06 43.00
CA ASN C 935 11.61 -1.33 44.24
C ASN C 935 10.39 -0.43 44.39
N LYS C 936 9.72 -0.15 43.27
CA LYS C 936 8.49 0.63 43.29
C LYS C 936 7.26 -0.24 43.44
N ILE C 937 7.42 -1.56 43.56
CA ILE C 937 6.38 -2.45 44.04
C ILE C 937 6.69 -2.75 45.51
N SER C 938 5.81 -2.33 46.40
CA SER C 938 6.05 -2.38 47.84
C SER C 938 5.47 -3.64 48.48
N VAL C 939 5.24 -4.69 47.69
CA VAL C 939 4.66 -5.92 48.21
C VAL C 939 5.36 -7.10 47.54
N PRO C 940 5.60 -8.21 48.25
CA PRO C 940 6.15 -9.40 47.59
C PRO C 940 5.23 -9.87 46.47
N LEU C 941 5.83 -10.16 45.32
CA LEU C 941 5.07 -10.64 44.16
C LEU C 941 4.79 -12.13 44.21
N TYR C 942 5.28 -12.84 45.22
CA TYR C 942 5.15 -14.29 45.30
C TYR C 942 4.17 -14.67 46.40
N GLN C 943 3.83 -15.96 46.42
CA GLN C 943 2.82 -16.49 47.32
C GLN C 943 3.47 -17.22 48.49
N VAL C 947 8.22 -20.01 47.89
CA VAL C 947 9.52 -19.33 47.82
C VAL C 947 9.84 -18.72 49.19
N PRO C 948 11.10 -18.81 49.62
CA PRO C 948 11.45 -18.35 50.97
C PRO C 948 11.11 -16.88 51.18
N GLN C 949 10.76 -16.56 52.42
CA GLN C 949 10.40 -15.20 52.80
C GLN C 949 11.59 -14.25 52.63
N GLY C 950 11.28 -12.95 52.64
CA GLY C 950 12.28 -11.92 52.53
C GLY C 950 12.99 -11.84 51.20
N THR C 951 12.80 -12.82 50.30
CA THR C 951 13.33 -12.75 48.96
C THR C 951 12.95 -11.41 48.32
N SER C 952 13.94 -10.76 47.71
CA SER C 952 13.67 -9.52 47.01
C SER C 952 12.87 -9.79 45.75
N ASN C 953 11.96 -8.88 45.40
CA ASN C 953 11.19 -9.04 44.18
C ASN C 953 12.11 -9.16 42.97
N GLN C 954 13.31 -8.59 43.02
CA GLN C 954 14.26 -8.75 41.93
C GLN C 954 14.67 -10.21 41.77
N VAL C 955 14.94 -10.89 42.89
CA VAL C 955 15.31 -12.30 42.82
C VAL C 955 14.16 -13.13 42.27
N TYR C 956 12.94 -12.88 42.76
CA TYR C 956 11.81 -13.70 42.33
C TYR C 956 11.49 -13.47 40.86
N LEU C 957 11.60 -12.22 40.39
CA LEU C 957 11.35 -11.94 38.98
C LEU C 957 12.30 -12.73 38.09
N SER C 958 13.58 -12.81 38.49
CA SER C 958 14.54 -13.58 37.72
C SER C 958 14.17 -15.06 37.71
N GLN C 959 13.81 -15.60 38.88
CA GLN C 959 13.40 -16.99 38.96
C GLN C 959 12.16 -17.25 38.11
N TYR C 960 11.17 -16.35 38.20
CA TYR C 960 9.95 -16.54 37.43
C TYR C 960 10.23 -16.53 35.94
N LEU C 961 11.04 -15.57 35.47
CA LEU C 961 11.31 -15.46 34.05
C LEU C 961 12.17 -16.62 33.55
N ALA C 962 13.18 -17.02 34.33
CA ALA C 962 13.99 -18.16 33.94
C ALA C 962 13.13 -19.41 33.76
N ASN C 963 12.21 -19.64 34.70
CA ASN C 963 11.32 -20.79 34.59
C ASN C 963 10.36 -20.64 33.43
N MET C 964 9.83 -19.43 33.22
CA MET C 964 8.92 -19.21 32.10
C MET C 964 9.61 -19.49 30.77
N LEU C 965 10.84 -19.00 30.61
CA LEU C 965 11.55 -19.18 29.35
C LEU C 965 12.02 -20.63 29.18
N SER C 966 12.44 -21.25 30.27
CA SER C 966 12.88 -22.65 30.20
C SER C 966 11.77 -23.55 29.66
N ASN C 967 10.52 -23.28 30.04
CA ASN C 967 9.42 -24.13 29.63
C ASN C 967 8.87 -23.73 28.26
N ALA C 968 8.96 -22.45 27.90
CA ALA C 968 8.45 -22.01 26.60
C ALA C 968 9.44 -22.25 25.47
N PHE C 969 10.73 -22.25 25.79
CA PHE C 969 11.81 -22.44 24.81
C PHE C 969 12.76 -23.49 25.35
N PRO C 970 12.33 -24.76 25.39
CA PRO C 970 13.14 -25.80 26.04
C PRO C 970 14.42 -26.13 25.31
N HIS C 971 14.60 -25.68 24.06
CA HIS C 971 15.85 -25.93 23.36
C HIS C 971 16.95 -24.97 23.75
N LEU C 972 16.66 -23.97 24.58
CA LEU C 972 17.70 -23.10 25.11
C LEU C 972 18.39 -23.77 26.29
N THR C 973 19.67 -23.48 26.45
CA THR C 973 20.36 -23.93 27.65
C THR C 973 20.03 -23.01 28.82
N SER C 974 20.22 -23.53 30.03
CA SER C 974 20.01 -22.72 31.23
C SER C 974 20.92 -21.49 31.21
N GLU C 975 22.12 -21.61 30.65
CA GLU C 975 23.05 -20.49 30.65
C GLU C 975 22.63 -19.41 29.67
N GLN C 976 22.06 -19.80 28.53
CA GLN C 976 21.52 -18.81 27.60
C GLN C 976 20.45 -17.97 28.29
N ILE C 977 19.50 -18.63 28.96
CA ILE C 977 18.41 -17.92 29.61
C ILE C 977 18.94 -17.03 30.72
N ALA C 978 19.88 -17.53 31.53
CA ALA C 978 20.41 -16.74 32.62
C ALA C 978 21.18 -15.54 32.11
N SER C 979 22.00 -15.73 31.07
CA SER C 979 22.76 -14.61 30.51
C SER C 979 21.83 -13.57 29.91
N PHE C 980 20.80 -14.03 29.18
CA PHE C 980 19.85 -13.11 28.58
C PHE C 980 19.16 -12.26 29.63
N LEU C 981 18.65 -12.91 30.69
CA LEU C 981 17.93 -12.17 31.72
C LEU C 981 18.86 -11.22 32.47
N SER C 982 20.10 -11.66 32.75
CA SER C 982 21.06 -10.79 33.41
CA SER C 982 21.06 -10.79 33.41
C SER C 982 21.27 -9.52 32.59
N ALA C 983 21.54 -9.66 31.30
CA ALA C 983 21.72 -8.49 30.45
C ALA C 983 20.45 -7.66 30.37
N LEU C 984 19.30 -8.31 30.25
CA LEU C 984 18.04 -7.60 30.07
C LEU C 984 17.73 -6.72 31.29
N THR C 985 17.91 -7.27 32.50
CA THR C 985 17.55 -6.52 33.69
C THR C 985 18.53 -5.37 33.94
N LYS C 986 19.82 -5.57 33.65
CA LYS C 986 20.78 -4.50 33.82
C LYS C 986 20.51 -3.34 32.87
N GLN C 987 19.85 -3.59 31.74
CA GLN C 987 19.66 -2.60 30.70
C GLN C 987 18.28 -1.98 30.71
N CYS C 988 17.49 -2.19 31.77
CA CYS C 988 16.11 -1.72 31.77
C CYS C 988 16.00 -0.18 31.92
N LYS C 989 17.09 0.57 31.89
CA LYS C 989 17.04 2.03 31.83
C LYS C 989 17.60 2.58 30.52
N ASP C 990 17.88 1.71 29.54
CA ASP C 990 18.55 2.11 28.30
C ASP C 990 17.81 1.41 27.15
N LEU C 991 16.75 2.05 26.67
CA LEU C 991 15.84 1.39 25.73
C LEU C 991 16.56 0.85 24.51
N VAL C 992 17.53 1.61 23.99
CA VAL C 992 18.23 1.19 22.77
C VAL C 992 18.96 -0.13 23.01
N VAL C 993 19.70 -0.22 24.11
CA VAL C 993 20.46 -1.42 24.41
C VAL C 993 19.52 -2.56 24.79
N PHE C 994 18.50 -2.24 25.59
CA PHE C 994 17.46 -3.19 25.94
C PHE C 994 16.85 -3.84 24.70
N LYS C 995 16.54 -3.04 23.68
CA LYS C 995 15.94 -3.57 22.47
C LYS C 995 16.91 -4.46 21.71
N GLY C 996 18.20 -4.08 21.67
CA GLY C 996 19.18 -4.92 21.00
C GLY C 996 19.30 -6.29 21.65
N THR C 997 19.21 -6.33 22.98
CA THR C 997 19.24 -7.60 23.68
C THR C 997 18.01 -8.45 23.38
N LEU C 998 16.84 -7.81 23.29
CA LEU C 998 15.64 -8.55 22.87
C LEU C 998 15.80 -9.08 21.45
N ARG C 999 16.36 -8.27 20.54
CA ARG C 999 16.56 -8.73 19.18
C ARG C 999 17.55 -9.89 19.15
N ASP C 1000 18.59 -9.84 19.99
CA ASP C 1000 19.54 -10.96 20.06
C ASP C 1000 18.84 -12.24 20.52
N PHE C 1001 17.92 -12.11 21.48
CA PHE C 1001 17.19 -13.26 21.97
C PHE C 1001 16.31 -13.85 20.87
N LEU C 1002 15.64 -13.00 20.09
CA LEU C 1002 14.78 -13.49 19.03
C LEU C 1002 15.56 -14.23 17.96
N VAL C 1003 16.82 -13.86 17.76
CA VAL C 1003 17.69 -14.63 16.88
C VAL C 1003 17.99 -15.99 17.49
N GLN C 1004 18.37 -16.02 18.77
CA GLN C 1004 18.86 -17.25 19.37
C GLN C 1004 17.77 -18.30 19.52
N ILE C 1005 16.51 -17.89 19.75
CA ILE C 1005 15.44 -18.86 19.92
C ILE C 1005 15.12 -19.58 18.61
N LYS C 1006 15.64 -19.10 17.49
CA LYS C 1006 15.40 -19.72 16.19
C LYS C 1006 16.44 -20.78 15.83
N GLU C 1007 17.44 -21.00 16.69
CA GLU C 1007 18.49 -21.98 16.44
C GLU C 1007 18.82 -22.69 17.74
N VAL C 1008 19.69 -23.69 17.63
CA VAL C 1008 20.21 -24.42 18.78
C VAL C 1008 21.65 -24.00 19.01
N GLY C 1009 22.04 -23.89 20.27
CA GLY C 1009 23.44 -23.69 20.62
C GLY C 1009 23.93 -22.26 20.57
N GLY C 1010 23.03 -21.29 20.63
CA GLY C 1010 23.44 -19.89 20.70
C GLY C 1010 24.42 -19.62 21.83
N ASP C 1011 25.37 -18.73 21.57
CA ASP C 1011 26.43 -18.44 22.54
C ASP C 1011 25.90 -17.52 23.63
N PRO C 1012 25.91 -17.94 24.90
CA PRO C 1012 25.38 -17.04 25.95
C PRO C 1012 26.17 -15.76 26.13
N THR C 1013 27.45 -15.73 25.74
CA THR C 1013 28.23 -14.51 25.88
C THR C 1013 27.79 -13.43 24.89
N ASP C 1014 26.97 -13.77 23.90
CA ASP C 1014 26.45 -12.75 22.99
C ASP C 1014 25.75 -11.63 23.73
N TYR C 1015 25.17 -11.92 24.88
CA TYR C 1015 24.42 -10.93 25.65
C TYR C 1015 25.31 -9.97 26.41
N LEU C 1016 26.63 -10.17 26.38
CA LEU C 1016 27.58 -9.21 26.91
C LEU C 1016 27.97 -8.15 25.88
N PHE C 1017 27.34 -8.14 24.71
CA PHE C 1017 27.76 -7.24 23.63
C PHE C 1017 27.84 -5.80 24.10
N ALA C 1018 26.82 -5.33 24.81
CA ALA C 1018 26.83 -3.96 25.30
C ALA C 1018 27.68 -3.85 26.57
PG GNP D . -0.42 -15.29 2.44
O1G GNP D . -0.15 -15.60 3.91
O2G GNP D . 0.88 -14.76 1.79
O3G GNP D . -0.90 -16.57 1.71
N3B GNP D . -1.62 -14.11 2.34
PB GNP D . -1.75 -13.12 0.98
O1B GNP D . -2.01 -13.99 -0.28
O2B GNP D . -0.50 -12.31 0.80
O3A GNP D . -3.05 -12.08 1.21
PA GNP D . -4.63 -12.51 0.89
O1A GNP D . -4.80 -13.98 1.16
O2A GNP D . -4.95 -12.23 -0.58
O5' GNP D . -5.70 -11.65 1.87
C5' GNP D . -5.19 -10.87 2.92
C4' GNP D . -6.19 -9.81 3.35
O4' GNP D . -5.92 -8.68 2.72
C3' GNP D . -7.64 -10.20 2.96
O3' GNP D . -8.48 -9.93 3.98
C2' GNP D . -7.97 -9.28 1.76
O2' GNP D . -9.46 -8.96 1.72
C1' GNP D . -7.26 -8.20 1.98
N9 GNP D . -6.92 -7.54 0.75
C8 GNP D . -6.26 -7.96 -0.37
N7 GNP D . -6.19 -6.95 -1.20
C5 GNP D . -6.79 -5.88 -0.63
C6 GNP D . -7.00 -4.59 -1.07
O6 GNP D . -6.61 -4.26 -2.13
N1 GNP D . -7.63 -3.74 -0.29
C2 GNP D . -8.07 -4.12 0.93
N2 GNP D . -8.80 -3.09 1.81
N3 GNP D . -7.87 -5.38 1.35
C4 GNP D . -7.23 -6.26 0.57
HNB3 GNP D . -2.09 -13.92 3.05
H5'2 GNP D . -5.00 -11.45 3.68
H5'1 GNP D . -4.37 -10.44 2.64
H4' GNP D . -6.15 -9.69 4.31
H3' GNP D . -7.68 -11.13 2.71
H2' GNP D . -7.69 -9.70 0.93
HO2' GNP D . -9.83 -9.41 1.10
H1' GNP D . -7.76 -7.60 2.54
H8 GNP D . -5.92 -8.81 -0.51
HN1 GNP D . -7.77 -2.92 -0.55
HN21 GNP D . -9.66 -3.00 1.75
HN22 GNP D . -8.35 -2.59 2.35
MG MG E . -2.08 -16.12 -0.07
C1 GOL F . 33.19 9.72 -4.71
O1 GOL F . 33.83 8.72 -5.47
C2 GOL F . 33.04 9.26 -3.26
O2 GOL F . 31.77 8.66 -3.09
C3 GOL F . 34.17 8.30 -2.92
O3 GOL F . 34.53 8.40 -1.55
H11 GOL F . 32.21 9.93 -5.13
H12 GOL F . 33.78 10.63 -4.73
HO1 GOL F . 33.87 9.00 -6.40
H2 GOL F . 33.11 10.13 -2.61
HO2 GOL F . 31.69 7.87 -3.67
H31 GOL F . 35.03 8.51 -3.54
H32 GOL F . 33.86 7.27 -3.13
HO3 GOL F . 35.23 7.75 -1.35
C1 GOL G . -28.64 32.02 -8.29
O1 GOL G . -27.40 32.67 -8.19
C2 GOL G . -28.47 30.64 -8.93
O2 GOL G . -29.54 29.88 -8.45
C3 GOL G . -28.70 30.68 -10.43
O3 GOL G . -28.56 29.37 -10.93
H11 GOL G . -29.33 32.62 -8.89
H12 GOL G . -29.08 31.91 -7.29
HO1 GOL G . -27.53 33.57 -7.83
H2 GOL G . -27.51 30.21 -8.68
HO2 GOL G . -30.39 30.31 -8.71
H31 GOL G . -27.96 31.33 -10.90
H32 GOL G . -29.69 31.06 -10.65
HO3 GOL G . -29.42 29.05 -11.26
C10 V6A H . -15.71 28.80 -19.78
C11 V6A H . -16.20 30.02 -21.79
C12 V6A H . -17.63 29.66 -22.15
C13 V6A H . -18.61 29.89 -20.99
C14 V6A H . -20.36 27.33 -22.39
C15 V6A H . -20.66 26.02 -22.77
C16 V6A H . -21.98 26.76 -24.47
C17 V6A H . -21.69 28.07 -24.09
C01 V6A H . -14.90 30.88 -14.74
C02 V6A H . -14.86 32.22 -14.61
C03 V6A H . -15.04 32.98 -15.72
C04 V6A H . -15.24 32.42 -16.95
C05 V6A H . -15.30 31.06 -17.06
C06 V6A H . -15.13 30.30 -15.95
C07 V6A H . -14.71 30.03 -13.52
C08 V6A H . -14.97 34.45 -15.59
C09 V6A H . -15.53 30.37 -18.36
F01 V6A H . -15.71 30.09 -12.71
F02 V6A H . -13.68 30.41 -12.86
F03 V6A H . -14.48 28.81 -13.84
F04 V6A H . -15.15 34.95 -14.41
F05 V6A H . -15.89 34.98 -16.32
F06 V6A H . -13.77 34.83 -15.89
N01 V6A H . -15.46 29.09 -18.52
N02 V6A H . -15.91 29.90 -20.38
N03 V6A H . -15.80 30.87 -19.50
N04 V6A H . -19.51 28.83 -20.58
N05 V6A H . -19.48 27.58 -21.25
N06 V6A H . -21.46 25.77 -23.80
N07 V6A H . -20.90 28.33 -23.06
O01 V6A H . -18.63 30.93 -20.45
#